data_8QFC
#
_entry.id   8QFC
#
_cell.length_a   1.00
_cell.length_b   1.00
_cell.length_c   1.00
_cell.angle_alpha   90.00
_cell.angle_beta   90.00
_cell.angle_gamma   90.00
#
_symmetry.space_group_name_H-M   'P 1'
#
loop_
_entity.id
_entity.type
_entity.pdbx_description
1 polymer '60S ribosomal protein L10a'
2 polymer 'E3 UFM1-protein ligase 1'
3 polymer 'CDK5 regulatory subunit-associated protein 3'
4 polymer 'DDRGK domain-containing protein 1'
5 polymer 'Ubiquitin-fold modifier 1'
#
loop_
_entity_poly.entity_id
_entity_poly.type
_entity_poly.pdbx_seq_one_letter_code
_entity_poly.pdbx_strand_id
1 'polypeptide(L)'
;MSSKVSRDTLYEAVREVLHGNQRKRRKFLETVELQISLKNYDPQKDKRFSGTVRLKSTPRPKFSVCVLGDQQHCDEAKAV
DIPHMDIEALKKLNKNKKLVKKLAKKYDAFLASESLIKQIPRILGPGLNKAGKFPSLLTHNENMVAKVDEVKSTIKFQMK
KVLCLAVAVGHVKMTDDELVYNIHLAVNFLVSLLKKNWQNVRALYIKSTMGKPQRLY
;
A
2 'polypeptide(L)'
;MGHHHHHHENLYFQGMADAWEEIRRLAADFQRAQFAEATQRLSERNCIEIVNKLIAQKQLEVVHTLDGKEYITPAQISKE
MRDELHVRGGRVNIVDLQQVINVDLIHIENRIGDIIKSEKHVQLVLGQLIDENYLDRLAEEVNDKLQESGQVTISELCKT
YDLPGNFLTQALTQRLGRIISGHIDLDNRGVIFTEAFVARHKARIRGLFSAITRPTAVNSLISKYGFQEQLLYSVLEELV
NSGRLRGTVVGGRQDKAVFVPDIYSRTQSTWVDSFFRQNGYLEFDALSRLGIPDAVSYIKKRYKTTQLLFLKAACVGQGL
VDQVEASVEEAISSGTWVDIAPLLPTSLSVEDAAILLQQVMRAFSKQASTVVFSDTVVVSEKFINDCTELFRELMHQKAE
KEMKNNPVHLITEEDLKQISTLESVSTSKKDKKDERRRKATEGSGSMRGGGGGNAREYKIKKVKKKGRKDDDSDDESQSS
HTGKKKPEISFMFQDEIEDFLRKHIQDAPEEFISELAEYLIKPLNKTYLEVVRSVFMSSTTSASGTGRKRTIKDLQEEVS
NLYNNIRLFEKGMKFFADDTQAALTKHLLKSVCTDITNLIFNFLASDLMMAVDDPAAITSEIRKKILSKLSEETKVALTK
LHNSLNEKSIEDFISCLDSAAEACDIMVKRGDKKRERQILFQHRQALAEQLKVTEDPALILHLTSVLLFQFSTHSMLHAP
GRCVPQIIAFLNSKIPEDQHALLVKYQGLVVKQLVSQSKKTGQGDYPLNNELDKEQEDVASTTRKELQELSSSIKDLVLK
SRKSSVTEE
;
B
3 'polypeptide(L)'
;GPLVDMEDHQHVPIDIQTSKLLDWLVDRRHCSLKWQSLVLTIREKINAAIQDMPESEEIAQLLSGSYIHYFHCLRILDLL
KGTEASTKNIFGRYSSQRMKDWQEIIALYEKDNTYLVELSSLLVRNVNYEIPSLKKQIAKCQQLQQEYSRKEEECQAGAA
EMREQFYHSCKQYGITGENVRGELLALVKDLPSQLAEIGAAAQQSLGEAIDVYQASVGFVCESPTEQVLPMLRFVQKRGN
STVYEWRTGTEPSVVERPHLEELPEQVAEDAIDWGDFGVEAVSEGTDSGISAEAAGIDWGIFPESDSKDPGGDGIDWGDD
AVALQITVLEAGTQAPEGVARGPDALTLLEYTETRNQFLDELMELEIFLAQRAVELSEEADVLSVSQFQLAPAILQGQTK
EKMVTMVSVLEDLIGKLTSLQLQHLFMILASPRYVDRVTEFLQQKLKQSQLLALKKELMVQKQQEALEEQAALEPKLDLL
LEKTKELQKLIEADISKRYSGRPVNLMGTSL
;
C
4 'polypeptide(L)'
;MWSHPQFEKLEVLFQGPASAGQEPLHNEELAGAGRVAQPGPLEPEEPRAGGRPRRRRDLGSRLQAQRRAQRVAWAEADEN
EEEAVILAQEEEGVEKPAETHLSGKIGAKKLRKLEEKQARKAQREAEEAEREERKRLESQREAEWKKEEERLRLEEEQKE
EEERKAREEQAQREHEEYLKLKEAFVVEEEGVGETMTEEQSQSFLTEFINYIKQSKVVLLEDLASQVGLRTQDTINRIQD
LLAEGTITGVIDDRGKFIYITPEELAAVANFIRQRGRVSIAELAQASNSLIAWGRESPAQAPA
;
D
5 'polypeptide(L)'
;GPGSMSKVSFKITLTSDPRLPYKVLSVPESTPFTAVLKFAAEEFKVPAATSAIITNDGIGINPAQTAGNVFLKHGSELRI
IPRDRVG
;
E
#
# COMPACT_ATOMS: atom_id res chain seq x y z
N SER A 2 -39.66 -13.56 12.77
CA SER A 2 -39.10 -14.76 12.08
C SER A 2 -40.05 -15.25 11.00
N SER A 3 -39.48 -15.60 9.84
CA SER A 3 -40.26 -16.13 8.72
C SER A 3 -41.10 -15.04 8.08
N LYS A 4 -41.47 -15.24 6.81
CA LYS A 4 -42.40 -14.34 6.14
C LYS A 4 -43.85 -14.64 6.48
N VAL A 5 -44.10 -15.70 7.23
CA VAL A 5 -45.42 -16.00 7.77
C VAL A 5 -45.37 -15.67 9.26
N SER A 6 -46.11 -14.64 9.66
CA SER A 6 -46.05 -14.17 11.03
C SER A 6 -46.91 -15.03 11.95
N ARG A 7 -46.61 -14.96 13.24
CA ARG A 7 -47.43 -15.67 14.23
C ARG A 7 -48.84 -15.13 14.25
N ASP A 8 -48.99 -13.80 14.12
CA ASP A 8 -50.33 -13.23 14.08
C ASP A 8 -51.14 -13.82 12.92
N THR A 9 -50.55 -13.85 11.72
CA THR A 9 -51.27 -14.37 10.56
C THR A 9 -51.62 -15.84 10.74
N LEU A 10 -50.68 -16.63 11.24
CA LEU A 10 -50.94 -18.06 11.40
C LEU A 10 -52.04 -18.29 12.43
N TYR A 11 -52.00 -17.56 13.54
CA TYR A 11 -53.04 -17.70 14.55
C TYR A 11 -54.39 -17.30 13.97
N GLU A 12 -54.43 -16.23 13.16
CA GLU A 12 -55.70 -15.82 12.57
C GLU A 12 -56.24 -16.89 11.64
N ALA A 13 -55.39 -17.46 10.80
CA ALA A 13 -55.85 -18.51 9.89
C ALA A 13 -56.32 -19.73 10.67
N VAL A 14 -55.59 -20.12 11.72
CA VAL A 14 -55.99 -21.28 12.51
C VAL A 14 -57.32 -21.03 13.20
N ARG A 15 -57.51 -19.83 13.72
CA ARG A 15 -58.80 -19.50 14.30
C ARG A 15 -59.91 -19.58 13.25
N GLU A 16 -59.62 -19.13 12.03
CA GLU A 16 -60.63 -19.19 10.97
C GLU A 16 -61.01 -20.63 10.66
N VAL A 17 -60.03 -21.54 10.62
CA VAL A 17 -60.32 -22.91 10.21
C VAL A 17 -60.84 -23.77 11.35
N LEU A 18 -60.53 -23.45 12.60
CA LEU A 18 -60.90 -24.30 13.73
C LEU A 18 -62.26 -23.93 14.29
N HIS A 19 -62.42 -22.69 14.76
CA HIS A 19 -63.70 -22.22 15.29
C HIS A 19 -63.95 -20.82 14.74
N GLY A 20 -64.86 -20.73 13.78
CA GLY A 20 -65.21 -19.45 13.17
C GLY A 20 -66.57 -19.53 12.53
N ASN A 21 -67.25 -18.38 12.49
CA ASN A 21 -68.57 -18.33 11.88
C ASN A 21 -68.48 -18.76 10.41
N GLN A 22 -69.62 -19.11 9.84
CA GLN A 22 -69.73 -19.61 8.48
C GLN A 22 -69.08 -20.98 8.32
N ARG A 23 -68.88 -21.71 9.41
CA ARG A 23 -68.36 -23.07 9.35
C ARG A 23 -69.52 -24.03 9.16
N LYS A 24 -69.25 -25.34 9.19
CA LYS A 24 -70.29 -26.35 9.01
C LYS A 24 -69.85 -27.61 9.74
N ARG A 25 -70.49 -27.90 10.86
CA ARG A 25 -70.16 -29.10 11.63
C ARG A 25 -70.49 -30.34 10.81
N ARG A 26 -69.62 -31.34 10.88
CA ARG A 26 -69.77 -32.58 10.13
C ARG A 26 -69.51 -33.77 11.05
N LYS A 27 -70.12 -34.90 10.71
CA LYS A 27 -70.06 -36.07 11.57
C LYS A 27 -68.63 -36.57 11.75
N PHE A 28 -67.86 -36.64 10.67
CA PHE A 28 -66.52 -37.19 10.72
C PHE A 28 -65.52 -36.11 11.11
N LEU A 29 -64.48 -36.53 11.84
CA LEU A 29 -63.44 -35.59 12.27
C LEU A 29 -62.68 -35.08 11.05
N GLU A 30 -62.61 -33.75 10.93
CA GLU A 30 -61.98 -33.14 9.77
C GLU A 30 -60.47 -33.06 9.95
N THR A 31 -59.76 -33.11 8.83
CA THR A 31 -58.31 -33.01 8.80
C THR A 31 -57.91 -31.70 8.13
N VAL A 32 -57.03 -30.96 8.78
CA VAL A 32 -56.48 -29.73 8.21
C VAL A 32 -55.29 -30.09 7.35
N GLU A 33 -55.14 -29.38 6.23
CA GLU A 33 -54.10 -29.69 5.25
C GLU A 33 -53.49 -28.40 4.72
N LEU A 34 -52.22 -28.48 4.37
CA LEU A 34 -51.44 -27.35 3.90
C LEU A 34 -51.22 -27.48 2.39
N GLN A 35 -51.63 -26.47 1.64
CA GLN A 35 -51.54 -26.47 0.19
C GLN A 35 -50.52 -25.44 -0.27
N ILE A 36 -49.63 -25.85 -1.17
CA ILE A 36 -48.48 -25.06 -1.57
C ILE A 36 -48.47 -24.87 -3.08
N SER A 37 -48.08 -23.69 -3.52
CA SER A 37 -47.89 -23.40 -4.94
C SER A 37 -46.49 -22.84 -5.12
N LEU A 38 -45.70 -23.48 -5.97
CA LEU A 38 -44.30 -23.15 -6.17
C LEU A 38 -44.11 -22.39 -7.48
N LYS A 39 -43.00 -21.66 -7.56
CA LYS A 39 -42.70 -20.86 -8.74
C LYS A 39 -41.21 -20.91 -9.02
N ASN A 40 -40.85 -20.49 -10.22
CA ASN A 40 -39.45 -20.47 -10.66
C ASN A 40 -38.83 -21.86 -10.55
N TYR A 41 -39.61 -22.88 -10.91
CA TYR A 41 -39.16 -24.27 -10.88
C TYR A 41 -39.53 -24.93 -12.20
N ASP A 42 -38.58 -25.64 -12.78
CA ASP A 42 -38.82 -26.43 -13.99
C ASP A 42 -38.54 -27.89 -13.67
N PRO A 43 -39.57 -28.69 -13.37
CA PRO A 43 -39.31 -30.06 -12.90
C PRO A 43 -38.55 -30.91 -13.91
N GLN A 44 -38.50 -30.49 -15.18
CA GLN A 44 -37.78 -31.26 -16.18
C GLN A 44 -36.27 -31.03 -16.15
N LYS A 45 -35.80 -30.02 -15.43
CA LYS A 45 -34.39 -29.66 -15.46
C LYS A 45 -33.79 -29.52 -14.06
N ASP A 46 -34.62 -29.21 -13.07
CA ASP A 46 -34.14 -28.97 -11.73
C ASP A 46 -34.14 -30.25 -10.90
N LYS A 47 -33.52 -30.17 -9.74
CA LYS A 47 -33.46 -31.30 -8.83
C LYS A 47 -34.82 -31.56 -8.21
N ARG A 48 -35.18 -32.84 -8.10
CA ARG A 48 -36.47 -33.24 -7.53
C ARG A 48 -36.26 -33.53 -6.05
N PHE A 49 -36.71 -32.60 -5.20
CA PHE A 49 -36.45 -32.73 -3.78
C PHE A 49 -37.40 -33.74 -3.16
N SER A 50 -36.97 -34.26 -2.01
CA SER A 50 -37.77 -35.22 -1.25
C SER A 50 -37.31 -35.18 0.20
N GLY A 51 -38.25 -35.38 1.11
CA GLY A 51 -37.91 -35.35 2.52
C GLY A 51 -39.06 -35.79 3.42
N THR A 52 -38.73 -36.33 4.58
CA THR A 52 -39.70 -36.74 5.57
C THR A 52 -39.38 -36.04 6.89
N VAL A 53 -40.40 -35.50 7.54
CA VAL A 53 -40.25 -34.73 8.77
C VAL A 53 -41.29 -35.20 9.78
N ARG A 54 -40.89 -35.28 11.04
CA ARG A 54 -41.74 -35.76 12.12
C ARG A 54 -42.35 -34.57 12.83
N LEU A 55 -43.68 -34.48 12.81
CA LEU A 55 -44.39 -33.42 13.50
C LEU A 55 -44.57 -33.80 14.97
N LYS A 56 -44.91 -32.79 15.78
CA LYS A 56 -45.07 -33.01 17.21
C LYS A 56 -46.38 -33.72 17.53
N SER A 57 -47.46 -33.36 16.85
CA SER A 57 -48.77 -33.94 17.07
C SER A 57 -49.21 -34.75 15.87
N THR A 58 -49.96 -35.81 16.12
CA THR A 58 -50.36 -36.73 15.07
C THR A 58 -51.37 -36.06 14.15
N PRO A 59 -51.10 -35.90 12.85
CA PRO A 59 -52.08 -35.28 11.97
C PRO A 59 -53.35 -36.09 11.81
N ARG A 60 -53.22 -37.33 11.34
CA ARG A 60 -54.37 -38.17 11.02
C ARG A 60 -54.48 -39.28 12.06
N PRO A 61 -55.43 -39.20 13.00
CA PRO A 61 -55.57 -40.27 14.00
C PRO A 61 -56.22 -41.54 13.47
N LYS A 62 -56.41 -41.67 12.17
CA LYS A 62 -56.87 -42.90 11.55
C LYS A 62 -55.78 -43.58 10.73
N PHE A 63 -54.54 -43.14 10.89
CA PHE A 63 -53.41 -43.78 10.21
C PHE A 63 -53.37 -45.26 10.56
N SER A 64 -53.10 -46.08 9.55
CA SER A 64 -53.03 -47.53 9.72
C SER A 64 -51.62 -48.02 9.44
N VAL A 65 -51.08 -48.81 10.36
CA VAL A 65 -49.72 -49.32 10.28
C VAL A 65 -49.76 -50.83 10.42
N CYS A 66 -49.11 -51.54 9.50
CA CYS A 66 -49.01 -52.99 9.53
C CYS A 66 -47.58 -53.42 9.82
N VAL A 67 -47.43 -54.51 10.55
CA VAL A 67 -46.12 -54.98 10.98
C VAL A 67 -45.84 -56.27 10.24
N LEU A 68 -45.02 -56.18 9.20
CA LEU A 68 -44.56 -57.36 8.46
C LEU A 68 -43.38 -57.96 9.22
N GLY A 69 -43.71 -58.62 10.33
CA GLY A 69 -42.72 -59.08 11.28
C GLY A 69 -42.63 -60.59 11.38
N ASP A 70 -41.54 -61.04 11.99
CA ASP A 70 -41.26 -62.46 12.17
C ASP A 70 -42.06 -62.98 13.36
N GLN A 71 -41.74 -64.20 13.80
CA GLN A 71 -42.53 -64.84 14.85
C GLN A 71 -42.51 -64.03 16.14
N GLN A 72 -41.33 -63.58 16.56
CA GLN A 72 -41.23 -62.87 17.83
C GLN A 72 -42.03 -61.57 17.78
N HIS A 73 -41.90 -60.81 16.69
CA HIS A 73 -42.65 -59.57 16.57
C HIS A 73 -44.14 -59.83 16.44
N CYS A 74 -44.51 -60.90 15.74
CA CYS A 74 -45.92 -61.24 15.62
C CYS A 74 -46.52 -61.55 16.99
N ASP A 75 -45.79 -62.29 17.82
CA ASP A 75 -46.25 -62.52 19.18
C ASP A 75 -46.30 -61.22 19.96
N GLU A 76 -45.28 -60.37 19.82
CA GLU A 76 -45.28 -59.08 20.49
C GLU A 76 -46.45 -58.22 20.03
N ALA A 77 -46.72 -58.21 18.72
CA ALA A 77 -47.84 -57.44 18.21
C ALA A 77 -49.16 -57.96 18.75
N LYS A 78 -49.29 -59.29 18.88
CA LYS A 78 -50.55 -59.88 19.31
C LYS A 78 -51.00 -59.30 20.65
N ALA A 79 -50.06 -58.89 21.49
CA ALA A 79 -50.41 -58.25 22.75
C ALA A 79 -51.05 -56.88 22.55
N VAL A 80 -51.00 -56.34 21.33
CA VAL A 80 -51.59 -55.05 21.02
C VAL A 80 -52.46 -55.20 19.78
N ASP A 81 -53.34 -54.23 19.57
CA ASP A 81 -54.26 -54.28 18.42
C ASP A 81 -53.56 -53.98 17.10
N ILE A 82 -52.25 -53.83 17.08
CA ILE A 82 -51.55 -53.51 15.84
C ILE A 82 -51.65 -54.70 14.88
N PRO A 83 -52.11 -54.51 13.66
CA PRO A 83 -52.20 -55.63 12.72
C PRO A 83 -50.83 -56.13 12.31
N HIS A 84 -50.79 -57.38 11.83
CA HIS A 84 -49.55 -58.00 11.44
C HIS A 84 -49.83 -59.08 10.40
N MET A 85 -48.80 -59.44 9.65
CA MET A 85 -48.87 -60.53 8.70
C MET A 85 -47.60 -61.34 8.77
N ASP A 86 -47.74 -62.65 8.98
CA ASP A 86 -46.60 -63.54 9.05
C ASP A 86 -45.99 -63.74 7.66
N ILE A 87 -44.79 -64.31 7.63
CA ILE A 87 -44.16 -64.60 6.35
C ILE A 87 -45.01 -65.56 5.55
N GLU A 88 -45.72 -66.47 6.23
CA GLU A 88 -46.56 -67.43 5.51
C GLU A 88 -47.68 -66.72 4.76
N ALA A 89 -48.31 -65.72 5.39
CA ALA A 89 -49.37 -64.99 4.72
C ALA A 89 -48.87 -64.30 3.46
N LEU A 90 -47.71 -63.65 3.54
CA LEU A 90 -47.14 -63.03 2.36
C LEU A 90 -46.83 -64.08 1.28
N LYS A 91 -46.23 -65.20 1.68
CA LYS A 91 -45.92 -66.24 0.71
C LYS A 91 -47.18 -66.76 0.04
N LYS A 92 -48.32 -66.74 0.74
CA LYS A 92 -49.56 -67.21 0.15
C LYS A 92 -49.85 -66.45 -1.13
N LEU A 93 -49.62 -65.14 -1.14
CA LEU A 93 -49.69 -64.40 -2.39
C LEU A 93 -48.65 -64.94 -3.36
N ASN A 94 -49.02 -65.02 -4.64
CA ASN A 94 -48.14 -65.52 -5.68
C ASN A 94 -47.45 -64.39 -6.42
N LYS A 95 -47.12 -63.32 -5.72
CA LYS A 95 -46.56 -62.12 -6.31
C LYS A 95 -47.50 -61.52 -7.34
N ASN A 96 -48.78 -61.83 -7.24
CA ASN A 96 -49.77 -61.28 -8.15
C ASN A 96 -49.87 -59.77 -7.96
N LYS A 97 -49.96 -59.05 -9.08
CA LYS A 97 -49.95 -57.59 -9.03
C LYS A 97 -51.15 -57.08 -8.23
N LYS A 98 -52.34 -57.61 -8.51
CA LYS A 98 -53.55 -57.05 -7.92
C LYS A 98 -53.58 -57.24 -6.40
N LEU A 99 -53.18 -58.41 -5.92
CA LEU A 99 -53.26 -58.65 -4.48
C LEU A 99 -52.29 -57.77 -3.71
N VAL A 100 -51.06 -57.62 -4.20
CA VAL A 100 -50.11 -56.74 -3.53
C VAL A 100 -50.56 -55.30 -3.61
N LYS A 101 -51.16 -54.91 -4.75
CA LYS A 101 -51.70 -53.57 -4.86
C LYS A 101 -52.78 -53.32 -3.81
N LYS A 102 -53.68 -54.28 -3.65
CA LYS A 102 -54.75 -54.13 -2.65
C LYS A 102 -54.16 -54.08 -1.24
N LEU A 103 -53.16 -54.90 -0.97
CA LEU A 103 -52.53 -54.87 0.35
C LEU A 103 -51.90 -53.52 0.62
N ALA A 104 -51.21 -52.95 -0.37
CA ALA A 104 -50.64 -51.62 -0.20
C ALA A 104 -51.73 -50.59 0.03
N LYS A 105 -52.84 -50.70 -0.70
CA LYS A 105 -53.92 -49.74 -0.56
C LYS A 105 -54.55 -49.80 0.82
N LYS A 106 -54.65 -51.00 1.41
CA LYS A 106 -55.39 -51.14 2.66
C LYS A 106 -54.75 -50.34 3.79
N TYR A 107 -53.43 -50.38 3.90
CA TYR A 107 -52.72 -49.69 4.96
C TYR A 107 -51.95 -48.51 4.40
N ASP A 108 -51.53 -47.62 5.30
CA ASP A 108 -50.83 -46.41 4.91
C ASP A 108 -49.34 -46.47 5.13
N ALA A 109 -48.87 -47.27 6.08
CA ALA A 109 -47.45 -47.43 6.33
C ALA A 109 -47.20 -48.87 6.78
N PHE A 110 -46.09 -49.43 6.33
CA PHE A 110 -45.70 -50.79 6.69
C PHE A 110 -44.43 -50.75 7.54
N LEU A 111 -44.36 -51.67 8.49
CA LEU A 111 -43.18 -51.86 9.32
C LEU A 111 -42.73 -53.31 9.19
N ALA A 112 -41.42 -53.52 9.19
CA ALA A 112 -40.88 -54.87 8.97
C ALA A 112 -39.63 -55.04 9.80
N SER A 113 -39.31 -56.30 10.07
CA SER A 113 -38.12 -56.68 10.83
C SER A 113 -36.97 -56.99 9.89
N GLU A 114 -35.75 -56.89 10.42
CA GLU A 114 -34.56 -57.08 9.58
C GLU A 114 -34.62 -58.40 8.84
N SER A 115 -35.04 -59.45 9.51
CA SER A 115 -35.09 -60.76 8.86
C SER A 115 -36.00 -60.77 7.65
N LEU A 116 -36.99 -59.88 7.61
CA LEU A 116 -37.97 -59.86 6.53
C LEU A 116 -37.74 -58.77 5.51
N ILE A 117 -37.17 -57.63 5.90
CA ILE A 117 -36.95 -56.55 4.95
C ILE A 117 -36.04 -57.01 3.81
N LYS A 118 -35.06 -57.85 4.13
CA LYS A 118 -34.14 -58.35 3.11
C LYS A 118 -34.76 -59.39 2.21
N GLN A 119 -36.03 -59.75 2.41
CA GLN A 119 -36.68 -60.79 1.63
C GLN A 119 -37.83 -60.28 0.77
N ILE A 120 -38.18 -59.01 0.88
CA ILE A 120 -39.39 -58.51 0.22
C ILE A 120 -39.35 -58.76 -1.29
N PRO A 121 -38.26 -58.46 -2.01
CA PRO A 121 -38.27 -58.69 -3.45
C PRO A 121 -38.52 -60.13 -3.85
N ARG A 122 -38.05 -61.10 -3.05
CA ARG A 122 -38.26 -62.50 -3.37
C ARG A 122 -39.67 -62.97 -3.05
N ILE A 123 -40.32 -62.34 -2.06
CA ILE A 123 -41.61 -62.79 -1.56
C ILE A 123 -42.75 -61.94 -2.11
N LEU A 124 -42.52 -60.66 -2.34
CA LEU A 124 -43.57 -59.73 -2.70
C LEU A 124 -43.39 -59.09 -4.08
N GLY A 125 -42.16 -58.97 -4.55
CA GLY A 125 -41.93 -58.39 -5.86
C GLY A 125 -41.92 -56.89 -5.81
N PRO A 126 -41.78 -56.26 -6.97
CA PRO A 126 -41.73 -54.80 -7.06
C PRO A 126 -43.11 -54.13 -6.99
N GLY A 127 -43.84 -54.42 -5.92
CA GLY A 127 -45.18 -53.88 -5.77
C GLY A 127 -45.29 -52.81 -4.70
N LEU A 128 -44.57 -52.99 -3.59
CA LEU A 128 -44.69 -52.03 -2.50
C LEU A 128 -43.91 -50.74 -2.79
N ASN A 129 -42.85 -50.82 -3.59
CA ASN A 129 -42.16 -49.61 -3.99
C ASN A 129 -42.94 -48.83 -5.02
N LYS A 130 -43.64 -49.51 -5.93
CA LYS A 130 -44.44 -48.82 -6.93
C LYS A 130 -45.52 -47.96 -6.28
N ALA A 131 -46.08 -48.42 -5.17
CA ALA A 131 -47.10 -47.68 -4.45
C ALA A 131 -46.52 -46.66 -3.50
N GLY A 132 -45.19 -46.55 -3.40
CA GLY A 132 -44.59 -45.61 -2.48
C GLY A 132 -44.63 -46.03 -1.04
N LYS A 133 -44.89 -47.31 -0.76
CA LYS A 133 -45.01 -47.81 0.60
C LYS A 133 -44.04 -48.99 0.77
N PHE A 134 -42.79 -48.68 1.14
CA PHE A 134 -41.81 -49.72 1.43
C PHE A 134 -41.53 -49.76 2.93
N PRO A 135 -41.49 -50.95 3.54
CA PRO A 135 -41.45 -51.01 5.00
C PRO A 135 -40.21 -50.35 5.57
N SER A 136 -40.37 -49.81 6.78
CA SER A 136 -39.26 -49.35 7.59
C SER A 136 -38.75 -50.49 8.45
N LEU A 137 -37.54 -50.31 8.98
CA LEU A 137 -36.87 -51.34 9.76
C LEU A 137 -37.29 -51.24 11.22
N LEU A 138 -37.70 -52.37 11.80
CA LEU A 138 -38.05 -52.46 13.21
C LEU A 138 -37.08 -53.42 13.87
N THR A 139 -36.41 -52.95 14.93
CA THR A 139 -35.42 -53.74 15.65
C THR A 139 -35.97 -54.17 17.01
N HIS A 140 -35.54 -55.34 17.47
CA HIS A 140 -35.99 -55.85 18.75
C HIS A 140 -35.53 -54.97 19.91
N ASN A 141 -34.60 -54.06 19.66
CA ASN A 141 -34.14 -53.11 20.67
C ASN A 141 -34.99 -51.84 20.68
N GLU A 142 -36.23 -51.92 20.22
CA GLU A 142 -37.11 -50.77 20.10
C GLU A 142 -38.48 -51.10 20.69
N ASN A 143 -39.15 -50.07 21.19
CA ASN A 143 -40.51 -50.22 21.69
C ASN A 143 -41.48 -50.13 20.52
N MET A 144 -42.34 -51.13 20.38
CA MET A 144 -43.21 -51.19 19.20
C MET A 144 -44.21 -50.05 19.18
N VAL A 145 -44.81 -49.75 20.33
CA VAL A 145 -45.79 -48.67 20.37
C VAL A 145 -45.15 -47.34 19.99
N ALA A 146 -43.95 -47.08 20.50
CA ALA A 146 -43.29 -45.83 20.19
C ALA A 146 -42.97 -45.71 18.71
N LYS A 147 -42.48 -46.79 18.10
CA LYS A 147 -42.17 -46.74 16.68
C LYS A 147 -43.44 -46.55 15.85
N VAL A 148 -44.51 -47.25 16.20
CA VAL A 148 -45.77 -47.07 15.49
C VAL A 148 -46.23 -45.63 15.60
N ASP A 149 -46.07 -45.02 16.77
CA ASP A 149 -46.42 -43.62 16.93
C ASP A 149 -45.56 -42.73 16.05
N GLU A 150 -44.27 -43.03 15.95
CA GLU A 150 -43.37 -42.18 15.19
C GLU A 150 -43.76 -42.14 13.71
N VAL A 151 -44.11 -43.29 13.13
CA VAL A 151 -44.54 -43.31 11.75
C VAL A 151 -45.89 -42.64 11.58
N LYS A 152 -46.66 -42.50 12.64
CA LYS A 152 -47.96 -41.83 12.59
C LYS A 152 -47.84 -40.32 12.64
N SER A 153 -46.65 -39.78 12.88
CA SER A 153 -46.46 -38.33 13.01
C SER A 153 -45.54 -37.76 11.93
N THR A 154 -45.20 -38.54 10.91
CA THR A 154 -44.32 -38.08 9.85
C THR A 154 -45.13 -37.65 8.63
N ILE A 155 -44.62 -36.64 7.94
CA ILE A 155 -45.16 -36.18 6.68
C ILE A 155 -44.03 -36.17 5.65
N LYS A 156 -44.39 -36.30 4.39
CA LYS A 156 -43.42 -36.44 3.31
C LYS A 156 -43.67 -35.38 2.25
N PHE A 157 -42.60 -34.71 1.84
CA PHE A 157 -42.64 -33.73 0.75
C PHE A 157 -41.92 -34.34 -0.45
N GLN A 158 -42.63 -34.45 -1.56
CA GLN A 158 -42.04 -35.00 -2.78
C GLN A 158 -42.55 -34.24 -3.99
N MET A 159 -41.66 -34.01 -4.95
CA MET A 159 -42.01 -33.33 -6.20
C MET A 159 -41.91 -34.33 -7.34
N LYS A 160 -42.98 -34.46 -8.11
CA LYS A 160 -43.02 -35.44 -9.19
C LYS A 160 -43.10 -34.80 -10.57
N LYS A 161 -44.16 -34.06 -10.86
CA LYS A 161 -44.28 -33.36 -12.13
C LYS A 161 -44.88 -31.98 -12.04
N VAL A 162 -45.63 -31.66 -10.98
CA VAL A 162 -46.43 -30.45 -10.90
C VAL A 162 -45.93 -29.60 -9.75
N LEU A 163 -46.19 -28.29 -9.84
CA LEU A 163 -45.81 -27.35 -8.80
C LEU A 163 -46.88 -27.19 -7.73
N CYS A 164 -47.72 -28.20 -7.53
CA CYS A 164 -48.73 -28.21 -6.48
C CYS A 164 -48.36 -29.26 -5.45
N LEU A 165 -48.34 -28.86 -4.18
CA LEU A 165 -48.03 -29.75 -3.08
C LEU A 165 -49.11 -29.63 -2.02
N ALA A 166 -49.36 -30.73 -1.31
CA ALA A 166 -50.36 -30.75 -0.26
C ALA A 166 -50.02 -31.83 0.74
N VAL A 167 -50.16 -31.50 2.03
CA VAL A 167 -49.89 -32.42 3.12
C VAL A 167 -50.89 -32.16 4.25
N ALA A 168 -51.01 -33.14 5.13
CA ALA A 168 -51.89 -33.04 6.29
C ALA A 168 -51.09 -32.61 7.50
N VAL A 169 -51.65 -31.69 8.28
CA VAL A 169 -50.95 -31.10 9.41
C VAL A 169 -51.70 -31.24 10.72
N GLY A 170 -52.99 -31.54 10.71
CA GLY A 170 -53.72 -31.72 11.96
C GLY A 170 -55.18 -32.01 11.69
N HIS A 171 -55.92 -32.16 12.78
CA HIS A 171 -57.36 -32.34 12.74
C HIS A 171 -58.02 -31.18 13.48
N VAL A 172 -59.36 -31.16 13.42
CA VAL A 172 -60.10 -30.02 13.95
C VAL A 172 -60.35 -30.11 15.44
N LYS A 173 -60.05 -31.24 16.07
CA LYS A 173 -60.11 -31.37 17.53
C LYS A 173 -58.75 -31.07 18.16
N MET A 174 -58.18 -29.91 17.83
CA MET A 174 -56.85 -29.54 18.30
C MET A 174 -56.92 -28.25 19.09
N THR A 175 -55.91 -28.04 19.93
CA THR A 175 -55.93 -26.98 20.92
C THR A 175 -55.57 -25.62 20.33
N ASP A 176 -55.41 -25.51 19.01
CA ASP A 176 -55.17 -24.29 18.25
C ASP A 176 -53.74 -23.80 18.45
N ASP A 177 -53.00 -24.35 19.41
CA ASP A 177 -51.57 -24.08 19.52
C ASP A 177 -50.71 -25.22 19.02
N GLU A 178 -51.23 -26.46 19.07
CA GLU A 178 -50.56 -27.57 18.41
C GLU A 178 -50.53 -27.39 16.90
N LEU A 179 -51.66 -26.96 16.32
CA LEU A 179 -51.74 -26.84 14.87
C LEU A 179 -50.78 -25.78 14.36
N VAL A 180 -50.64 -24.67 15.08
CA VAL A 180 -49.72 -23.62 14.64
C VAL A 180 -48.30 -24.15 14.66
N TYR A 181 -47.94 -24.89 15.70
CA TYR A 181 -46.61 -25.49 15.77
C TYR A 181 -46.38 -26.43 14.58
N ASN A 182 -47.37 -27.26 14.28
CA ASN A 182 -47.22 -28.20 13.18
C ASN A 182 -47.04 -27.47 11.85
N ILE A 183 -47.83 -26.43 11.61
CA ILE A 183 -47.73 -25.69 10.36
C ILE A 183 -46.38 -25.00 10.27
N HIS A 184 -45.91 -24.44 11.38
CA HIS A 184 -44.59 -23.81 11.40
C HIS A 184 -43.51 -24.82 11.02
N LEU A 185 -43.55 -26.00 11.64
CA LEU A 185 -42.55 -27.02 11.35
C LEU A 185 -42.58 -27.40 9.87
N ALA A 186 -43.77 -27.66 9.33
CA ALA A 186 -43.87 -28.10 7.95
C ALA A 186 -43.38 -27.03 7.00
N VAL A 187 -43.77 -25.77 7.21
CA VAL A 187 -43.39 -24.72 6.30
C VAL A 187 -41.89 -24.48 6.35
N ASN A 188 -41.30 -24.47 7.56
CA ASN A 188 -39.86 -24.26 7.66
C ASN A 188 -39.11 -25.39 6.97
N PHE A 189 -39.52 -26.64 7.17
CA PHE A 189 -38.87 -27.75 6.49
C PHE A 189 -38.97 -27.60 4.98
N LEU A 190 -40.16 -27.26 4.49
CA LEU A 190 -40.36 -27.14 3.05
C LEU A 190 -39.45 -26.07 2.47
N VAL A 191 -39.35 -24.92 3.14
CA VAL A 191 -38.45 -23.88 2.65
C VAL A 191 -37.01 -24.36 2.70
N SER A 192 -36.68 -25.18 3.71
CA SER A 192 -35.33 -25.75 3.76
C SER A 192 -35.05 -26.61 2.53
N LEU A 193 -36.07 -27.24 1.96
CA LEU A 193 -35.83 -28.17 0.84
C LEU A 193 -35.69 -27.48 -0.51
N LEU A 194 -36.03 -26.19 -0.63
CA LEU A 194 -36.01 -25.52 -1.92
C LEU A 194 -34.69 -24.84 -2.18
N LYS A 195 -34.33 -24.74 -3.46
CA LYS A 195 -33.03 -24.16 -3.83
C LYS A 195 -32.94 -22.71 -3.42
N LYS A 196 -33.92 -21.90 -3.82
CA LYS A 196 -34.06 -20.53 -3.35
C LYS A 196 -35.18 -20.50 -2.32
N ASN A 197 -34.89 -19.97 -1.14
CA ASN A 197 -35.74 -20.23 0.01
C ASN A 197 -37.19 -19.84 -0.26
N TRP A 198 -37.45 -18.56 -0.44
CA TRP A 198 -38.81 -18.07 -0.61
C TRP A 198 -39.05 -17.50 -1.99
N GLN A 199 -38.05 -17.47 -2.85
CA GLN A 199 -38.25 -17.11 -4.24
C GLN A 199 -38.80 -18.25 -5.07
N ASN A 200 -39.05 -19.40 -4.46
CA ASN A 200 -39.66 -20.54 -5.14
C ASN A 200 -41.03 -20.89 -4.58
N VAL A 201 -41.56 -20.08 -3.67
CA VAL A 201 -42.88 -20.29 -3.07
C VAL A 201 -43.77 -19.12 -3.42
N ARG A 202 -44.94 -19.40 -3.98
CA ARG A 202 -45.87 -18.39 -4.45
C ARG A 202 -47.09 -18.23 -3.56
N ALA A 203 -47.67 -19.31 -3.07
CA ALA A 203 -48.86 -19.22 -2.24
C ALA A 203 -48.90 -20.40 -1.27
N LEU A 204 -49.47 -20.14 -0.09
CA LEU A 204 -49.67 -21.15 0.93
C LEU A 204 -51.08 -21.02 1.48
N TYR A 205 -51.74 -22.15 1.70
CA TYR A 205 -53.11 -22.16 2.18
C TYR A 205 -53.26 -23.20 3.28
N ILE A 206 -54.13 -22.90 4.23
CA ILE A 206 -54.50 -23.83 5.30
C ILE A 206 -56.00 -24.03 5.25
N LYS A 207 -56.42 -25.29 5.16
CA LYS A 207 -57.81 -25.63 4.87
C LYS A 207 -58.22 -26.88 5.63
N SER A 208 -59.45 -26.88 6.13
CA SER A 208 -60.05 -28.09 6.67
C SER A 208 -60.56 -28.96 5.51
N THR A 209 -60.93 -30.20 5.83
CA THR A 209 -61.28 -31.16 4.79
C THR A 209 -62.36 -30.59 3.87
N MET A 210 -63.54 -30.31 4.42
CA MET A 210 -64.61 -29.63 3.71
C MET A 210 -64.81 -28.28 4.39
N GLY A 211 -64.03 -27.29 3.95
CA GLY A 211 -64.05 -25.99 4.60
C GLY A 211 -63.53 -24.92 3.67
N LYS A 212 -63.51 -23.70 4.19
CA LYS A 212 -63.14 -22.52 3.40
C LYS A 212 -61.63 -22.33 3.40
N PRO A 213 -61.01 -22.06 2.25
CA PRO A 213 -59.56 -21.84 2.24
C PRO A 213 -59.17 -20.59 3.01
N GLN A 214 -57.97 -20.63 3.59
CA GLN A 214 -57.36 -19.48 4.22
C GLN A 214 -55.94 -19.34 3.70
N ARG A 215 -55.56 -18.13 3.32
CA ARG A 215 -54.29 -17.87 2.68
C ARG A 215 -53.28 -17.35 3.70
N LEU A 216 -52.09 -17.95 3.72
CA LEU A 216 -51.01 -17.54 4.61
C LEU A 216 -49.97 -16.69 3.91
N TYR A 217 -49.62 -17.00 2.67
CA TYR A 217 -48.58 -16.29 1.94
C TYR A 217 -49.13 -15.67 0.67
N LEU B 42 35.92 55.37 37.10
CA LEU B 42 36.25 54.70 35.82
C LEU B 42 35.00 54.71 34.94
N SER B 43 35.16 54.39 33.66
CA SER B 43 34.10 54.50 32.68
C SER B 43 33.64 53.11 32.24
N GLU B 44 32.77 53.08 31.23
CA GLU B 44 32.13 51.84 30.79
C GLU B 44 32.91 51.15 29.67
N ARG B 45 33.20 51.87 28.59
CA ARG B 45 33.90 51.25 27.47
C ARG B 45 35.26 50.73 27.90
N ASN B 46 35.99 51.51 28.69
CA ASN B 46 37.30 51.06 29.15
C ASN B 46 37.18 49.84 30.04
N CYS B 47 36.14 49.77 30.88
CA CYS B 47 35.94 48.58 31.70
C CYS B 47 35.68 47.36 30.83
N ILE B 48 34.87 47.53 29.79
CA ILE B 48 34.68 46.45 28.81
C ILE B 48 36.03 46.02 28.27
N GLU B 49 36.89 46.99 27.95
CA GLU B 49 38.21 46.68 27.42
C GLU B 49 39.02 45.88 28.42
N ILE B 50 38.98 46.26 29.70
CA ILE B 50 39.65 45.49 30.73
C ILE B 50 39.16 44.05 30.69
N VAL B 51 37.86 43.86 30.56
CA VAL B 51 37.31 42.51 30.62
C VAL B 51 37.76 41.69 29.42
N ASN B 52 37.80 42.30 28.23
CA ASN B 52 38.28 41.54 27.07
C ASN B 52 39.76 41.21 27.20
N LYS B 53 40.55 42.13 27.77
CA LYS B 53 41.96 41.81 28.03
C LYS B 53 42.08 40.62 28.97
N LEU B 54 41.27 40.60 30.04
CA LEU B 54 41.30 39.49 30.98
C LEU B 54 40.90 38.19 30.29
N ILE B 55 39.88 38.25 29.42
CA ILE B 55 39.46 37.06 28.68
C ILE B 55 40.62 36.55 27.82
N ALA B 56 41.34 37.48 27.17
CA ALA B 56 42.49 37.08 26.38
C ALA B 56 43.55 36.40 27.24
N GLN B 57 43.83 36.96 28.42
CA GLN B 57 44.77 36.34 29.34
C GLN B 57 44.27 35.04 29.94
N LYS B 58 42.97 34.75 29.82
CA LYS B 58 42.35 33.57 30.39
C LYS B 58 42.24 33.63 31.91
N GLN B 59 42.51 34.79 32.52
CA GLN B 59 42.36 34.92 33.96
C GLN B 59 40.90 34.90 34.41
N LEU B 60 39.96 34.96 33.47
CA LEU B 60 38.54 34.96 33.81
C LEU B 60 37.76 34.49 32.60
N GLU B 61 36.93 33.47 32.78
CA GLU B 61 36.06 32.97 31.73
C GLU B 61 34.66 33.50 31.95
N VAL B 62 34.14 34.27 31.00
CA VAL B 62 32.82 34.86 31.09
C VAL B 62 32.11 34.70 29.74
N VAL B 63 30.83 35.07 29.74
CA VAL B 63 30.01 35.09 28.54
C VAL B 63 29.26 36.43 28.51
N HIS B 64 28.91 36.88 27.31
CA HIS B 64 28.28 38.17 27.12
C HIS B 64 26.77 38.01 27.03
N THR B 65 26.05 38.84 27.79
CA THR B 65 24.61 38.92 27.66
C THR B 65 24.25 39.40 26.26
N LEU B 66 23.17 38.86 25.70
CA LEU B 66 22.73 39.29 24.37
C LEU B 66 22.53 40.80 24.35
N ASP B 67 21.92 41.35 25.40
CA ASP B 67 21.87 42.80 25.57
C ASP B 67 23.25 43.42 25.44
N GLY B 68 24.22 42.92 26.20
CA GLY B 68 25.55 43.48 26.21
C GLY B 68 25.89 44.29 27.44
N LYS B 69 24.93 44.54 28.32
CA LYS B 69 25.15 45.38 29.50
C LYS B 69 25.52 44.58 30.74
N GLU B 70 25.70 43.27 30.64
CA GLU B 70 25.96 42.47 31.82
C GLU B 70 26.86 41.30 31.46
N TYR B 71 27.53 40.76 32.48
CA TYR B 71 28.47 39.65 32.34
C TYR B 71 28.03 38.50 33.22
N ILE B 72 28.08 37.29 32.67
CA ILE B 72 27.60 36.09 33.35
C ILE B 72 28.70 35.03 33.31
N THR B 73 29.07 34.51 34.48
CA THR B 73 30.01 33.41 34.58
C THR B 73 29.35 32.10 34.16
N PRO B 74 30.09 31.17 33.56
CA PRO B 74 29.49 29.86 33.25
C PRO B 74 29.04 29.11 34.49
N ALA B 75 29.53 29.49 35.67
CA ALA B 75 29.08 28.86 36.90
C ALA B 75 27.72 29.35 37.35
N GLN B 76 27.35 30.58 37.00
CA GLN B 76 26.06 31.13 37.40
C GLN B 76 24.96 30.87 36.39
N ILE B 77 25.30 30.56 35.14
CA ILE B 77 24.28 30.12 34.20
C ILE B 77 23.59 28.89 34.75
N SER B 78 24.36 27.95 35.30
CA SER B 78 23.79 26.74 35.87
C SER B 78 22.93 27.06 37.10
N LYS B 79 23.37 28.01 37.92
CA LYS B 79 22.56 28.40 39.08
C LYS B 79 21.21 28.94 38.62
N GLU B 80 21.21 29.80 37.62
CA GLU B 80 19.95 30.35 37.11
C GLU B 80 19.08 29.24 36.52
N MET B 81 19.68 28.32 35.77
CA MET B 81 18.91 27.23 35.18
C MET B 81 18.27 26.37 36.25
N ARG B 82 19.03 26.02 37.29
CA ARG B 82 18.45 25.23 38.38
C ARG B 82 17.34 25.98 39.09
N ASP B 83 17.56 27.26 39.36
CA ASP B 83 16.54 28.04 40.06
C ASP B 83 15.26 28.11 39.27
N GLU B 84 15.35 28.29 37.95
CA GLU B 84 14.14 28.32 37.14
C GLU B 84 13.49 26.94 37.05
N LEU B 85 14.29 25.90 36.85
CA LEU B 85 13.73 24.55 36.81
C LEU B 85 12.93 24.27 38.07
N HIS B 86 13.42 24.74 39.22
CA HIS B 86 12.66 24.57 40.45
C HIS B 86 11.46 25.50 40.51
N VAL B 87 11.59 26.71 39.99
CA VAL B 87 10.55 27.72 40.19
C VAL B 87 9.30 27.36 39.39
N ARG B 88 9.43 27.26 38.07
CA ARG B 88 8.27 27.00 37.22
C ARG B 88 7.97 25.49 37.18
N GLY B 89 7.75 24.94 38.37
CA GLY B 89 7.49 23.53 38.51
C GLY B 89 8.78 22.74 38.51
N GLY B 90 8.89 21.78 37.60
CA GLY B 90 10.10 21.02 37.44
C GLY B 90 10.41 20.84 35.97
N ARG B 91 9.82 21.68 35.14
CA ARG B 91 9.95 21.60 33.70
C ARG B 91 10.29 22.97 33.15
N VAL B 92 11.35 23.05 32.33
CA VAL B 92 11.73 24.26 31.63
C VAL B 92 12.00 23.89 30.19
N ASN B 93 12.00 24.90 29.33
CA ASN B 93 12.43 24.77 27.95
C ASN B 93 13.69 25.59 27.75
N ILE B 94 14.67 25.02 27.07
CA ILE B 94 15.93 25.73 26.87
C ILE B 94 15.68 27.03 26.12
N VAL B 95 14.65 27.09 25.29
CA VAL B 95 14.31 28.34 24.61
C VAL B 95 13.92 29.41 25.63
N ASP B 96 13.06 29.04 26.58
CA ASP B 96 12.69 30.01 27.60
C ASP B 96 13.85 30.30 28.55
N LEU B 97 14.75 29.33 28.71
CA LEU B 97 15.98 29.60 29.46
C LEU B 97 16.79 30.70 28.77
N GLN B 98 16.87 30.65 27.45
CA GLN B 98 17.50 31.76 26.74
C GLN B 98 16.74 33.05 26.96
N GLN B 99 15.41 32.99 26.88
CA GLN B 99 14.61 34.20 27.05
C GLN B 99 14.88 34.86 28.40
N VAL B 100 15.10 34.05 29.44
CA VAL B 100 15.21 34.60 30.80
C VAL B 100 16.66 34.91 31.16
N ILE B 101 17.56 33.94 31.06
CA ILE B 101 18.95 34.19 31.44
C ILE B 101 19.57 35.23 30.52
N ASN B 102 19.08 35.33 29.29
CA ASN B 102 19.54 36.34 28.35
C ASN B 102 20.95 36.05 27.86
N VAL B 103 21.22 34.79 27.54
CA VAL B 103 22.49 34.38 26.94
C VAL B 103 22.19 33.56 25.69
N ASP B 104 23.19 33.44 24.84
CA ASP B 104 23.04 32.68 23.61
C ASP B 104 22.69 31.23 23.93
N LEU B 105 22.26 30.50 22.89
CA LEU B 105 21.74 29.16 23.11
C LEU B 105 22.83 28.13 23.35
N ILE B 106 24.03 28.33 22.79
CA ILE B 106 25.07 27.33 22.92
C ILE B 106 25.44 27.11 24.38
N HIS B 107 25.44 28.20 25.16
CA HIS B 107 25.82 28.08 26.56
C HIS B 107 24.79 27.28 27.34
N ILE B 108 23.50 27.53 27.09
CA ILE B 108 22.45 26.73 27.73
C ILE B 108 22.56 25.28 27.29
N GLU B 109 22.92 25.04 26.02
CA GLU B 109 23.07 23.67 25.54
C GLU B 109 24.21 22.95 26.24
N ASN B 110 25.30 23.67 26.56
CA ASN B 110 26.38 23.05 27.33
C ASN B 110 25.94 22.76 28.75
N ARG B 111 25.33 23.75 29.40
CA ARG B 111 24.98 23.60 30.79
C ARG B 111 23.86 22.58 31.00
N ILE B 112 23.04 22.29 29.99
CA ILE B 112 22.03 21.25 30.16
C ILE B 112 22.69 19.88 30.26
N GLY B 113 23.67 19.62 29.39
CA GLY B 113 24.42 18.39 29.50
C GLY B 113 25.12 18.30 30.85
N ASP B 114 25.64 19.43 31.33
CA ASP B 114 26.25 19.43 32.66
C ASP B 114 25.21 19.11 33.73
N ILE B 115 24.04 19.74 33.65
CA ILE B 115 23.06 19.69 34.73
C ILE B 115 22.43 18.31 34.84
N ILE B 116 22.29 17.60 33.71
CA ILE B 116 21.78 16.23 33.80
C ILE B 116 22.63 15.42 34.75
N LYS B 117 23.96 15.48 34.57
CA LYS B 117 24.84 14.70 35.43
C LYS B 117 24.88 15.27 36.85
N SER B 118 25.03 16.58 36.97
CA SER B 118 25.17 17.18 38.30
C SER B 118 23.96 16.94 39.17
N GLU B 119 22.80 16.64 38.57
CA GLU B 119 21.58 16.31 39.31
C GLU B 119 20.91 15.16 38.57
N LYS B 120 21.01 13.96 39.14
CA LYS B 120 20.56 12.76 38.45
C LYS B 120 19.05 12.74 38.20
N HIS B 121 18.29 13.50 38.98
CA HIS B 121 16.83 13.50 38.85
C HIS B 121 16.33 14.41 37.73
N VAL B 122 17.19 14.83 36.81
CA VAL B 122 16.81 15.65 35.67
C VAL B 122 17.18 14.91 34.39
N GLN B 123 16.30 14.98 33.40
CA GLN B 123 16.54 14.40 32.09
C GLN B 123 16.37 15.49 31.02
N LEU B 124 16.59 15.10 29.77
CA LEU B 124 16.41 15.99 28.63
C LEU B 124 15.57 15.28 27.59
N VAL B 125 14.37 15.79 27.33
CA VAL B 125 13.46 15.22 26.34
C VAL B 125 12.99 16.35 25.44
N LEU B 126 13.34 16.26 24.16
CA LEU B 126 12.98 17.30 23.19
C LEU B 126 13.38 18.68 23.69
N GLY B 127 14.63 18.79 24.15
CA GLY B 127 15.14 20.07 24.61
C GLY B 127 14.38 20.64 25.78
N GLN B 128 14.01 19.79 26.74
CA GLN B 128 13.27 20.22 27.92
C GLN B 128 13.83 19.48 29.12
N LEU B 129 14.10 20.21 30.20
CA LEU B 129 14.59 19.60 31.42
C LEU B 129 13.40 19.27 32.31
N ILE B 130 13.15 17.97 32.49
CA ILE B 130 12.02 17.48 33.28
C ILE B 130 12.56 16.91 34.58
N ASP B 131 11.96 17.31 35.69
CA ASP B 131 12.35 16.86 37.02
C ASP B 131 11.43 15.74 37.50
N GLU B 132 11.89 15.03 38.52
CA GLU B 132 11.10 13.93 39.07
C GLU B 132 9.89 14.45 39.83
N ASN B 133 9.99 15.62 40.46
CA ASN B 133 8.82 16.19 41.11
C ASN B 133 7.71 16.47 40.11
N TYR B 134 8.08 16.98 38.94
CA TYR B 134 7.07 17.24 37.90
C TYR B 134 6.41 15.94 37.46
N LEU B 135 7.19 14.87 37.29
CA LEU B 135 6.61 13.59 36.92
C LEU B 135 5.72 13.03 38.03
N ASP B 136 6.05 13.30 39.29
CA ASP B 136 5.20 12.81 40.38
C ASP B 136 3.88 13.57 40.42
N ARG B 137 3.92 14.88 40.20
CA ARG B 137 2.68 15.64 40.06
C ARG B 137 1.88 15.15 38.86
N LEU B 138 2.57 14.82 37.77
CA LEU B 138 1.91 14.24 36.61
C LEU B 138 1.19 12.95 36.98
N ALA B 139 1.85 12.10 37.74
CA ALA B 139 1.25 10.84 38.15
C ALA B 139 0.04 11.07 39.05
N GLU B 140 0.11 12.05 39.95
CA GLU B 140 -1.04 12.33 40.80
C GLU B 140 -2.24 12.79 39.97
N GLU B 141 -1.99 13.67 38.99
CA GLU B 141 -3.07 14.09 38.11
C GLU B 141 -3.64 12.90 37.34
N VAL B 142 -2.77 12.03 36.84
CA VAL B 142 -3.23 10.85 36.11
C VAL B 142 -4.06 9.96 37.02
N ASN B 143 -3.67 9.82 38.28
CA ASN B 143 -4.44 9.02 39.21
C ASN B 143 -5.84 9.59 39.41
N ASP B 144 -5.92 10.92 39.59
CA ASP B 144 -7.23 11.55 39.72
C ASP B 144 -8.08 11.27 38.51
N LYS B 145 -7.55 11.52 37.30
CA LYS B 145 -8.36 11.31 36.11
C LYS B 145 -8.70 9.85 35.90
N LEU B 146 -7.82 8.94 36.34
CA LEU B 146 -8.06 7.51 36.16
C LEU B 146 -9.20 7.04 37.04
N GLN B 147 -9.16 7.41 38.32
CA GLN B 147 -10.28 7.09 39.20
C GLN B 147 -11.52 7.90 38.87
N GLU B 148 -11.40 8.92 38.02
CA GLU B 148 -12.58 9.63 37.54
C GLU B 148 -13.25 8.88 36.39
N SER B 149 -12.54 8.72 35.27
CA SER B 149 -13.11 8.22 34.03
C SER B 149 -12.88 6.73 33.81
N GLY B 150 -12.15 6.07 34.69
CA GLY B 150 -11.93 4.64 34.59
C GLY B 150 -10.71 4.21 33.79
N GLN B 151 -10.41 4.91 32.70
CA GLN B 151 -9.26 4.57 31.89
C GLN B 151 -8.59 5.84 31.38
N VAL B 152 -7.32 5.71 31.00
CA VAL B 152 -6.56 6.76 30.36
C VAL B 152 -5.85 6.16 29.16
N THR B 153 -5.51 7.02 28.21
CA THR B 153 -4.77 6.62 27.01
C THR B 153 -3.47 7.39 26.96
N ILE B 154 -2.38 6.67 26.66
CA ILE B 154 -1.08 7.31 26.60
C ILE B 154 -1.06 8.35 25.49
N SER B 155 -1.78 8.11 24.40
CA SER B 155 -1.85 9.09 23.33
C SER B 155 -2.46 10.39 23.83
N GLU B 156 -3.59 10.30 24.53
CA GLU B 156 -4.24 11.49 25.04
C GLU B 156 -3.35 12.22 26.05
N LEU B 157 -2.68 11.46 26.92
CA LEU B 157 -1.80 12.10 27.89
C LEU B 157 -0.66 12.84 27.19
N CYS B 158 -0.05 12.22 26.20
CA CYS B 158 1.02 12.88 25.46
C CYS B 158 0.50 14.14 24.77
N LYS B 159 -0.69 14.07 24.18
CA LYS B 159 -1.25 15.22 23.50
C LYS B 159 -1.49 16.37 24.46
N THR B 160 -2.05 16.08 25.63
CA THR B 160 -2.36 17.14 26.59
C THR B 160 -1.20 17.48 27.49
N TYR B 161 -0.02 16.88 27.30
CA TYR B 161 1.15 17.24 28.07
C TYR B 161 2.40 17.40 27.21
N ASP B 162 2.31 17.15 25.91
CA ASP B 162 3.32 17.46 24.90
C ASP B 162 4.57 16.59 25.01
N LEU B 163 4.66 15.71 25.99
CA LEU B 163 5.84 14.85 26.12
C LEU B 163 5.74 13.67 25.17
N PRO B 164 6.86 13.05 24.82
CA PRO B 164 6.81 11.89 23.92
C PRO B 164 6.25 10.66 24.60
N GLY B 165 5.77 9.73 23.78
CA GLY B 165 5.04 8.59 24.30
C GLY B 165 5.90 7.64 25.11
N ASN B 166 7.08 7.29 24.60
CA ASN B 166 7.93 6.34 25.30
C ASN B 166 8.32 6.88 26.67
N PHE B 167 8.64 8.17 26.74
CA PHE B 167 9.01 8.77 28.01
C PHE B 167 7.89 8.67 29.02
N LEU B 168 6.66 8.98 28.59
CA LEU B 168 5.52 8.91 29.51
C LEU B 168 5.25 7.48 29.94
N THR B 169 5.34 6.53 29.00
CA THR B 169 5.13 5.14 29.37
C THR B 169 6.11 4.71 30.45
N GLN B 170 7.40 4.99 30.25
CA GLN B 170 8.39 4.60 31.24
C GLN B 170 8.18 5.32 32.56
N ALA B 171 7.89 6.62 32.51
CA ALA B 171 7.74 7.39 33.73
C ALA B 171 6.57 6.89 34.57
N LEU B 172 5.44 6.60 33.92
CA LEU B 172 4.28 6.12 34.67
C LEU B 172 4.47 4.69 35.15
N THR B 173 5.11 3.85 34.32
CA THR B 173 5.34 2.46 34.73
C THR B 173 6.24 2.42 35.96
N GLN B 174 7.30 3.22 35.98
CA GLN B 174 8.23 3.17 37.10
C GLN B 174 7.54 3.46 38.42
N ARG B 175 6.48 4.27 38.41
CA ARG B 175 5.73 4.58 39.61
C ARG B 175 4.30 4.07 39.55
N LEU B 176 4.01 3.11 38.68
CA LEU B 176 2.71 2.46 38.70
C LEU B 176 2.58 1.64 39.98
N GLY B 177 1.43 1.75 40.61
CA GLY B 177 1.23 1.09 41.90
C GLY B 177 1.77 1.88 43.07
N ARG B 178 2.98 2.41 42.96
CA ARG B 178 3.53 3.23 44.04
C ARG B 178 2.65 4.45 44.29
N ILE B 179 2.23 5.13 43.22
CA ILE B 179 1.32 6.26 43.30
C ILE B 179 0.06 6.02 42.50
N ILE B 180 0.18 5.52 41.27
CA ILE B 180 -0.97 5.21 40.45
C ILE B 180 -1.60 3.91 40.94
N SER B 181 -2.91 3.90 41.11
CA SER B 181 -3.66 2.72 41.49
C SER B 181 -4.28 2.15 40.22
N GLY B 182 -3.62 1.16 39.63
CA GLY B 182 -4.10 0.55 38.41
C GLY B 182 -3.09 -0.42 37.84
N HIS B 183 -3.34 -0.85 36.61
CA HIS B 183 -2.48 -1.77 35.90
C HIS B 183 -2.28 -1.27 34.48
N ILE B 184 -1.18 -1.70 33.88
CA ILE B 184 -0.73 -1.18 32.59
C ILE B 184 -0.91 -2.25 31.53
N ASP B 185 -1.43 -1.83 30.36
CA ASP B 185 -1.40 -2.69 29.20
C ASP B 185 -0.06 -2.59 28.48
N LEU B 186 0.36 -1.37 28.15
CA LEU B 186 1.66 -1.13 27.53
C LEU B 186 1.75 -1.71 26.13
N ASP B 187 0.66 -2.32 25.67
CA ASP B 187 0.64 -3.02 24.38
C ASP B 187 -0.35 -2.40 23.41
N ASN B 188 -1.59 -2.18 23.83
CA ASN B 188 -2.64 -1.65 22.97
C ASN B 188 -2.87 -0.20 23.38
N ARG B 189 -2.10 0.70 22.77
CA ARG B 189 -2.13 2.13 23.07
C ARG B 189 -1.68 2.44 24.48
N GLY B 190 -1.12 1.47 25.20
CA GLY B 190 -0.63 1.73 26.54
C GLY B 190 -1.69 2.23 27.50
N VAL B 191 -2.95 1.90 27.26
CA VAL B 191 -4.02 2.36 28.14
C VAL B 191 -3.82 1.77 29.52
N ILE B 192 -3.88 2.62 30.53
CA ILE B 192 -3.94 2.17 31.91
C ILE B 192 -5.41 2.08 32.29
N PHE B 193 -5.72 1.26 33.29
CA PHE B 193 -7.09 1.10 33.75
C PHE B 193 -7.10 0.79 35.24
N THR B 194 -8.25 1.01 35.85
CA THR B 194 -8.45 0.78 37.27
C THR B 194 -9.34 -0.45 37.47
N GLU B 195 -9.48 -0.85 38.73
CA GLU B 195 -10.24 -2.05 39.04
C GLU B 195 -11.70 -1.93 38.65
N ALA B 196 -12.20 -0.71 38.42
CA ALA B 196 -13.56 -0.49 37.98
C ALA B 196 -13.71 -0.49 36.46
N PHE B 197 -12.61 -0.63 35.72
CA PHE B 197 -12.69 -0.76 34.27
C PHE B 197 -12.80 -2.22 33.85
N VAL B 198 -12.14 -3.12 34.57
CA VAL B 198 -12.32 -4.55 34.31
C VAL B 198 -13.76 -4.96 34.57
N ALA B 199 -14.39 -4.35 35.57
CA ALA B 199 -15.80 -4.65 35.84
C ALA B 199 -16.67 -4.27 34.64
N ARG B 200 -16.46 -3.08 34.10
CA ARG B 200 -17.25 -2.64 32.95
C ARG B 200 -16.95 -3.51 31.74
N HIS B 201 -15.69 -3.89 31.56
CA HIS B 201 -15.32 -4.78 30.46
C HIS B 201 -16.06 -6.10 30.56
N LYS B 202 -16.05 -6.70 31.75
CA LYS B 202 -16.76 -7.95 31.95
C LYS B 202 -18.24 -7.80 31.71
N ALA B 203 -18.84 -6.73 32.23
CA ALA B 203 -20.28 -6.53 32.02
C ALA B 203 -20.59 -6.40 30.54
N ARG B 204 -19.81 -5.63 29.81
CA ARG B 204 -20.09 -5.43 28.39
C ARG B 204 -19.91 -6.72 27.61
N ILE B 205 -18.89 -7.50 27.92
CA ILE B 205 -18.70 -8.77 27.22
C ILE B 205 -19.86 -9.71 27.53
N ARG B 206 -20.27 -9.75 28.80
CA ARG B 206 -21.39 -10.60 29.19
C ARG B 206 -22.65 -10.22 28.44
N GLY B 207 -22.92 -8.92 28.32
CA GLY B 207 -24.09 -8.48 27.59
C GLY B 207 -24.01 -8.80 26.11
N LEU B 208 -22.85 -8.57 25.51
CA LEU B 208 -22.71 -8.77 24.07
C LEU B 208 -22.85 -10.24 23.71
N PHE B 209 -22.20 -11.12 24.46
CA PHE B 209 -22.20 -12.54 24.10
C PHE B 209 -23.44 -13.27 24.58
N SER B 210 -24.34 -12.59 25.29
CA SER B 210 -25.66 -13.13 25.56
C SER B 210 -26.64 -12.85 24.43
N ALA B 211 -26.20 -12.19 23.36
CA ALA B 211 -27.04 -11.87 22.23
C ALA B 211 -26.58 -12.53 20.94
N ILE B 212 -25.51 -13.32 20.98
CA ILE B 212 -24.97 -13.96 19.79
C ILE B 212 -25.62 -15.33 19.66
N THR B 213 -26.34 -15.52 18.55
CA THR B 213 -26.98 -16.80 18.24
C THR B 213 -26.45 -17.41 16.96
N ARG B 214 -25.49 -16.78 16.30
CA ARG B 214 -24.88 -17.26 15.08
C ARG B 214 -23.38 -17.23 15.24
N PRO B 215 -22.63 -17.99 14.44
CA PRO B 215 -21.16 -17.90 14.48
C PRO B 215 -20.69 -16.55 13.98
N THR B 216 -19.95 -15.84 14.84
CA THR B 216 -19.50 -14.48 14.55
C THR B 216 -18.01 -14.35 14.87
N ALA B 217 -17.32 -13.55 14.07
CA ALA B 217 -15.90 -13.35 14.25
C ALA B 217 -15.62 -12.53 15.51
N VAL B 218 -14.54 -12.88 16.20
CA VAL B 218 -14.20 -12.21 17.45
C VAL B 218 -13.35 -10.96 17.20
N ASN B 219 -12.49 -10.99 16.17
CA ASN B 219 -11.69 -9.81 15.85
C ASN B 219 -12.59 -8.65 15.45
N SER B 220 -13.65 -8.92 14.71
CA SER B 220 -14.58 -7.86 14.35
C SER B 220 -15.16 -7.20 15.60
N LEU B 221 -15.53 -8.01 16.59
CA LEU B 221 -16.09 -7.45 17.82
C LEU B 221 -15.04 -6.62 18.55
N ILE B 222 -13.83 -7.16 18.71
CA ILE B 222 -12.79 -6.43 19.42
C ILE B 222 -12.53 -5.09 18.76
N SER B 223 -12.52 -5.07 17.42
CA SER B 223 -12.28 -3.82 16.71
C SER B 223 -13.44 -2.86 16.85
N LYS B 224 -14.67 -3.34 16.64
CA LYS B 224 -15.80 -2.44 16.56
C LYS B 224 -16.18 -1.87 17.93
N TYR B 225 -16.23 -2.72 18.95
CA TYR B 225 -16.75 -2.30 20.25
C TYR B 225 -15.67 -1.83 21.21
N GLY B 226 -14.41 -1.93 20.85
CA GLY B 226 -13.34 -1.38 21.68
C GLY B 226 -13.05 -2.21 22.92
N PHE B 227 -12.58 -3.43 22.73
CA PHE B 227 -12.23 -4.34 23.82
C PHE B 227 -10.72 -4.50 23.88
N GLN B 228 -10.28 -5.37 24.78
CA GLN B 228 -8.89 -5.81 24.87
C GLN B 228 -8.87 -7.32 24.69
N GLU B 229 -7.97 -7.81 23.84
CA GLU B 229 -8.01 -9.21 23.44
C GLU B 229 -7.80 -10.14 24.64
N GLN B 230 -6.71 -9.92 25.39
CA GLN B 230 -6.39 -10.83 26.48
C GLN B 230 -7.46 -10.77 27.56
N LEU B 231 -7.91 -9.57 27.92
CA LEU B 231 -8.96 -9.44 28.92
C LEU B 231 -10.25 -10.08 28.41
N LEU B 232 -10.57 -9.87 27.14
CA LEU B 232 -11.76 -10.48 26.56
C LEU B 232 -11.73 -11.97 26.75
N TYR B 233 -10.61 -12.60 26.39
CA TYR B 233 -10.55 -14.06 26.45
C TYR B 233 -10.54 -14.56 27.89
N SER B 234 -9.92 -13.81 28.81
CA SER B 234 -9.96 -14.22 30.22
C SER B 234 -11.39 -14.22 30.74
N VAL B 235 -12.10 -13.12 30.53
CA VAL B 235 -13.48 -13.03 31.02
C VAL B 235 -14.35 -14.07 30.33
N LEU B 236 -14.13 -14.28 29.04
CA LEU B 236 -14.93 -15.25 28.31
C LEU B 236 -14.70 -16.65 28.84
N GLU B 237 -13.46 -17.01 29.13
CA GLU B 237 -13.18 -18.32 29.69
C GLU B 237 -13.84 -18.48 31.04
N GLU B 238 -13.77 -17.45 31.89
CA GLU B 238 -14.42 -17.52 33.18
C GLU B 238 -15.92 -17.74 33.03
N LEU B 239 -16.55 -16.98 32.13
CA LEU B 239 -17.99 -17.09 31.96
C LEU B 239 -18.39 -18.45 31.41
N VAL B 240 -17.66 -18.95 30.41
CA VAL B 240 -18.00 -20.23 29.81
C VAL B 240 -17.83 -21.35 30.83
N ASN B 241 -16.78 -21.29 31.64
CA ASN B 241 -16.59 -22.30 32.67
C ASN B 241 -17.67 -22.21 33.74
N SER B 242 -18.14 -21.00 34.06
CA SER B 242 -19.18 -20.83 35.06
C SER B 242 -20.57 -21.14 34.53
N GLY B 243 -20.72 -21.37 33.22
CA GLY B 243 -22.00 -21.71 32.65
C GLY B 243 -22.87 -20.53 32.26
N ARG B 244 -22.43 -19.31 32.55
CA ARG B 244 -23.24 -18.15 32.19
C ARG B 244 -23.31 -17.97 30.68
N LEU B 245 -22.24 -18.30 29.97
CA LEU B 245 -22.23 -18.33 28.52
C LEU B 245 -21.98 -19.75 28.05
N ARG B 246 -22.64 -20.13 26.96
CA ARG B 246 -22.60 -21.49 26.44
C ARG B 246 -22.05 -21.44 25.01
N GLY B 247 -20.79 -21.80 24.84
CA GLY B 247 -20.21 -21.83 23.51
C GLY B 247 -18.76 -22.22 23.56
N THR B 248 -18.16 -22.26 22.37
CA THR B 248 -16.75 -22.54 22.20
C THR B 248 -16.22 -21.70 21.05
N VAL B 249 -14.92 -21.39 21.10
CA VAL B 249 -14.26 -20.61 20.06
C VAL B 249 -13.52 -21.56 19.13
N VAL B 250 -13.77 -21.45 17.84
CA VAL B 250 -13.26 -22.38 16.84
C VAL B 250 -12.16 -21.68 16.06
N GLY B 251 -10.96 -22.25 16.11
CA GLY B 251 -9.78 -21.63 15.54
C GLY B 251 -8.83 -21.05 16.56
N GLY B 252 -9.07 -21.26 17.85
CA GLY B 252 -8.21 -20.72 18.88
C GLY B 252 -8.48 -19.25 19.14
N ALA B 257 -10.83 -16.21 14.30
CA ALA B 257 -11.57 -16.82 15.40
C ALA B 257 -13.05 -16.52 15.28
N VAL B 258 -13.87 -17.52 15.54
CA VAL B 258 -15.33 -17.39 15.49
C VAL B 258 -15.91 -18.01 16.74
N PHE B 259 -16.89 -17.34 17.34
CA PHE B 259 -17.60 -17.85 18.50
C PHE B 259 -18.87 -18.54 18.04
N VAL B 260 -19.01 -19.82 18.41
CA VAL B 260 -20.18 -20.60 18.02
C VAL B 260 -20.98 -20.92 19.28
N PRO B 261 -22.10 -20.24 19.54
CA PRO B 261 -22.87 -20.53 20.74
C PRO B 261 -23.50 -21.92 20.68
N ASP B 262 -23.75 -22.47 21.86
CA ASP B 262 -24.22 -23.85 21.95
C ASP B 262 -25.56 -24.03 21.26
N ILE B 263 -26.40 -22.98 21.25
CA ILE B 263 -27.71 -23.11 20.64
C ILE B 263 -27.59 -23.39 19.14
N TYR B 264 -26.68 -22.70 18.47
CA TYR B 264 -26.49 -22.91 17.03
C TYR B 264 -26.04 -24.33 16.73
N SER B 265 -25.01 -24.80 17.44
CA SER B 265 -24.49 -26.14 17.20
C SER B 265 -25.55 -27.18 17.51
N ARG B 266 -26.30 -26.99 18.59
CA ARG B 266 -27.36 -27.94 18.94
C ARG B 266 -28.41 -28.01 17.85
N THR B 267 -28.84 -26.85 17.35
CA THR B 267 -29.87 -26.83 16.31
C THR B 267 -29.36 -27.52 15.04
N GLN B 268 -28.13 -27.19 14.64
CA GLN B 268 -27.57 -27.82 13.44
C GLN B 268 -27.50 -29.33 13.59
N SER B 269 -26.98 -29.79 14.73
CA SER B 269 -26.81 -31.22 14.94
C SER B 269 -28.15 -31.92 14.97
N THR B 270 -29.13 -31.35 15.67
CA THR B 270 -30.45 -31.98 15.72
C THR B 270 -31.08 -32.05 14.35
N TRP B 271 -30.98 -30.97 13.57
CA TRP B 271 -31.55 -31.00 12.22
C TRP B 271 -30.95 -32.12 11.38
N VAL B 272 -29.62 -32.18 11.32
CA VAL B 272 -28.99 -33.16 10.44
C VAL B 272 -29.24 -34.58 10.96
N ASP B 273 -29.22 -34.76 12.27
CA ASP B 273 -29.46 -36.08 12.84
C ASP B 273 -30.88 -36.56 12.53
N SER B 274 -31.87 -35.68 12.70
CA SER B 274 -33.24 -36.06 12.40
C SER B 274 -33.41 -36.39 10.91
N PHE B 275 -32.79 -35.60 10.04
CA PHE B 275 -32.89 -35.89 8.62
C PHE B 275 -32.28 -37.26 8.31
N PHE B 276 -31.12 -37.55 8.88
CA PHE B 276 -30.48 -38.84 8.62
C PHE B 276 -31.33 -39.99 9.16
N ARG B 277 -31.91 -39.81 10.33
CA ARG B 277 -32.74 -40.86 10.91
C ARG B 277 -33.96 -41.14 10.04
N GLN B 278 -34.68 -40.09 9.64
CA GLN B 278 -35.94 -40.29 8.94
C GLN B 278 -35.72 -40.71 7.49
N ASN B 279 -34.76 -40.10 6.80
CA ASN B 279 -34.55 -40.36 5.38
C ASN B 279 -33.46 -41.38 5.10
N GLY B 280 -32.43 -41.45 5.93
CA GLY B 280 -31.35 -42.39 5.69
C GLY B 280 -30.34 -41.96 4.65
N TYR B 281 -30.09 -40.66 4.53
CA TYR B 281 -29.08 -40.14 3.62
C TYR B 281 -28.99 -38.63 3.82
N LEU B 282 -27.87 -38.06 3.39
CA LEU B 282 -27.67 -36.62 3.39
C LEU B 282 -27.19 -36.19 2.02
N GLU B 283 -27.37 -34.90 1.71
CA GLU B 283 -27.27 -34.43 0.34
C GLU B 283 -26.08 -33.53 0.04
N PHE B 284 -25.40 -33.01 1.05
CA PHE B 284 -24.21 -32.17 0.90
C PHE B 284 -24.53 -30.78 0.38
N ASP B 285 -25.77 -30.54 -0.02
CA ASP B 285 -26.21 -29.24 -0.48
C ASP B 285 -27.23 -28.61 0.43
N ALA B 286 -28.17 -29.39 0.95
CA ALA B 286 -28.98 -28.92 2.05
C ALA B 286 -28.12 -28.65 3.28
N LEU B 287 -27.01 -29.37 3.41
CA LEU B 287 -26.09 -29.13 4.51
C LEU B 287 -25.37 -27.80 4.34
N SER B 288 -25.04 -27.43 3.10
CA SER B 288 -24.38 -26.16 2.85
C SER B 288 -25.26 -25.00 3.27
N ARG B 289 -26.57 -25.10 3.02
CA ARG B 289 -27.48 -24.03 3.40
C ARG B 289 -27.67 -23.92 4.90
N LEU B 290 -27.31 -24.95 5.66
CA LEU B 290 -27.43 -24.93 7.11
C LEU B 290 -26.16 -24.42 7.80
N GLY B 291 -25.10 -24.13 7.05
CA GLY B 291 -23.88 -23.63 7.63
C GLY B 291 -22.80 -24.68 7.77
N ILE B 292 -22.68 -25.54 6.76
CA ILE B 292 -21.66 -26.60 6.75
C ILE B 292 -21.02 -26.63 5.37
N PRO B 293 -19.94 -25.87 5.13
CA PRO B 293 -19.33 -25.90 3.80
C PRO B 293 -18.49 -27.14 3.54
N ASP B 294 -18.02 -27.83 4.58
CA ASP B 294 -17.27 -29.07 4.44
C ASP B 294 -18.13 -30.21 4.97
N ALA B 295 -18.98 -30.75 4.11
CA ALA B 295 -19.90 -31.81 4.52
C ALA B 295 -19.17 -33.12 4.78
N VAL B 296 -18.25 -33.48 3.87
CA VAL B 296 -17.58 -34.77 3.98
C VAL B 296 -16.79 -34.88 5.28
N SER B 297 -16.41 -33.74 5.87
CA SER B 297 -15.72 -33.74 7.14
C SER B 297 -16.69 -33.77 8.32
N TYR B 298 -17.77 -32.98 8.23
CA TYR B 298 -18.76 -32.96 9.30
C TYR B 298 -19.34 -34.35 9.53
N ILE B 299 -19.70 -35.04 8.46
CA ILE B 299 -20.35 -36.34 8.60
C ILE B 299 -19.40 -37.34 9.27
N LYS B 300 -18.13 -37.36 8.82
CA LYS B 300 -17.17 -38.27 9.43
C LYS B 300 -16.94 -37.92 10.90
N LYS B 301 -16.86 -36.63 11.21
CA LYS B 301 -16.64 -36.23 12.59
C LYS B 301 -17.78 -36.67 13.49
N ARG B 302 -19.03 -36.57 13.00
CA ARG B 302 -20.18 -36.92 13.82
C ARG B 302 -20.57 -38.38 13.69
N TYR B 303 -20.71 -38.88 12.47
CA TYR B 303 -21.13 -40.25 12.21
C TYR B 303 -19.91 -41.07 11.83
N LYS B 304 -19.19 -41.56 12.83
CA LYS B 304 -18.03 -42.40 12.62
C LYS B 304 -18.24 -43.85 13.02
N THR B 305 -19.07 -44.10 14.02
CA THR B 305 -19.38 -45.47 14.40
C THR B 305 -20.32 -46.13 13.41
N THR B 306 -21.15 -45.36 12.73
CA THR B 306 -22.11 -45.92 11.78
C THR B 306 -21.42 -46.23 10.46
N GLN B 307 -22.10 -47.02 9.63
CA GLN B 307 -21.60 -47.42 8.32
C GLN B 307 -22.22 -46.52 7.26
N LEU B 308 -21.37 -45.86 6.49
CA LEU B 308 -21.81 -44.90 5.49
C LEU B 308 -21.04 -45.11 4.20
N LEU B 309 -21.64 -44.65 3.10
CA LEU B 309 -21.02 -44.67 1.79
C LEU B 309 -21.14 -43.27 1.19
N PHE B 310 -20.03 -42.74 0.69
CA PHE B 310 -19.97 -41.39 0.18
C PHE B 310 -20.00 -41.42 -1.34
N LEU B 311 -20.83 -40.58 -1.94
CA LEU B 311 -21.05 -40.55 -3.39
C LEU B 311 -21.12 -39.09 -3.82
N LYS B 312 -19.96 -38.53 -4.17
CA LYS B 312 -19.92 -37.16 -4.68
C LYS B 312 -20.77 -36.23 -3.82
N ALA B 313 -21.93 -35.82 -4.33
CA ALA B 313 -22.82 -34.91 -3.60
C ALA B 313 -23.93 -35.68 -2.89
N ALA B 314 -23.53 -36.61 -2.02
CA ALA B 314 -24.50 -37.36 -1.22
C ALA B 314 -23.73 -38.28 -0.29
N CYS B 315 -24.46 -38.85 0.69
CA CYS B 315 -23.90 -39.85 1.59
C CYS B 315 -25.04 -40.78 2.00
N VAL B 316 -25.07 -41.97 1.41
CA VAL B 316 -26.12 -42.93 1.63
C VAL B 316 -25.72 -43.86 2.77
N GLY B 317 -26.52 -43.89 3.82
CA GLY B 317 -26.26 -44.79 4.92
C GLY B 317 -26.78 -46.18 4.65
N GLN B 318 -26.37 -47.12 5.48
CA GLN B 318 -26.78 -48.50 5.30
C GLN B 318 -28.28 -48.65 5.47
N GLY B 319 -28.86 -49.58 4.71
CA GLY B 319 -30.29 -49.74 4.66
C GLY B 319 -30.80 -49.51 3.26
N LEU B 320 -30.26 -48.49 2.60
CA LEU B 320 -30.50 -48.30 1.17
C LEU B 320 -29.65 -49.27 0.36
N VAL B 321 -28.39 -49.40 0.74
CA VAL B 321 -27.49 -50.31 0.03
C VAL B 321 -27.98 -51.74 0.16
N ASP B 322 -28.51 -52.09 1.33
CA ASP B 322 -29.05 -53.44 1.51
C ASP B 322 -30.24 -53.68 0.60
N GLN B 323 -31.09 -52.68 0.41
CA GLN B 323 -32.24 -52.86 -0.46
C GLN B 323 -31.80 -53.01 -1.92
N VAL B 324 -30.87 -52.18 -2.36
CA VAL B 324 -30.36 -52.32 -3.73
C VAL B 324 -29.72 -53.70 -3.90
N GLU B 325 -28.99 -54.16 -2.90
CA GLU B 325 -28.34 -55.47 -2.98
C GLU B 325 -29.36 -56.59 -3.05
N ALA B 326 -30.43 -56.51 -2.25
CA ALA B 326 -31.46 -57.55 -2.30
C ALA B 326 -32.14 -57.57 -3.66
N SER B 327 -32.45 -56.40 -4.21
CA SER B 327 -33.10 -56.36 -5.52
C SER B 327 -32.18 -56.91 -6.61
N VAL B 328 -30.90 -56.56 -6.56
CA VAL B 328 -29.98 -57.08 -7.57
C VAL B 328 -29.81 -58.59 -7.39
N GLU B 329 -29.86 -59.08 -6.15
CA GLU B 329 -29.87 -60.53 -5.94
C GLU B 329 -31.06 -61.18 -6.63
N GLU B 330 -32.24 -60.58 -6.46
CA GLU B 330 -33.43 -61.17 -7.05
C GLU B 330 -33.33 -61.19 -8.57
N ALA B 331 -32.79 -60.11 -9.15
CA ALA B 331 -32.56 -60.12 -10.59
C ALA B 331 -31.56 -61.20 -10.99
N ILE B 332 -30.51 -61.38 -10.19
CA ILE B 332 -29.50 -62.40 -10.48
C ILE B 332 -30.14 -63.78 -10.51
N SER B 333 -30.89 -64.12 -9.46
CA SER B 333 -31.37 -65.48 -9.29
C SER B 333 -32.58 -65.78 -10.18
N SER B 334 -33.43 -64.80 -10.42
CA SER B 334 -34.65 -65.03 -11.16
C SER B 334 -34.47 -64.95 -12.67
N GLY B 335 -33.25 -64.74 -13.14
CA GLY B 335 -33.03 -64.67 -14.58
C GLY B 335 -33.78 -63.53 -15.22
N THR B 336 -33.82 -62.38 -14.56
CA THR B 336 -34.52 -61.20 -15.06
C THR B 336 -33.69 -59.97 -14.76
N TRP B 337 -34.28 -58.79 -14.89
CA TRP B 337 -33.57 -57.53 -14.74
C TRP B 337 -34.09 -56.76 -13.53
N VAL B 338 -33.51 -55.58 -13.32
CA VAL B 338 -33.92 -54.71 -12.22
C VAL B 338 -33.40 -53.31 -12.51
N ASP B 339 -34.22 -52.32 -12.21
CA ASP B 339 -33.84 -50.92 -12.30
C ASP B 339 -33.80 -50.34 -10.90
N ILE B 340 -32.64 -49.80 -10.51
CA ILE B 340 -32.48 -49.31 -9.15
C ILE B 340 -32.79 -47.83 -9.01
N ALA B 341 -33.08 -47.12 -10.11
CA ALA B 341 -33.46 -45.73 -9.99
C ALA B 341 -34.70 -45.52 -9.15
N PRO B 342 -35.78 -46.30 -9.30
CA PRO B 342 -36.96 -46.10 -8.44
C PRO B 342 -36.78 -46.56 -7.01
N LEU B 343 -35.62 -47.09 -6.64
CA LEU B 343 -35.37 -47.58 -5.30
C LEU B 343 -34.55 -46.61 -4.45
N LEU B 344 -34.28 -45.42 -4.97
CA LEU B 344 -33.41 -44.45 -4.34
C LEU B 344 -34.14 -43.13 -4.19
N PRO B 345 -33.71 -42.28 -3.26
CA PRO B 345 -34.32 -40.95 -3.15
C PRO B 345 -34.23 -40.19 -4.46
N THR B 346 -35.29 -39.44 -4.77
CA THR B 346 -35.36 -38.75 -6.05
C THR B 346 -34.32 -37.65 -6.19
N SER B 347 -33.68 -37.25 -5.10
CA SER B 347 -32.72 -36.15 -5.12
C SER B 347 -31.29 -36.62 -5.30
N LEU B 348 -31.09 -37.78 -5.91
CA LEU B 348 -29.75 -38.31 -6.19
C LEU B 348 -29.51 -38.28 -7.68
N SER B 349 -28.41 -37.66 -8.09
CA SER B 349 -28.08 -37.55 -9.49
C SER B 349 -27.77 -38.93 -10.07
N VAL B 350 -27.69 -38.99 -11.40
CA VAL B 350 -27.38 -40.25 -12.07
C VAL B 350 -25.98 -40.73 -11.69
N GLU B 351 -25.05 -39.79 -11.50
CA GLU B 351 -23.69 -40.17 -11.13
C GLU B 351 -23.66 -40.85 -9.77
N ASP B 352 -24.39 -40.32 -8.80
CA ASP B 352 -24.41 -40.93 -7.47
C ASP B 352 -25.01 -42.32 -7.53
N ALA B 353 -26.09 -42.48 -8.30
CA ALA B 353 -26.68 -43.81 -8.47
C ALA B 353 -25.68 -44.76 -9.12
N ALA B 354 -24.92 -44.29 -10.10
CA ALA B 354 -23.93 -45.14 -10.74
C ALA B 354 -22.87 -45.57 -9.74
N ILE B 355 -22.39 -44.66 -8.91
CA ILE B 355 -21.38 -45.01 -7.91
C ILE B 355 -21.93 -46.04 -6.95
N LEU B 356 -23.15 -45.83 -6.46
CA LEU B 356 -23.76 -46.77 -5.52
C LEU B 356 -23.92 -48.14 -6.16
N LEU B 357 -24.37 -48.19 -7.41
CA LEU B 357 -24.52 -49.47 -8.09
C LEU B 357 -23.18 -50.16 -8.26
N GLN B 358 -22.14 -49.41 -8.65
CA GLN B 358 -20.82 -50.00 -8.80
C GLN B 358 -20.33 -50.57 -7.49
N GLN B 359 -20.62 -49.89 -6.38
CA GLN B 359 -20.22 -50.41 -5.08
C GLN B 359 -20.98 -51.70 -4.76
N VAL B 360 -22.28 -51.73 -5.01
CA VAL B 360 -23.06 -52.91 -4.66
C VAL B 360 -22.67 -54.09 -5.54
N MET B 361 -22.39 -53.85 -6.81
CA MET B 361 -22.03 -54.92 -7.73
C MET B 361 -20.68 -55.54 -7.43
N ARG B 362 -19.86 -54.89 -6.59
CA ARG B 362 -18.57 -55.45 -6.24
C ARG B 362 -18.67 -56.69 -5.38
N ALA B 363 -19.86 -57.01 -4.87
CA ALA B 363 -20.07 -58.21 -4.08
C ALA B 363 -20.43 -59.42 -4.93
N PHE B 364 -20.54 -59.26 -6.25
CA PHE B 364 -20.84 -60.35 -7.18
C PHE B 364 -19.76 -60.38 -8.25
N SER B 365 -18.66 -61.08 -7.97
CA SER B 365 -17.61 -61.30 -8.95
C SER B 365 -17.70 -62.68 -9.56
N LYS B 366 -17.68 -63.73 -8.74
CA LYS B 366 -17.83 -65.09 -9.22
C LYS B 366 -19.24 -65.41 -9.69
N GLN B 367 -20.20 -64.52 -9.44
CA GLN B 367 -21.58 -64.77 -9.82
C GLN B 367 -21.73 -64.62 -11.34
N ALA B 368 -22.97 -64.68 -11.81
CA ALA B 368 -23.21 -64.58 -13.25
C ALA B 368 -22.70 -63.26 -13.79
N SER B 369 -22.16 -63.30 -15.00
CA SER B 369 -21.55 -62.12 -15.61
C SER B 369 -22.64 -61.14 -16.05
N THR B 370 -23.32 -60.52 -15.08
CA THR B 370 -24.38 -59.59 -15.40
C THR B 370 -23.80 -58.27 -15.93
N VAL B 371 -24.64 -57.56 -16.67
CA VAL B 371 -24.26 -56.33 -17.35
C VAL B 371 -25.20 -55.22 -16.96
N VAL B 372 -24.71 -53.98 -17.03
CA VAL B 372 -25.45 -52.80 -16.60
C VAL B 372 -25.68 -51.91 -17.80
N PHE B 373 -26.94 -51.58 -18.06
CA PHE B 373 -27.34 -50.70 -19.14
C PHE B 373 -27.92 -49.42 -18.56
N SER B 374 -27.64 -48.31 -19.20
CA SER B 374 -28.08 -46.98 -18.76
C SER B 374 -27.50 -46.60 -17.41
N ASP B 375 -26.49 -47.33 -16.93
CA ASP B 375 -25.82 -47.11 -15.66
C ASP B 375 -26.68 -47.49 -14.46
N THR B 376 -27.92 -47.90 -14.66
CA THR B 376 -28.84 -48.15 -13.55
C THR B 376 -29.48 -49.53 -13.63
N VAL B 377 -29.77 -49.99 -14.83
CA VAL B 377 -30.51 -51.23 -15.02
C VAL B 377 -29.53 -52.40 -15.07
N VAL B 378 -29.79 -53.42 -14.27
CA VAL B 378 -28.96 -54.61 -14.19
C VAL B 378 -29.72 -55.74 -14.87
N VAL B 379 -29.08 -56.38 -15.85
CA VAL B 379 -29.67 -57.48 -16.61
C VAL B 379 -28.80 -58.72 -16.42
N SER B 380 -29.43 -59.81 -16.01
CA SER B 380 -28.70 -61.06 -15.84
C SER B 380 -28.41 -61.70 -17.19
N GLU B 381 -27.33 -62.49 -17.23
CA GLU B 381 -26.94 -63.12 -18.48
C GLU B 381 -28.01 -64.09 -18.96
N LYS B 382 -28.65 -64.80 -18.03
CA LYS B 382 -29.72 -65.72 -18.41
C LYS B 382 -30.78 -65.01 -19.24
N PHE B 383 -31.13 -63.78 -18.85
CA PHE B 383 -32.13 -63.05 -19.60
C PHE B 383 -31.66 -62.74 -21.00
N ILE B 384 -30.38 -62.38 -21.17
CA ILE B 384 -29.85 -62.10 -22.48
C ILE B 384 -29.95 -63.34 -23.37
N ASN B 385 -29.58 -64.49 -22.81
CA ASN B 385 -29.68 -65.74 -23.58
C ASN B 385 -31.13 -66.04 -23.92
N ASP B 386 -32.04 -65.80 -22.98
CA ASP B 386 -33.46 -66.09 -23.23
C ASP B 386 -34.00 -65.21 -24.35
N CYS B 387 -33.61 -63.93 -24.37
CA CYS B 387 -34.05 -63.06 -25.45
C CYS B 387 -33.47 -63.51 -26.78
N THR B 388 -32.20 -63.92 -26.79
CA THR B 388 -31.61 -64.47 -28.00
C THR B 388 -32.45 -65.64 -28.50
N GLU B 389 -32.79 -66.56 -27.60
CA GLU B 389 -33.60 -67.70 -28.01
C GLU B 389 -34.95 -67.25 -28.54
N LEU B 390 -35.56 -66.26 -27.88
CA LEU B 390 -36.85 -65.76 -28.33
C LEU B 390 -36.79 -65.29 -29.77
N PHE B 391 -35.74 -64.55 -30.12
CA PHE B 391 -35.56 -64.16 -31.52
C PHE B 391 -35.26 -65.36 -32.42
N ARG B 392 -34.67 -66.41 -31.86
CA ARG B 392 -34.09 -67.48 -32.68
C ARG B 392 -35.13 -68.16 -33.56
N GLU B 393 -36.32 -68.44 -33.02
CA GLU B 393 -37.31 -69.18 -33.79
C GLU B 393 -37.73 -68.43 -35.04
N LEU B 394 -38.11 -67.16 -34.88
CA LEU B 394 -38.48 -66.35 -36.04
C LEU B 394 -37.31 -66.17 -36.98
N MET B 395 -36.11 -66.03 -36.43
CA MET B 395 -34.93 -65.91 -37.27
C MET B 395 -34.78 -67.14 -38.16
N HIS B 396 -34.96 -68.33 -37.59
CA HIS B 396 -34.82 -69.56 -38.37
C HIS B 396 -35.93 -69.68 -39.41
N GLN B 397 -37.15 -69.31 -39.03
CA GLN B 397 -38.23 -69.31 -40.01
C GLN B 397 -37.89 -68.43 -41.21
N LYS B 398 -37.46 -67.19 -40.94
CA LYS B 398 -37.12 -66.29 -42.04
C LYS B 398 -35.93 -66.78 -42.84
N ALA B 399 -34.93 -67.37 -42.17
CA ALA B 399 -33.77 -67.89 -42.88
C ALA B 399 -34.16 -69.01 -43.82
N GLU B 400 -35.02 -69.92 -43.36
CA GLU B 400 -35.53 -70.96 -44.25
C GLU B 400 -36.30 -70.34 -45.40
N LYS B 401 -37.06 -69.28 -45.13
CA LYS B 401 -37.80 -68.61 -46.20
C LYS B 401 -36.85 -68.05 -47.25
N GLU B 402 -35.75 -67.44 -46.81
CA GLU B 402 -34.78 -66.83 -47.72
C GLU B 402 -33.71 -67.82 -48.19
N MET B 403 -33.75 -69.06 -47.72
CA MET B 403 -32.78 -70.07 -48.16
C MET B 403 -32.98 -70.40 -49.63
N PHE B 491 -28.88 -58.60 -40.09
CA PHE B 491 -30.22 -58.99 -39.72
C PHE B 491 -31.13 -57.79 -39.94
N MET B 492 -32.34 -57.79 -39.38
CA MET B 492 -33.19 -56.63 -39.58
C MET B 492 -32.59 -55.42 -38.87
N PHE B 493 -33.02 -54.24 -39.30
CA PHE B 493 -32.52 -53.01 -38.70
C PHE B 493 -32.83 -52.98 -37.21
N GLN B 494 -32.04 -52.19 -36.48
CA GLN B 494 -32.22 -52.12 -35.03
C GLN B 494 -33.64 -51.75 -34.67
N ASP B 495 -34.31 -50.96 -35.51
CA ASP B 495 -35.67 -50.54 -35.20
C ASP B 495 -36.59 -51.74 -35.03
N GLU B 496 -36.45 -52.73 -35.91
CA GLU B 496 -37.25 -53.95 -35.78
C GLU B 496 -36.93 -54.68 -34.48
N ILE B 497 -35.67 -54.67 -34.07
CA ILE B 497 -35.30 -55.30 -32.81
C ILE B 497 -35.99 -54.61 -31.65
N GLU B 498 -36.01 -53.27 -31.65
CA GLU B 498 -36.67 -52.56 -30.56
C GLU B 498 -38.18 -52.82 -30.60
N ASP B 499 -38.75 -52.93 -31.80
CA ASP B 499 -40.17 -53.29 -31.88
C ASP B 499 -40.43 -54.64 -31.26
N PHE B 500 -39.57 -55.62 -31.54
CA PHE B 500 -39.68 -56.94 -30.94
C PHE B 500 -39.62 -56.84 -29.41
N LEU B 501 -38.61 -56.14 -28.91
CA LEU B 501 -38.46 -55.99 -27.46
C LEU B 501 -39.70 -55.38 -26.84
N ARG B 502 -40.21 -54.31 -27.46
CA ARG B 502 -41.43 -53.68 -26.94
C ARG B 502 -42.59 -54.67 -26.93
N LYS B 503 -42.71 -55.45 -28.00
CA LYS B 503 -43.81 -56.41 -28.08
C LYS B 503 -43.74 -57.42 -26.95
N HIS B 504 -42.53 -57.87 -26.59
CA HIS B 504 -42.38 -58.93 -25.61
C HIS B 504 -41.84 -58.49 -24.26
N ILE B 505 -41.29 -57.27 -24.15
CA ILE B 505 -40.83 -56.73 -22.87
C ILE B 505 -41.61 -55.46 -22.60
N GLN B 506 -42.05 -55.30 -21.35
CA GLN B 506 -42.99 -54.25 -20.99
C GLN B 506 -42.46 -53.47 -19.79
N ASP B 507 -42.93 -52.22 -19.69
CA ASP B 507 -42.62 -51.35 -18.55
C ASP B 507 -41.11 -51.16 -18.41
N ALA B 508 -40.51 -50.56 -19.43
CA ALA B 508 -39.08 -50.31 -19.47
C ALA B 508 -38.82 -48.92 -20.00
N PRO B 509 -37.74 -48.28 -19.56
CA PRO B 509 -37.34 -47.00 -20.16
C PRO B 509 -36.88 -47.18 -21.60
N GLU B 510 -36.99 -46.11 -22.36
CA GLU B 510 -36.58 -46.15 -23.77
C GLU B 510 -35.10 -46.43 -23.90
N GLU B 511 -34.27 -45.80 -23.07
CA GLU B 511 -32.83 -46.02 -23.14
C GLU B 511 -32.50 -47.49 -22.95
N PHE B 512 -33.24 -48.18 -22.08
CA PHE B 512 -33.01 -49.61 -21.89
C PHE B 512 -33.25 -50.36 -23.19
N ILE B 513 -34.33 -50.03 -23.90
CA ILE B 513 -34.64 -50.70 -25.16
C ILE B 513 -33.53 -50.44 -26.16
N SER B 514 -33.09 -49.18 -26.27
CA SER B 514 -32.05 -48.85 -27.24
C SER B 514 -30.77 -49.61 -26.94
N GLU B 515 -30.33 -49.59 -25.68
CA GLU B 515 -29.09 -50.26 -25.32
C GLU B 515 -29.19 -51.77 -25.53
N LEU B 516 -30.33 -52.36 -25.16
CA LEU B 516 -30.49 -53.79 -25.32
C LEU B 516 -30.46 -54.18 -26.79
N ALA B 517 -31.13 -53.41 -27.65
CA ALA B 517 -31.07 -53.69 -29.07
C ALA B 517 -29.64 -53.61 -29.58
N GLU B 518 -28.95 -52.52 -29.24
CA GLU B 518 -27.56 -52.37 -29.69
C GLU B 518 -26.73 -53.56 -29.27
N TYR B 519 -26.85 -53.96 -28.01
CA TYR B 519 -26.08 -55.11 -27.52
C TYR B 519 -26.43 -56.37 -28.30
N LEU B 520 -27.72 -56.58 -28.55
CA LEU B 520 -28.16 -57.81 -29.21
C LEU B 520 -27.82 -57.84 -30.69
N ILE B 521 -27.45 -56.71 -31.29
CA ILE B 521 -27.25 -56.67 -32.73
C ILE B 521 -26.26 -57.74 -33.17
N LYS B 522 -25.13 -57.81 -32.49
CA LYS B 522 -24.04 -58.68 -32.94
C LYS B 522 -24.32 -60.15 -32.63
N PRO B 523 -24.55 -60.50 -31.36
CA PRO B 523 -24.79 -61.92 -31.06
C PRO B 523 -25.97 -62.50 -31.82
N LEU B 524 -27.04 -61.72 -31.96
CA LEU B 524 -28.18 -62.16 -32.75
C LEU B 524 -27.77 -62.39 -34.20
N ASN B 525 -26.90 -61.54 -34.73
CA ASN B 525 -26.42 -61.71 -36.10
C ASN B 525 -25.63 -63.01 -36.23
N LYS B 526 -24.77 -63.29 -35.26
CA LYS B 526 -24.02 -64.54 -35.30
C LYS B 526 -24.95 -65.74 -35.25
N THR B 527 -25.98 -65.66 -34.41
CA THR B 527 -26.96 -66.74 -34.35
C THR B 527 -27.64 -66.92 -35.70
N TYR B 528 -28.00 -65.81 -36.36
CA TYR B 528 -28.66 -65.93 -37.65
C TYR B 528 -27.74 -66.55 -38.69
N LEU B 529 -26.46 -66.16 -38.69
CA LEU B 529 -25.51 -66.75 -39.63
C LEU B 529 -25.39 -68.25 -39.40
N GLU B 530 -25.27 -68.66 -38.13
CA GLU B 530 -25.20 -70.07 -37.82
C GLU B 530 -26.46 -70.79 -38.27
N VAL B 531 -27.61 -70.16 -38.07
CA VAL B 531 -28.88 -70.78 -38.46
C VAL B 531 -28.95 -70.94 -39.97
N VAL B 532 -28.49 -69.94 -40.71
CA VAL B 532 -28.47 -70.04 -42.16
C VAL B 532 -27.59 -71.21 -42.59
N ARG B 533 -26.41 -71.31 -42.00
CA ARG B 533 -25.50 -72.41 -42.36
C ARG B 533 -26.13 -73.75 -42.03
N SER B 534 -26.78 -73.86 -40.87
CA SER B 534 -27.39 -75.12 -40.47
C SER B 534 -28.54 -75.50 -41.40
N VAL B 535 -29.36 -74.53 -41.79
CA VAL B 535 -30.44 -74.82 -42.74
C VAL B 535 -29.86 -75.24 -44.08
N PHE B 536 -28.79 -74.57 -44.52
CA PHE B 536 -28.15 -74.96 -45.77
C PHE B 536 -27.67 -76.40 -45.71
N MET B 537 -27.05 -76.78 -44.59
CA MET B 537 -26.59 -78.16 -44.44
C MET B 537 -27.76 -79.13 -44.46
N SER B 538 -28.77 -78.88 -43.62
CA SER B 538 -29.90 -79.80 -43.52
C SER B 538 -30.58 -79.97 -44.87
N SER B 539 -30.68 -78.90 -45.65
CA SER B 539 -31.21 -78.98 -47.00
C SER B 539 -30.18 -79.51 -48.00
N THR B 540 -28.93 -79.71 -47.56
CA THR B 540 -27.86 -80.09 -48.45
C THR B 540 -27.01 -81.24 -47.93
N THR B 541 -27.33 -81.82 -46.77
CA THR B 541 -26.58 -82.97 -46.28
C THR B 541 -26.64 -84.13 -47.28
N SER B 542 -27.64 -84.14 -48.14
CA SER B 542 -27.69 -85.06 -49.26
C SER B 542 -27.30 -84.41 -50.59
N ALA B 543 -27.58 -83.12 -50.76
CA ALA B 543 -27.25 -82.45 -52.01
C ALA B 543 -25.78 -82.03 -52.01
N SER B 544 -25.39 -81.13 -51.10
CA SER B 544 -23.98 -80.80 -50.97
C SER B 544 -23.21 -81.91 -50.27
N GLY B 545 -23.89 -82.78 -49.52
CA GLY B 545 -23.21 -83.98 -49.06
C GLY B 545 -22.70 -84.82 -50.21
N THR B 546 -23.57 -85.06 -51.20
CA THR B 546 -23.11 -85.73 -52.42
C THR B 546 -22.12 -84.87 -53.18
N GLY B 547 -22.28 -83.56 -53.16
CA GLY B 547 -21.31 -82.69 -53.81
C GLY B 547 -19.90 -82.90 -53.27
N ARG B 548 -19.77 -82.96 -51.94
CA ARG B 548 -18.47 -83.12 -51.31
C ARG B 548 -17.96 -84.56 -51.43
N LYS B 549 -18.84 -85.54 -51.24
CA LYS B 549 -18.40 -86.94 -51.19
C LYS B 549 -18.26 -87.54 -52.58
N ARG B 550 -19.33 -87.54 -53.37
CA ARG B 550 -19.35 -88.20 -54.67
C ARG B 550 -18.99 -87.27 -55.82
N THR B 551 -19.51 -86.05 -55.84
CA THR B 551 -19.36 -85.20 -57.03
C THR B 551 -17.90 -84.87 -57.29
N ILE B 552 -17.14 -84.53 -56.25
CA ILE B 552 -15.74 -84.16 -56.46
C ILE B 552 -15.01 -85.22 -57.28
N LYS B 553 -15.38 -86.48 -57.09
CA LYS B 553 -14.77 -87.56 -57.85
C LYS B 553 -15.03 -87.41 -59.34
N ASP B 554 -16.09 -86.70 -59.71
CA ASP B 554 -16.39 -86.43 -61.12
C ASP B 554 -15.91 -85.06 -61.56
N LEU B 555 -15.88 -84.08 -60.66
CA LEU B 555 -15.31 -82.79 -60.99
C LEU B 555 -13.85 -82.92 -61.38
N GLN B 556 -13.08 -83.67 -60.60
CA GLN B 556 -11.69 -83.87 -60.96
C GLN B 556 -11.56 -84.52 -62.33
N GLU B 557 -12.39 -85.53 -62.60
CA GLU B 557 -12.29 -86.24 -63.88
C GLU B 557 -12.60 -85.33 -65.05
N GLU B 558 -13.66 -84.53 -64.93
CA GLU B 558 -14.09 -83.76 -66.09
C GLU B 558 -13.18 -82.56 -66.31
N VAL B 559 -12.69 -81.95 -65.23
CA VAL B 559 -11.64 -80.96 -65.38
C VAL B 559 -10.40 -81.60 -65.99
N SER B 560 -10.13 -82.87 -65.68
CA SER B 560 -8.99 -83.53 -66.29
C SER B 560 -9.17 -83.65 -67.80
N ASN B 561 -10.36 -84.05 -68.23
CA ASN B 561 -10.62 -84.14 -69.66
C ASN B 561 -10.40 -82.79 -70.33
N LEU B 562 -10.99 -81.74 -69.77
CA LEU B 562 -10.85 -80.42 -70.39
C LEU B 562 -9.41 -79.93 -70.39
N TYR B 563 -8.69 -80.15 -69.28
CA TYR B 563 -7.31 -79.68 -69.20
C TYR B 563 -6.43 -80.41 -70.20
N ASN B 564 -6.49 -81.73 -70.22
CA ASN B 564 -5.75 -82.45 -71.25
C ASN B 564 -6.18 -82.00 -72.64
N ASN B 565 -7.41 -81.53 -72.79
CA ASN B 565 -7.88 -81.11 -74.10
C ASN B 565 -7.18 -79.83 -74.55
N ILE B 566 -7.08 -78.84 -73.65
CA ILE B 566 -6.55 -77.54 -74.07
C ILE B 566 -5.10 -77.65 -74.55
N ARG B 567 -4.41 -78.73 -74.23
CA ARG B 567 -3.01 -78.86 -74.58
C ARG B 567 -2.80 -78.94 -76.09
N LEU B 568 -3.53 -79.83 -76.76
CA LEU B 568 -3.28 -79.98 -78.18
C LEU B 568 -3.75 -78.76 -78.95
N PHE B 569 -4.65 -77.96 -78.38
CA PHE B 569 -5.00 -76.71 -79.04
C PHE B 569 -3.96 -75.64 -78.74
N GLU B 570 -3.21 -75.78 -77.66
CA GLU B 570 -1.97 -75.01 -77.54
C GLU B 570 -1.01 -75.37 -78.68
N LYS B 571 -0.89 -76.67 -78.98
CA LYS B 571 -0.14 -77.07 -80.15
C LYS B 571 -0.64 -76.36 -81.39
N GLY B 572 -1.96 -76.42 -81.61
CA GLY B 572 -2.54 -75.81 -82.79
C GLY B 572 -2.21 -74.33 -82.88
N MET B 573 -2.40 -73.60 -81.79
CA MET B 573 -2.11 -72.17 -81.80
C MET B 573 -0.63 -71.92 -82.10
N LYS B 574 0.25 -72.78 -81.59
CA LYS B 574 1.67 -72.60 -81.88
C LYS B 574 1.97 -72.80 -83.36
N PHE B 575 1.35 -73.79 -83.99
CA PHE B 575 1.77 -74.19 -85.33
C PHE B 575 1.42 -73.15 -86.39
N PHE B 576 0.19 -72.65 -86.36
CA PHE B 576 -0.32 -71.87 -87.49
C PHE B 576 0.28 -70.46 -87.51
N ALA B 577 -0.14 -69.67 -88.49
CA ALA B 577 0.44 -68.35 -88.75
C ALA B 577 -0.10 -67.32 -87.75
N ASP B 578 0.47 -66.11 -87.81
CA ASP B 578 0.30 -65.15 -86.74
C ASP B 578 -1.13 -64.58 -86.70
N ASP B 579 -1.67 -64.16 -87.85
CA ASP B 579 -3.08 -63.77 -87.88
C ASP B 579 -3.98 -64.97 -87.70
N THR B 580 -3.68 -66.07 -88.40
CA THR B 580 -4.38 -67.31 -88.14
C THR B 580 -4.28 -67.68 -86.67
N GLN B 581 -3.10 -67.50 -86.09
CA GLN B 581 -2.93 -67.79 -84.68
C GLN B 581 -3.85 -66.92 -83.83
N ALA B 582 -3.96 -65.64 -84.18
CA ALA B 582 -4.84 -64.76 -83.42
C ALA B 582 -6.26 -65.28 -83.44
N ALA B 583 -6.73 -65.66 -84.63
CA ALA B 583 -8.09 -66.19 -84.74
C ALA B 583 -8.26 -67.44 -83.87
N LEU B 584 -7.33 -68.39 -84.00
CA LEU B 584 -7.48 -69.66 -83.29
C LEU B 584 -7.44 -69.44 -81.79
N THR B 585 -6.49 -68.63 -81.32
CA THR B 585 -6.36 -68.39 -79.90
C THR B 585 -7.59 -67.70 -79.34
N LYS B 586 -8.12 -66.71 -80.07
CA LYS B 586 -9.32 -66.02 -79.61
C LYS B 586 -10.47 -67.00 -79.47
N HIS B 587 -10.68 -67.85 -80.48
CA HIS B 587 -11.82 -68.76 -80.42
C HIS B 587 -11.63 -69.81 -79.34
N LEU B 588 -10.41 -70.28 -79.12
CA LEU B 588 -10.16 -71.24 -78.04
C LEU B 588 -10.46 -70.61 -76.69
N LEU B 589 -9.94 -69.41 -76.44
CA LEU B 589 -10.18 -68.75 -75.16
C LEU B 589 -11.66 -68.45 -74.98
N LYS B 590 -12.38 -68.19 -76.08
CA LYS B 590 -13.81 -67.99 -75.97
C LYS B 590 -14.52 -69.27 -75.56
N SER B 591 -14.23 -70.37 -76.24
CA SER B 591 -15.02 -71.59 -76.06
C SER B 591 -14.57 -72.42 -74.86
N VAL B 592 -13.35 -72.93 -74.87
CA VAL B 592 -13.00 -74.01 -73.95
C VAL B 592 -12.49 -73.48 -72.61
N CYS B 593 -11.69 -72.43 -72.61
CA CYS B 593 -11.15 -71.91 -71.35
C CYS B 593 -12.28 -71.57 -70.39
N THR B 594 -13.26 -70.81 -70.86
CA THR B 594 -14.46 -70.59 -70.07
C THR B 594 -15.05 -71.92 -69.64
N ASP B 595 -15.02 -72.91 -70.54
CA ASP B 595 -15.60 -74.22 -70.23
C ASP B 595 -15.03 -74.81 -68.95
N ILE B 596 -13.73 -74.64 -68.72
CA ILE B 596 -13.12 -75.20 -67.50
C ILE B 596 -13.31 -74.27 -66.32
N THR B 597 -13.15 -72.95 -66.50
CA THR B 597 -13.24 -72.09 -65.34
C THR B 597 -14.64 -72.09 -64.74
N ASN B 598 -15.68 -72.28 -65.56
CA ASN B 598 -17.01 -72.35 -64.96
C ASN B 598 -17.11 -73.50 -63.97
N LEU B 599 -16.41 -74.60 -64.23
CA LEU B 599 -16.45 -75.73 -63.31
C LEU B 599 -15.98 -75.31 -61.93
N ILE B 600 -14.82 -74.66 -61.88
CA ILE B 600 -14.26 -74.23 -60.61
C ILE B 600 -15.16 -73.19 -59.95
N PHE B 601 -15.75 -72.30 -60.75
CA PHE B 601 -16.65 -71.31 -60.15
C PHE B 601 -17.89 -71.98 -59.59
N ASN B 602 -18.42 -73.00 -60.26
CA ASN B 602 -19.56 -73.73 -59.71
C ASN B 602 -19.20 -74.41 -58.41
N PHE B 603 -18.03 -75.06 -58.38
CA PHE B 603 -17.61 -75.73 -57.16
C PHE B 603 -17.51 -74.73 -56.02
N LEU B 604 -16.89 -73.58 -56.28
CA LEU B 604 -16.76 -72.56 -55.24
C LEU B 604 -18.13 -72.07 -54.79
N ALA B 605 -18.99 -71.68 -55.73
CA ALA B 605 -20.32 -71.18 -55.37
C ALA B 605 -21.14 -72.24 -54.65
N SER B 606 -20.74 -73.52 -54.77
CA SER B 606 -21.39 -74.55 -53.97
C SER B 606 -21.33 -74.22 -52.49
N ASP B 607 -20.29 -73.49 -52.06
CA ASP B 607 -20.23 -73.04 -50.68
C ASP B 607 -21.36 -72.07 -50.37
N LEU B 608 -21.53 -71.04 -51.20
CA LEU B 608 -22.59 -70.06 -50.99
C LEU B 608 -23.92 -70.50 -51.56
N MET B 609 -23.94 -71.55 -52.38
CA MET B 609 -25.14 -72.21 -52.88
C MET B 609 -25.86 -71.43 -53.97
N MET B 610 -25.39 -70.23 -54.33
CA MET B 610 -26.01 -69.47 -55.41
C MET B 610 -25.59 -69.96 -56.79
N ALA B 611 -24.97 -71.14 -56.87
CA ALA B 611 -24.59 -71.69 -58.16
C ALA B 611 -25.85 -72.02 -58.98
N VAL B 612 -25.61 -72.50 -60.19
CA VAL B 612 -26.67 -72.88 -61.11
C VAL B 612 -26.42 -74.32 -61.56
N ASP B 613 -27.47 -75.13 -61.55
CA ASP B 613 -27.33 -76.55 -61.85
C ASP B 613 -26.64 -76.81 -63.17
N ASP B 614 -26.59 -75.81 -64.06
CA ASP B 614 -25.91 -75.94 -65.35
C ASP B 614 -24.57 -75.23 -65.29
N PRO B 615 -23.45 -75.93 -65.46
CA PRO B 615 -22.15 -75.25 -65.41
C PRO B 615 -22.00 -74.26 -66.56
N ALA B 616 -22.79 -74.44 -67.61
CA ALA B 616 -22.84 -73.47 -68.68
C ALA B 616 -23.52 -72.18 -68.27
N ALA B 617 -24.17 -72.17 -67.10
CA ALA B 617 -24.92 -71.01 -66.62
C ALA B 617 -24.06 -70.04 -65.81
N ILE B 618 -22.75 -70.04 -66.03
CA ILE B 618 -21.84 -69.11 -65.37
C ILE B 618 -21.50 -68.00 -66.34
N THR B 619 -21.61 -66.76 -65.88
CA THR B 619 -21.30 -65.58 -66.68
C THR B 619 -20.23 -64.75 -66.01
N SER B 620 -19.76 -63.72 -66.72
CA SER B 620 -18.75 -62.83 -66.17
C SER B 620 -19.26 -62.11 -64.93
N GLU B 621 -20.49 -61.59 -64.99
CA GLU B 621 -21.05 -60.91 -63.82
C GLU B 621 -21.23 -61.88 -62.67
N ILE B 622 -21.68 -63.10 -62.95
CA ILE B 622 -21.79 -64.11 -61.89
C ILE B 622 -20.41 -64.43 -61.33
N ARG B 623 -19.39 -64.42 -62.20
CA ARG B 623 -18.03 -64.65 -61.73
C ARG B 623 -17.60 -63.55 -60.76
N LYS B 624 -17.90 -62.30 -61.09
CA LYS B 624 -17.58 -61.20 -60.18
C LYS B 624 -18.32 -61.35 -58.87
N LYS B 625 -19.60 -61.70 -58.93
CA LYS B 625 -20.38 -61.87 -57.70
C LYS B 625 -19.81 -62.98 -56.83
N ILE B 626 -19.41 -64.09 -57.44
CA ILE B 626 -18.81 -65.19 -56.68
C ILE B 626 -17.50 -64.73 -56.05
N LEU B 627 -16.65 -64.08 -56.83
CA LEU B 627 -15.44 -63.50 -56.26
C LEU B 627 -15.77 -62.51 -55.16
N SER B 628 -16.95 -61.90 -55.23
CA SER B 628 -17.34 -60.92 -54.23
C SER B 628 -17.38 -61.50 -52.82
N LYS B 629 -17.47 -62.82 -52.70
CA LYS B 629 -17.56 -63.48 -51.39
C LYS B 629 -16.61 -64.67 -51.34
N LEU B 630 -15.36 -64.45 -51.73
CA LEU B 630 -14.36 -65.50 -51.78
C LEU B 630 -13.15 -65.10 -50.96
N SER B 631 -12.50 -66.11 -50.36
CA SER B 631 -11.36 -65.87 -49.49
C SER B 631 -10.22 -65.22 -50.26
N GLU B 632 -9.51 -64.30 -49.59
CA GLU B 632 -8.47 -63.53 -50.26
C GLU B 632 -7.41 -64.44 -50.86
N GLU B 633 -6.92 -65.41 -50.09
CA GLU B 633 -5.86 -66.29 -50.58
C GLU B 633 -6.28 -66.96 -51.89
N THR B 634 -7.46 -67.58 -51.91
CA THR B 634 -7.96 -68.18 -53.14
C THR B 634 -8.49 -67.12 -54.09
N LYS B 635 -8.93 -65.97 -53.58
CA LYS B 635 -9.47 -64.94 -54.45
C LYS B 635 -8.41 -64.43 -55.41
N VAL B 636 -7.17 -64.26 -54.94
CA VAL B 636 -6.11 -63.78 -55.82
C VAL B 636 -5.89 -64.77 -56.95
N ALA B 637 -5.80 -66.06 -56.62
CA ALA B 637 -5.59 -67.07 -57.65
C ALA B 637 -6.73 -67.08 -58.66
N LEU B 638 -7.97 -67.04 -58.18
CA LEU B 638 -9.11 -67.04 -59.09
C LEU B 638 -9.14 -65.79 -59.95
N THR B 639 -8.72 -64.65 -59.39
CA THR B 639 -8.64 -63.45 -60.19
C THR B 639 -7.62 -63.59 -61.31
N LYS B 640 -6.47 -64.19 -61.02
CA LYS B 640 -5.53 -64.47 -62.11
C LYS B 640 -6.19 -65.37 -63.15
N LEU B 641 -6.90 -66.39 -62.70
CA LEU B 641 -7.52 -67.32 -63.63
C LEU B 641 -8.53 -66.60 -64.53
N HIS B 642 -9.29 -65.66 -63.96
CA HIS B 642 -10.34 -65.00 -64.73
C HIS B 642 -9.76 -63.93 -65.66
N ASN B 643 -9.03 -62.96 -65.10
CA ASN B 643 -8.49 -61.91 -65.95
C ASN B 643 -7.59 -62.47 -67.03
N SER B 644 -7.05 -63.68 -66.83
CA SER B 644 -6.32 -64.35 -67.90
C SER B 644 -7.19 -64.54 -69.13
N LEU B 645 -8.51 -64.65 -68.96
CA LEU B 645 -9.39 -64.73 -70.13
C LEU B 645 -9.26 -63.48 -70.98
N ASN B 646 -9.13 -62.31 -70.34
CA ASN B 646 -8.94 -61.08 -71.09
C ASN B 646 -7.59 -61.03 -71.78
N GLU B 647 -6.68 -61.95 -71.48
CA GLU B 647 -5.35 -61.92 -72.04
C GLU B 647 -5.39 -62.21 -73.53
N LYS B 648 -4.21 -62.22 -74.15
CA LYS B 648 -4.05 -62.61 -75.54
C LYS B 648 -3.10 -63.79 -75.70
N SER B 649 -2.69 -64.42 -74.60
CA SER B 649 -1.82 -65.58 -74.63
C SER B 649 -2.40 -66.65 -73.71
N ILE B 650 -2.18 -67.91 -74.08
CA ILE B 650 -2.79 -69.02 -73.33
C ILE B 650 -1.85 -69.66 -72.34
N GLU B 651 -0.54 -69.44 -72.47
CA GLU B 651 0.39 -70.02 -71.51
C GLU B 651 0.18 -69.44 -70.12
N ASP B 652 0.00 -68.11 -70.05
CA ASP B 652 -0.33 -67.49 -68.78
C ASP B 652 -1.64 -68.06 -68.25
N PHE B 653 -2.58 -68.37 -69.15
CA PHE B 653 -3.82 -68.98 -68.71
C PHE B 653 -3.57 -70.34 -68.08
N ILE B 654 -2.75 -71.18 -68.71
CA ILE B 654 -2.47 -72.49 -68.13
C ILE B 654 -1.83 -72.33 -66.76
N SER B 655 -0.87 -71.42 -66.64
CA SER B 655 -0.20 -71.21 -65.36
C SER B 655 -1.21 -70.81 -64.29
N CYS B 656 -1.98 -69.76 -64.55
CA CYS B 656 -2.97 -69.31 -63.59
C CYS B 656 -4.00 -70.39 -63.31
N LEU B 657 -4.29 -71.24 -64.30
CA LEU B 657 -5.31 -72.27 -64.12
C LEU B 657 -4.82 -73.34 -63.15
N ASP B 658 -3.58 -73.79 -63.31
CA ASP B 658 -3.05 -74.75 -62.33
C ASP B 658 -2.94 -74.10 -60.95
N SER B 659 -2.55 -72.83 -60.91
CA SER B 659 -2.47 -72.14 -59.62
C SER B 659 -3.82 -72.12 -58.94
N ALA B 660 -4.87 -71.79 -59.67
CA ALA B 660 -6.22 -71.80 -59.11
C ALA B 660 -6.63 -73.21 -58.71
N ALA B 661 -6.32 -74.20 -59.54
CA ALA B 661 -6.76 -75.56 -59.29
C ALA B 661 -6.18 -76.08 -57.98
N GLU B 662 -4.88 -75.85 -57.77
CA GLU B 662 -4.29 -76.21 -56.47
C GLU B 662 -4.77 -75.27 -55.37
N ALA B 663 -5.17 -74.05 -55.71
CA ALA B 663 -5.69 -73.13 -54.72
C ALA B 663 -7.04 -73.57 -54.17
N CYS B 664 -7.69 -74.54 -54.81
CA CYS B 664 -9.00 -75.04 -54.38
C CYS B 664 -9.00 -76.56 -54.28
N ASP B 665 -7.83 -77.20 -54.31
CA ASP B 665 -7.72 -78.65 -54.23
C ASP B 665 -8.43 -79.33 -55.41
N ILE B 666 -7.92 -79.06 -56.60
CA ILE B 666 -8.38 -79.72 -57.83
C ILE B 666 -7.15 -80.37 -58.45
N MET B 667 -7.03 -81.67 -58.28
CA MET B 667 -5.83 -82.39 -58.72
C MET B 667 -5.84 -82.51 -60.24
N VAL B 668 -5.01 -81.72 -60.90
CA VAL B 668 -4.92 -81.70 -62.35
C VAL B 668 -3.78 -82.62 -62.76
N LYS B 669 -4.10 -83.67 -63.50
CA LYS B 669 -3.13 -84.67 -63.93
C LYS B 669 -2.85 -84.50 -65.41
N ARG B 670 -1.67 -83.97 -65.73
CA ARG B 670 -1.23 -83.93 -67.12
C ARG B 670 -1.13 -85.37 -67.64
N GLY B 671 -2.00 -85.73 -68.56
CA GLY B 671 -1.97 -87.08 -69.09
C GLY B 671 -0.65 -87.39 -69.77
N ASP B 672 -0.13 -88.59 -69.55
CA ASP B 672 1.16 -88.99 -70.07
C ASP B 672 1.04 -89.28 -71.57
N LYS B 673 2.11 -89.84 -72.15
CA LYS B 673 2.07 -90.18 -73.57
C LYS B 673 0.93 -91.14 -73.87
N LYS B 674 0.61 -92.05 -72.94
CA LYS B 674 -0.49 -92.97 -73.19
C LYS B 674 -1.83 -92.24 -73.15
N ARG B 675 -2.04 -91.39 -72.14
CA ARG B 675 -3.28 -90.60 -72.09
C ARG B 675 -3.38 -89.70 -73.31
N GLU B 676 -2.27 -89.07 -73.68
CA GLU B 676 -2.28 -88.20 -74.86
C GLU B 676 -2.62 -88.99 -76.12
N ARG B 677 -2.06 -90.18 -76.27
CA ARG B 677 -2.37 -91.00 -77.42
C ARG B 677 -3.85 -91.36 -77.45
N GLN B 678 -4.41 -91.70 -76.30
CA GLN B 678 -5.83 -92.04 -76.26
C GLN B 678 -6.67 -90.82 -76.62
N ILE B 679 -6.26 -89.63 -76.18
CA ILE B 679 -7.00 -88.42 -76.53
C ILE B 679 -6.98 -88.20 -78.03
N LEU B 680 -5.80 -88.32 -78.65
CA LEU B 680 -5.71 -88.13 -80.09
C LEU B 680 -6.57 -89.13 -80.83
N PHE B 681 -6.49 -90.41 -80.45
CA PHE B 681 -7.29 -91.43 -81.11
C PHE B 681 -8.77 -91.16 -80.95
N GLN B 682 -9.20 -90.78 -79.74
CA GLN B 682 -10.61 -90.52 -79.51
C GLN B 682 -11.09 -89.35 -80.34
N HIS B 683 -10.28 -88.30 -80.46
CA HIS B 683 -10.70 -87.17 -81.29
C HIS B 683 -10.83 -87.57 -82.75
N ARG B 684 -9.88 -88.36 -83.26
CA ARG B 684 -9.99 -88.79 -84.65
C ARG B 684 -11.26 -89.61 -84.84
N GLN B 685 -11.54 -90.52 -83.92
CA GLN B 685 -12.72 -91.37 -84.06
C GLN B 685 -13.99 -90.55 -84.00
N ALA B 686 -14.07 -89.62 -83.05
CA ALA B 686 -15.27 -88.81 -82.90
C ALA B 686 -15.50 -87.97 -84.14
N LEU B 687 -14.45 -87.36 -84.68
CA LEU B 687 -14.61 -86.54 -85.88
C LEU B 687 -15.04 -87.39 -87.07
N ALA B 688 -14.40 -88.55 -87.25
CA ALA B 688 -14.77 -89.42 -88.36
C ALA B 688 -16.25 -89.81 -88.28
N GLU B 689 -16.69 -90.25 -87.10
CA GLU B 689 -18.10 -90.61 -86.94
C GLU B 689 -19.00 -89.41 -87.17
N GLN B 690 -18.62 -88.24 -86.64
CA GLN B 690 -19.48 -87.07 -86.74
C GLN B 690 -19.69 -86.66 -88.18
N LEU B 691 -18.63 -86.62 -88.98
CA LEU B 691 -18.78 -86.13 -90.34
C LEU B 691 -19.11 -87.23 -91.34
N LYS B 692 -19.11 -88.50 -90.91
CA LYS B 692 -19.77 -89.53 -91.69
C LYS B 692 -21.23 -89.73 -91.27
N VAL B 693 -21.68 -89.07 -90.21
CA VAL B 693 -23.06 -89.16 -89.75
C VAL B 693 -23.79 -87.83 -89.91
N THR B 694 -23.22 -86.75 -89.38
CA THR B 694 -23.91 -85.45 -89.40
C THR B 694 -24.11 -84.98 -90.84
N GLU B 695 -25.17 -84.19 -91.04
CA GLU B 695 -25.63 -83.81 -92.37
C GLU B 695 -25.48 -82.32 -92.66
N ASP B 696 -24.77 -81.57 -91.83
CA ASP B 696 -24.56 -80.16 -92.09
C ASP B 696 -23.44 -79.97 -93.09
N PRO B 697 -23.68 -79.31 -94.24
CA PRO B 697 -22.63 -79.25 -95.27
C PRO B 697 -21.39 -78.49 -94.84
N ALA B 698 -21.56 -77.26 -94.35
CA ALA B 698 -20.40 -76.50 -93.92
C ALA B 698 -19.67 -77.20 -92.78
N LEU B 699 -20.42 -77.70 -91.79
CA LEU B 699 -19.80 -78.44 -90.71
C LEU B 699 -19.10 -79.67 -91.24
N ILE B 700 -19.67 -80.31 -92.26
CA ILE B 700 -19.04 -81.49 -92.86
C ILE B 700 -17.67 -81.11 -93.42
N LEU B 701 -17.62 -80.03 -94.20
CA LEU B 701 -16.35 -79.59 -94.77
C LEU B 701 -15.36 -79.21 -93.67
N HIS B 702 -15.84 -78.50 -92.65
CA HIS B 702 -14.96 -78.08 -91.56
C HIS B 702 -14.34 -79.28 -90.87
N LEU B 703 -15.17 -80.28 -90.55
CA LEU B 703 -14.65 -81.49 -89.93
C LEU B 703 -13.66 -82.19 -90.86
N THR B 704 -13.97 -82.24 -92.16
CA THR B 704 -13.08 -82.92 -93.10
C THR B 704 -11.71 -82.26 -93.12
N SER B 705 -11.67 -80.94 -93.27
CA SER B 705 -10.39 -80.23 -93.31
C SER B 705 -9.62 -80.42 -92.02
N VAL B 706 -10.29 -80.25 -90.88
CA VAL B 706 -9.58 -80.39 -89.61
C VAL B 706 -9.01 -81.78 -89.48
N LEU B 707 -9.79 -82.80 -89.82
CA LEU B 707 -9.31 -84.17 -89.74
C LEU B 707 -8.10 -84.39 -90.63
N LEU B 708 -8.14 -83.82 -91.84
CA LEU B 708 -6.99 -83.94 -92.72
C LEU B 708 -5.74 -83.36 -92.06
N PHE B 709 -5.89 -82.18 -91.44
CA PHE B 709 -4.76 -81.58 -90.74
C PHE B 709 -4.26 -82.50 -89.63
N GLN B 710 -5.19 -83.03 -88.84
CA GLN B 710 -4.83 -83.89 -87.72
C GLN B 710 -4.04 -85.10 -88.22
N PHE B 711 -4.58 -85.80 -89.20
CA PHE B 711 -3.92 -87.00 -89.70
C PHE B 711 -2.53 -86.68 -90.24
N SER B 712 -2.44 -85.69 -91.13
CA SER B 712 -1.17 -85.35 -91.74
C SER B 712 -0.19 -84.67 -90.78
N THR B 713 -0.64 -84.28 -89.58
CA THR B 713 0.20 -83.56 -88.64
C THR B 713 0.28 -84.20 -87.25
N HIS B 714 -0.68 -85.03 -86.87
CA HIS B 714 -0.64 -85.72 -85.59
C HIS B 714 -0.66 -84.73 -84.42
N SER B 715 -1.76 -83.99 -84.34
CA SER B 715 -2.03 -83.04 -83.26
C SER B 715 -3.46 -82.53 -83.43
N MET B 716 -4.16 -82.36 -82.31
CA MET B 716 -5.56 -81.99 -82.38
C MET B 716 -5.69 -80.51 -82.74
N LEU B 717 -6.90 -80.13 -83.14
CA LEU B 717 -7.15 -78.76 -83.58
C LEU B 717 -8.58 -78.37 -83.29
N HIS B 718 -8.76 -77.10 -82.92
CA HIS B 718 -10.08 -76.56 -82.59
C HIS B 718 -10.14 -75.16 -83.19
N ALA B 719 -11.02 -74.96 -84.16
CA ALA B 719 -11.11 -73.75 -84.94
C ALA B 719 -12.54 -73.23 -84.96
N PRO B 720 -12.73 -71.94 -85.19
CA PRO B 720 -14.08 -71.38 -85.29
C PRO B 720 -14.68 -71.68 -86.66
N GLY B 721 -15.92 -71.24 -86.84
CA GLY B 721 -16.54 -71.24 -88.15
C GLY B 721 -16.15 -70.06 -89.01
N ARG B 722 -15.21 -69.23 -88.54
CA ARG B 722 -14.77 -68.05 -89.25
C ARG B 722 -13.31 -68.14 -89.68
N CYS B 723 -12.77 -69.37 -89.78
CA CYS B 723 -11.41 -69.58 -90.24
C CYS B 723 -11.27 -70.79 -91.16
N VAL B 724 -12.36 -71.49 -91.45
CA VAL B 724 -12.25 -72.78 -92.13
C VAL B 724 -11.43 -72.68 -93.41
N PRO B 725 -11.68 -71.72 -94.30
CA PRO B 725 -10.95 -71.71 -95.58
C PRO B 725 -9.45 -71.68 -95.43
N GLN B 726 -8.94 -71.00 -94.40
CA GLN B 726 -7.50 -70.89 -94.23
C GLN B 726 -6.85 -72.25 -94.04
N ILE B 727 -7.49 -73.13 -93.26
CA ILE B 727 -6.91 -74.44 -93.02
C ILE B 727 -6.85 -75.24 -94.32
N ILE B 728 -7.94 -75.21 -95.09
CA ILE B 728 -7.94 -75.88 -96.38
C ILE B 728 -6.85 -75.33 -97.27
N ALA B 729 -6.73 -73.99 -97.31
CA ALA B 729 -5.68 -73.37 -98.09
C ALA B 729 -4.31 -73.83 -97.62
N PHE B 730 -4.11 -73.90 -96.30
CA PHE B 730 -2.86 -74.44 -95.79
C PHE B 730 -2.65 -75.87 -96.23
N LEU B 731 -3.66 -76.72 -96.01
CA LEU B 731 -3.49 -78.16 -96.13
C LEU B 731 -3.22 -78.62 -97.55
N ASN B 732 -3.39 -77.75 -98.54
CA ASN B 732 -3.02 -78.13 -99.91
C ASN B 732 -1.59 -78.62 -99.97
N SER B 733 -0.76 -78.26 -98.99
CA SER B 733 0.62 -78.71 -98.90
C SER B 733 0.76 -80.10 -98.28
N LYS B 734 -0.33 -80.84 -98.09
CA LYS B 734 -0.25 -82.17 -97.51
C LYS B 734 -0.98 -83.23 -98.32
N ILE B 735 -2.09 -82.89 -98.96
CA ILE B 735 -2.99 -83.88 -99.55
C ILE B 735 -2.94 -83.77 -101.07
N PRO B 736 -3.57 -84.68 -101.81
CA PRO B 736 -3.60 -84.57 -103.27
C PRO B 736 -4.27 -83.28 -103.72
N GLU B 737 -4.37 -83.12 -105.04
CA GLU B 737 -4.99 -81.93 -105.59
C GLU B 737 -6.51 -82.08 -105.75
N ASP B 738 -6.99 -83.31 -105.97
CA ASP B 738 -8.41 -83.50 -106.24
C ASP B 738 -9.26 -83.27 -104.99
N GLN B 739 -8.86 -83.86 -103.86
CA GLN B 739 -9.61 -83.65 -102.62
C GLN B 739 -9.58 -82.18 -102.21
N HIS B 740 -8.41 -81.55 -102.32
CA HIS B 740 -8.33 -80.11 -102.11
C HIS B 740 -9.32 -79.36 -102.97
N ALA B 741 -9.34 -79.67 -104.27
CA ALA B 741 -10.21 -78.93 -105.18
C ALA B 741 -11.67 -79.11 -104.78
N LEU B 742 -12.05 -80.33 -104.42
CA LEU B 742 -13.43 -80.58 -104.01
C LEU B 742 -13.78 -79.78 -102.76
N LEU B 743 -12.87 -79.76 -101.78
CA LEU B 743 -13.13 -79.01 -100.56
C LEU B 743 -13.28 -77.53 -100.86
N VAL B 744 -12.39 -76.98 -101.69
CA VAL B 744 -12.43 -75.55 -101.99
C VAL B 744 -13.73 -75.21 -102.71
N LYS B 745 -14.13 -76.05 -103.67
CA LYS B 745 -15.35 -75.78 -104.43
C LYS B 745 -16.57 -75.87 -103.54
N TYR B 746 -16.58 -76.82 -102.60
CA TYR B 746 -17.70 -76.92 -101.67
C TYR B 746 -17.77 -75.68 -100.77
N GLN B 747 -16.62 -75.20 -100.30
CA GLN B 747 -16.63 -74.04 -99.41
C GLN B 747 -17.00 -72.77 -100.17
N GLY B 748 -16.64 -72.68 -101.45
CA GLY B 748 -16.85 -71.44 -102.19
C GLY B 748 -18.29 -71.02 -102.27
N LEU B 749 -19.21 -71.93 -101.95
CA LEU B 749 -20.63 -71.61 -101.95
C LEU B 749 -21.04 -70.86 -100.68
N GLN B 788 -24.54 -81.65 -103.41
CA GLN B 788 -25.23 -82.89 -103.08
C GLN B 788 -24.37 -84.09 -103.45
N GLU B 789 -24.31 -84.40 -104.75
CA GLU B 789 -23.48 -85.50 -105.22
C GLU B 789 -22.00 -85.22 -104.95
N LEU B 790 -21.56 -83.98 -105.21
CA LEU B 790 -20.16 -83.65 -104.98
C LEU B 790 -19.80 -83.70 -103.51
N SER B 791 -20.70 -83.19 -102.64
CA SER B 791 -20.44 -83.24 -101.21
C SER B 791 -20.39 -84.67 -100.70
N SER B 792 -21.19 -85.56 -101.29
CA SER B 792 -21.15 -86.96 -100.90
C SER B 792 -19.75 -87.54 -101.12
N SER B 793 -18.97 -86.94 -102.02
CA SER B 793 -17.59 -87.38 -102.21
C SER B 793 -16.71 -86.93 -101.05
N ILE B 794 -16.99 -85.77 -100.47
CA ILE B 794 -16.12 -85.21 -99.42
C ILE B 794 -15.98 -86.21 -98.27
N LYS B 795 -17.11 -86.72 -97.78
CA LYS B 795 -17.07 -87.66 -96.67
C LYS B 795 -16.36 -88.94 -97.06
N ASP B 796 -16.59 -89.41 -98.30
CA ASP B 796 -15.94 -90.63 -98.76
C ASP B 796 -14.42 -90.52 -98.69
N LEU B 797 -13.89 -89.31 -98.78
CA LEU B 797 -12.44 -89.12 -98.65
C LEU B 797 -11.96 -89.56 -97.27
N VAL B 798 -12.75 -89.26 -96.23
CA VAL B 798 -12.32 -89.54 -94.87
C VAL B 798 -12.14 -91.04 -94.65
N LEU B 799 -13.15 -91.83 -95.04
CA LEU B 799 -13.06 -93.27 -94.86
C LEU B 799 -12.06 -93.90 -95.82
N LYS B 800 -11.77 -93.25 -96.95
CA LYS B 800 -10.79 -93.73 -97.90
C LYS B 800 -9.41 -93.15 -97.66
N SER B 801 -9.26 -92.28 -96.67
CA SER B 801 -7.97 -91.67 -96.36
C SER B 801 -6.96 -92.74 -95.94
N GLN C 10 47.71 88.69 2.08
CA GLN C 10 46.75 89.66 2.68
C GLN C 10 45.43 88.99 3.01
N HIS C 11 44.64 88.70 1.98
CA HIS C 11 43.33 88.09 2.16
C HIS C 11 43.40 86.58 2.24
N VAL C 12 44.57 85.98 2.00
CA VAL C 12 44.75 84.55 2.23
C VAL C 12 44.35 84.28 3.66
N PRO C 13 43.20 83.66 3.91
CA PRO C 13 42.73 83.55 5.30
C PRO C 13 43.56 82.57 6.11
N ILE C 14 43.83 82.94 7.35
CA ILE C 14 44.64 82.12 8.26
C ILE C 14 43.77 80.99 8.78
N ASP C 15 43.87 79.82 8.15
CA ASP C 15 42.99 78.70 8.41
C ASP C 15 43.80 77.52 8.91
N ILE C 16 43.40 76.94 10.04
CA ILE C 16 44.09 75.81 10.63
C ILE C 16 43.04 74.86 11.22
N GLN C 17 43.35 73.57 11.23
CA GLN C 17 42.49 72.61 11.90
C GLN C 17 42.47 72.88 13.40
N THR C 18 41.31 72.64 14.02
CA THR C 18 41.10 73.10 15.39
C THR C 18 42.10 72.46 16.35
N SER C 19 42.23 71.14 16.32
CA SER C 19 43.04 70.44 17.32
C SER C 19 44.52 70.76 17.18
N LYS C 20 44.93 71.35 16.06
CA LYS C 20 46.33 71.67 15.84
C LYS C 20 46.69 73.07 16.30
N LEU C 21 45.72 73.82 16.82
CA LEU C 21 45.98 75.19 17.25
C LEU C 21 47.15 75.24 18.22
N LEU C 22 47.13 74.38 19.25
CA LEU C 22 48.23 74.35 20.20
C LEU C 22 49.54 73.98 19.50
N ASP C 23 49.51 72.97 18.65
CA ASP C 23 50.73 72.52 17.99
C ASP C 23 51.31 73.62 17.11
N TRP C 24 50.45 74.25 16.30
CA TRP C 24 50.92 75.32 15.43
C TRP C 24 51.45 76.49 16.24
N LEU C 25 50.74 76.87 17.31
CA LEU C 25 51.12 78.04 18.08
C LEU C 25 52.53 77.88 18.64
N VAL C 26 52.79 76.78 19.34
CA VAL C 26 54.12 76.56 19.90
C VAL C 26 55.14 76.45 18.78
N ASP C 27 54.74 75.83 17.65
CA ASP C 27 55.59 75.86 16.48
C ASP C 27 55.87 77.28 16.02
N ARG C 28 54.97 78.22 16.33
CA ARG C 28 55.20 79.62 16.04
C ARG C 28 55.97 80.33 17.15
N ARG C 29 56.29 79.63 18.23
CA ARG C 29 57.20 80.08 19.29
C ARG C 29 56.68 81.23 20.12
N HIS C 30 55.48 81.77 19.85
CA HIS C 30 54.96 82.80 20.75
C HIS C 30 54.74 82.25 22.14
N CYS C 31 54.60 80.92 22.25
CA CYS C 31 54.56 80.24 23.53
C CYS C 31 55.27 78.91 23.37
N SER C 32 55.77 78.38 24.48
CA SER C 32 56.51 77.13 24.46
C SER C 32 56.11 76.30 25.67
N LEU C 33 56.76 75.15 25.83
CA LEU C 33 56.41 74.22 26.89
C LEU C 33 56.75 74.80 28.25
N LYS C 34 56.35 74.07 29.30
CA LYS C 34 56.53 74.41 30.71
C LYS C 34 55.54 75.47 31.17
N TRP C 35 54.71 76.02 30.27
CA TRP C 35 53.74 77.01 30.66
C TRP C 35 52.75 76.48 31.69
N GLN C 36 52.59 75.15 31.78
CA GLN C 36 51.59 74.59 32.67
C GLN C 36 51.87 74.94 34.12
N SER C 37 53.13 74.84 34.54
CA SER C 37 53.48 75.22 35.89
C SER C 37 53.20 76.70 36.13
N LEU C 38 53.49 77.54 35.13
CA LEU C 38 53.19 78.96 35.25
C LEU C 38 51.70 79.18 35.46
N VAL C 39 50.87 78.42 34.73
CA VAL C 39 49.42 78.56 34.89
C VAL C 39 48.99 78.08 36.27
N LEU C 40 49.62 77.02 36.78
CA LEU C 40 49.28 76.55 38.12
C LEU C 40 49.61 77.61 39.16
N THR C 41 50.76 78.28 39.02
CA THR C 41 51.08 79.39 39.90
C THR C 41 50.08 80.52 39.75
N ILE C 42 49.69 80.82 38.50
CA ILE C 42 48.71 81.88 38.26
C ILE C 42 47.40 81.55 38.95
N ARG C 43 47.03 80.27 38.97
CA ARG C 43 45.83 79.86 39.70
C ARG C 43 46.03 79.97 41.20
N GLU C 44 47.24 79.66 41.68
CA GLU C 44 47.52 79.87 43.09
C GLU C 44 47.27 81.33 43.47
N LYS C 45 47.57 82.25 42.55
CA LYS C 45 47.26 83.67 42.79
C LYS C 45 45.78 83.96 42.60
N ILE C 46 45.14 83.30 41.64
CA ILE C 46 43.71 83.51 41.40
C ILE C 46 42.91 83.08 42.62
N ASN C 47 43.47 82.22 43.47
CA ASN C 47 42.82 81.94 44.75
C ASN C 47 42.65 83.24 45.54
N ALA C 48 43.74 83.98 45.70
CA ALA C 48 43.68 85.27 46.39
C ALA C 48 42.76 86.23 45.64
N ALA C 49 42.83 86.22 44.31
CA ALA C 49 41.97 87.09 43.52
C ALA C 49 40.50 86.73 43.69
N ILE C 50 40.19 85.48 44.02
CA ILE C 50 38.81 85.04 44.18
C ILE C 50 38.30 85.41 45.57
N GLN C 51 39.11 85.17 46.60
CA GLN C 51 38.71 85.59 47.94
C GLN C 51 38.29 87.05 47.93
N ASP C 52 39.12 87.91 47.36
CA ASP C 52 38.85 89.34 47.28
C ASP C 52 38.44 89.69 45.85
N MET C 53 37.19 90.13 45.70
CA MET C 53 36.61 90.55 44.43
C MET C 53 36.43 92.07 44.41
N PRO C 54 36.11 92.66 43.24
CA PRO C 54 35.85 94.10 43.22
C PRO C 54 34.81 94.54 44.26
N HIS C 69 39.84 84.49 33.22
CA HIS C 69 41.17 84.42 32.61
C HIS C 69 41.54 85.78 32.01
N TYR C 70 42.41 85.77 31.00
CA TYR C 70 43.01 87.02 30.55
C TYR C 70 41.98 88.01 30.02
N PHE C 71 40.99 87.54 29.28
CA PHE C 71 39.92 88.44 28.87
C PHE C 71 39.06 88.83 30.07
N HIS C 72 38.79 87.86 30.94
CA HIS C 72 38.22 88.22 32.24
C HIS C 72 39.18 89.12 33.00
N CYS C 73 40.50 88.96 32.79
CA CYS C 73 41.43 89.89 33.40
C CYS C 73 41.24 91.31 32.86
N LEU C 74 40.89 91.45 31.58
CA LEU C 74 40.62 92.78 31.04
C LEU C 74 39.34 93.36 31.63
N ARG C 75 38.30 92.53 31.77
CA ARG C 75 37.08 93.01 32.41
C ARG C 75 37.36 93.45 33.84
N ILE C 76 38.16 92.67 34.57
CA ILE C 76 38.37 92.98 35.98
C ILE C 76 39.24 94.22 36.07
N LEU C 77 40.14 94.43 35.10
CA LEU C 77 40.85 95.70 34.99
C LEU C 77 39.87 96.85 34.88
N ASP C 78 38.96 96.77 33.91
CA ASP C 78 38.01 97.85 33.71
C ASP C 78 37.19 98.11 34.96
N LEU C 79 36.92 97.06 35.75
CA LEU C 79 36.19 97.26 36.99
C LEU C 79 37.07 97.88 38.07
N LEU C 80 38.16 97.19 38.45
CA LEU C 80 39.00 97.65 39.55
C LEU C 80 39.47 99.08 39.35
N LYS C 81 39.74 99.47 38.10
CA LYS C 81 40.20 100.82 37.85
C LYS C 81 39.20 101.85 38.38
N GLY C 82 37.93 101.47 38.49
CA GLY C 82 36.93 102.32 39.11
C GLY C 82 36.67 101.97 40.56
N THR C 83 36.47 100.68 40.84
CA THR C 83 36.22 100.25 42.21
C THR C 83 37.41 100.53 43.11
N GLU C 84 38.61 100.28 42.61
CA GLU C 84 39.82 100.43 43.42
C GLU C 84 40.58 101.71 43.11
N TYR C 94 48.92 100.44 43.06
CA TYR C 94 47.69 100.49 43.83
C TYR C 94 47.94 100.28 45.31
N SER C 95 47.26 101.07 46.13
CA SER C 95 47.33 100.87 47.58
C SER C 95 46.78 99.50 47.95
N SER C 96 45.68 99.09 47.32
CA SER C 96 45.14 97.76 47.49
C SER C 96 45.83 96.79 46.52
N GLN C 97 45.81 95.51 46.89
CA GLN C 97 46.35 94.47 46.03
C GLN C 97 45.30 93.87 45.11
N ARG C 98 44.02 94.21 45.29
CA ARG C 98 42.97 93.58 44.52
C ARG C 98 43.20 93.73 43.02
N MET C 99 43.93 94.75 42.59
CA MET C 99 44.24 94.93 41.18
C MET C 99 45.72 94.73 40.87
N LYS C 100 46.61 94.95 41.84
CA LYS C 100 48.03 94.64 41.63
C LYS C 100 48.22 93.16 41.34
N ASP C 101 47.43 92.30 42.00
CA ASP C 101 47.48 90.87 41.69
C ASP C 101 47.26 90.65 40.21
N TRP C 102 46.19 91.25 39.67
CA TRP C 102 45.92 91.13 38.24
C TRP C 102 46.99 91.79 37.40
N GLN C 103 47.63 92.84 37.92
CA GLN C 103 48.69 93.50 37.17
C GLN C 103 49.84 92.54 36.93
N GLU C 104 50.34 91.91 38.00
CA GLU C 104 51.44 90.97 37.82
C GLU C 104 50.98 89.72 37.06
N ILE C 105 49.73 89.29 37.28
CA ILE C 105 49.21 88.15 36.55
C ILE C 105 49.21 88.44 35.05
N ILE C 106 48.78 89.63 34.66
CA ILE C 106 48.74 89.98 33.25
C ILE C 106 50.16 90.14 32.72
N ALA C 107 51.07 90.67 33.53
CA ALA C 107 52.46 90.74 33.11
C ALA C 107 52.98 89.37 32.73
N LEU C 108 52.73 88.37 33.59
CA LEU C 108 53.12 87.00 33.25
C LEU C 108 52.35 86.49 32.03
N TYR C 109 51.06 86.80 31.96
CA TYR C 109 50.21 86.27 30.89
C TYR C 109 50.71 86.71 29.53
N GLU C 110 51.08 87.99 29.40
CA GLU C 110 51.68 88.46 28.17
C GLU C 110 53.07 87.88 27.96
N LYS C 111 53.81 87.67 29.05
CA LYS C 111 55.13 87.07 28.93
C LYS C 111 55.04 85.80 28.10
N ASP C 112 55.80 85.77 27.01
CA ASP C 112 55.71 84.69 26.02
C ASP C 112 54.24 84.39 25.73
N ASN C 113 53.40 85.41 25.81
CA ASN C 113 51.97 85.29 25.49
C ASN C 113 51.36 84.08 26.19
N THR C 114 51.66 83.94 27.48
CA THR C 114 51.20 82.76 28.21
C THR C 114 49.68 82.66 28.18
N TYR C 115 49.00 83.79 28.27
CA TYR C 115 47.53 83.77 28.16
C TYR C 115 47.10 83.18 26.83
N LEU C 116 47.81 83.48 25.75
CA LEU C 116 47.41 82.97 24.46
C LEU C 116 47.40 81.44 24.46
N VAL C 117 48.49 80.83 24.93
CA VAL C 117 48.57 79.38 24.93
C VAL C 117 47.55 78.78 25.89
N GLU C 118 47.36 79.41 27.06
CA GLU C 118 46.39 78.87 28.01
C GLU C 118 44.99 78.85 27.41
N LEU C 119 44.57 79.97 26.82
CA LEU C 119 43.24 80.02 26.22
C LEU C 119 43.14 79.03 25.07
N SER C 120 44.19 78.91 24.26
CA SER C 120 44.15 77.97 23.15
C SER C 120 43.95 76.55 23.66
N SER C 121 44.67 76.16 24.71
CA SER C 121 44.50 74.83 25.27
C SER C 121 43.11 74.64 25.83
N LEU C 122 42.62 75.63 26.59
CA LEU C 122 41.26 75.57 27.10
C LEU C 122 40.29 75.22 25.99
N LEU C 123 40.28 76.04 24.94
CA LEU C 123 39.32 75.83 23.86
C LEU C 123 39.53 74.50 23.17
N VAL C 124 40.77 74.16 22.85
CA VAL C 124 41.03 72.92 22.13
C VAL C 124 40.47 71.75 22.91
N ARG C 125 40.83 71.65 24.20
CA ARG C 125 40.36 70.52 24.99
C ARG C 125 38.84 70.53 25.08
N ASN C 126 38.26 71.70 25.37
CA ASN C 126 36.83 71.78 25.57
C ASN C 126 36.07 71.31 24.34
N VAL C 127 36.61 71.54 23.14
CA VAL C 127 35.90 71.06 21.96
C VAL C 127 36.16 69.58 21.72
N ASN C 128 37.42 69.13 21.79
CA ASN C 128 37.67 67.78 21.28
C ASN C 128 37.36 66.70 22.31
N TYR C 129 37.34 67.01 23.60
CA TYR C 129 37.17 66.00 24.63
C TYR C 129 35.83 66.06 25.34
N GLU C 130 35.16 67.21 25.36
CA GLU C 130 33.93 67.39 26.13
C GLU C 130 32.68 67.36 25.26
N ILE C 131 32.70 68.04 24.11
CA ILE C 131 31.55 67.99 23.22
C ILE C 131 31.21 66.55 22.86
N PRO C 132 32.17 65.71 22.46
CA PRO C 132 31.83 64.29 22.24
C PRO C 132 31.23 63.66 23.47
N SER C 133 31.76 63.96 24.65
CA SER C 133 31.27 63.34 25.87
C SER C 133 29.80 63.66 26.10
N LEU C 134 29.46 64.95 26.09
CA LEU C 134 28.08 65.33 26.38
C LEU C 134 27.15 64.83 25.29
N LYS C 135 27.56 64.93 24.02
CA LYS C 135 26.67 64.46 22.96
C LYS C 135 26.42 62.96 23.08
N LYS C 136 27.46 62.19 23.43
CA LYS C 136 27.28 60.75 23.63
C LYS C 136 26.37 60.48 24.81
N GLN C 137 26.52 61.22 25.91
CA GLN C 137 25.65 60.99 27.06
C GLN C 137 24.19 61.24 26.71
N ILE C 138 23.91 62.33 26.01
CA ILE C 138 22.51 62.61 25.66
C ILE C 138 21.99 61.55 24.69
N ALA C 139 22.82 61.13 23.75
CA ALA C 139 22.38 60.08 22.82
C ALA C 139 22.06 58.79 23.58
N LYS C 140 22.90 58.43 24.55
CA LYS C 140 22.64 57.24 25.33
C LYS C 140 21.34 57.36 26.12
N CYS C 141 21.08 58.55 26.66
CA CYS C 141 19.82 58.75 27.37
C CYS C 141 18.63 58.53 26.44
N GLN C 142 18.68 59.09 25.23
CA GLN C 142 17.59 58.87 24.28
C GLN C 142 17.45 57.40 23.93
N GLN C 143 18.57 56.71 23.72
CA GLN C 143 18.50 55.29 23.40
C GLN C 143 17.84 54.51 24.53
N LEU C 144 18.22 54.81 25.76
CA LEU C 144 17.60 54.14 26.91
C LEU C 144 16.10 54.42 26.95
N GLN C 145 15.70 55.65 26.65
CA GLN C 145 14.28 55.97 26.63
C GLN C 145 13.56 55.12 25.60
N GLN C 146 14.14 54.98 24.41
CA GLN C 146 13.53 54.17 23.37
C GLN C 146 13.38 52.72 23.83
N GLU C 147 14.46 52.15 24.35
CA GLU C 147 14.41 50.74 24.75
C GLU C 147 13.38 50.52 25.84
N TYR C 148 13.34 51.42 26.83
CA TYR C 148 12.38 51.26 27.93
C TYR C 148 10.95 51.36 27.42
N SER C 149 10.68 52.29 26.51
CA SER C 149 9.33 52.39 25.96
C SER C 149 8.94 51.09 25.26
N ARG C 150 9.85 50.54 24.45
CA ARG C 150 9.54 49.30 23.75
C ARG C 150 9.26 48.17 24.73
N LYS C 151 10.07 48.06 25.78
CA LYS C 151 9.84 47.01 26.76
C LYS C 151 8.50 47.18 27.45
N GLU C 152 8.13 48.42 27.77
CA GLU C 152 6.83 48.67 28.40
C GLU C 152 5.70 48.20 27.50
N GLU C 153 5.77 48.57 26.21
CA GLU C 153 4.71 48.16 25.29
C GLU C 153 4.60 46.64 25.21
N GLU C 154 5.75 45.97 25.12
CA GLU C 154 5.73 44.51 25.05
C GLU C 154 5.10 43.91 26.30
N CYS C 155 5.45 44.43 27.47
CA CYS C 155 4.88 43.90 28.70
C CYS C 155 3.37 44.11 28.75
N GLN C 156 2.90 45.28 28.34
CA GLN C 156 1.45 45.50 28.33
C GLN C 156 0.76 44.51 27.41
N ALA C 157 1.32 44.29 26.23
CA ALA C 157 0.72 43.32 25.30
C ALA C 157 0.67 41.93 25.91
N GLY C 158 1.78 41.52 26.56
CA GLY C 158 1.79 40.20 27.18
C GLY C 158 0.75 40.06 28.27
N ALA C 159 0.57 41.11 29.08
CA ALA C 159 -0.43 41.06 30.14
C ALA C 159 -1.83 40.93 29.55
N ALA C 160 -2.12 41.68 28.49
CA ALA C 160 -3.43 41.54 27.86
C ALA C 160 -3.64 40.13 27.32
N GLU C 161 -2.63 39.56 26.68
CA GLU C 161 -2.75 38.20 26.16
C GLU C 161 -3.00 37.21 27.27
N MET C 162 -2.27 37.34 28.39
CA MET C 162 -2.46 36.43 29.50
C MET C 162 -3.87 36.55 30.07
N ARG C 163 -4.38 37.77 30.18
CA ARG C 163 -5.74 37.96 30.66
C ARG C 163 -6.73 37.24 29.75
N GLU C 164 -6.55 37.39 28.44
CA GLU C 164 -7.43 36.69 27.49
C GLU C 164 -7.36 35.18 27.70
N GLN C 165 -6.14 34.65 27.87
CA GLN C 165 -5.99 33.22 28.07
C GLN C 165 -6.70 32.76 29.33
N PHE C 166 -6.58 33.52 30.42
CA PHE C 166 -7.25 33.15 31.65
C PHE C 166 -8.76 33.13 31.47
N TYR C 167 -9.30 34.14 30.79
CA TYR C 167 -10.73 34.17 30.59
C TYR C 167 -11.19 32.98 29.74
N HIS C 168 -10.40 32.63 28.73
CA HIS C 168 -10.74 31.46 27.93
C HIS C 168 -10.74 30.20 28.78
N SER C 169 -9.77 30.06 29.67
CA SER C 169 -9.73 28.88 30.54
C SER C 169 -10.96 28.81 31.42
N CYS C 170 -11.28 29.89 32.12
CA CYS C 170 -12.44 29.82 33.02
C CYS C 170 -13.76 29.75 32.25
N LYS C 171 -13.75 30.05 30.95
CA LYS C 171 -14.90 29.71 30.13
C LYS C 171 -14.94 28.20 29.85
N GLN C 172 -13.78 27.61 29.54
CA GLN C 172 -13.72 26.18 29.32
C GLN C 172 -14.27 25.42 30.52
N TYR C 173 -13.93 25.86 31.72
CA TYR C 173 -14.44 25.22 32.93
C TYR C 173 -15.82 25.75 33.34
N GLY C 174 -16.39 26.68 32.58
CA GLY C 174 -17.71 27.17 32.90
C GLY C 174 -17.82 27.92 34.21
N ILE C 175 -16.90 28.83 34.48
CA ILE C 175 -16.98 29.72 35.63
C ILE C 175 -16.98 31.15 35.13
N THR C 176 -17.64 32.02 35.88
CA THR C 176 -17.82 33.39 35.43
C THR C 176 -16.49 34.12 35.31
N GLY C 177 -15.60 33.95 36.28
CA GLY C 177 -14.32 34.64 36.28
C GLY C 177 -13.97 35.24 37.62
N GLU C 178 -14.96 35.31 38.51
CA GLU C 178 -14.76 35.80 39.87
C GLU C 178 -14.13 34.69 40.70
N ASN C 179 -14.14 34.84 42.02
CA ASN C 179 -13.52 33.88 42.91
C ASN C 179 -13.76 32.45 42.43
N VAL C 180 -12.67 31.74 42.13
CA VAL C 180 -12.78 30.44 41.48
C VAL C 180 -13.36 29.39 42.43
N ARG C 181 -12.88 29.37 43.67
CA ARG C 181 -13.36 28.37 44.62
C ARG C 181 -14.85 28.51 44.86
N GLY C 182 -15.33 29.75 45.03
CA GLY C 182 -16.74 29.96 45.25
C GLY C 182 -17.58 29.49 44.07
N GLU C 183 -17.14 29.80 42.85
CA GLU C 183 -17.88 29.37 41.66
C GLU C 183 -17.91 27.86 41.56
N LEU C 184 -16.77 27.20 41.80
CA LEU C 184 -16.73 25.75 41.71
C LEU C 184 -17.65 25.11 42.75
N LEU C 185 -17.60 25.60 43.99
CA LEU C 185 -18.45 25.03 45.02
C LEU C 185 -19.92 25.27 44.71
N ALA C 186 -20.25 26.46 44.18
CA ALA C 186 -21.63 26.72 43.79
C ALA C 186 -22.08 25.74 42.70
N LEU C 187 -21.20 25.49 41.71
CA LEU C 187 -21.56 24.56 40.65
C LEU C 187 -21.83 23.17 41.19
N VAL C 188 -20.96 22.67 42.06
CA VAL C 188 -21.14 21.33 42.59
C VAL C 188 -22.40 21.27 43.47
N LYS C 189 -22.67 22.34 44.20
CA LYS C 189 -23.82 22.34 45.11
C LYS C 189 -25.14 22.14 44.38
N ASP C 190 -25.23 22.52 43.11
CA ASP C 190 -26.46 22.41 42.36
C ASP C 190 -26.69 21.02 41.77
N LEU C 191 -25.73 20.11 41.90
CA LEU C 191 -25.81 18.84 41.18
C LEU C 191 -27.03 18.02 41.56
N PRO C 192 -27.37 17.83 42.83
CA PRO C 192 -28.43 16.86 43.16
C PRO C 192 -29.82 17.32 42.75
N SER C 193 -29.96 17.78 41.49
CA SER C 193 -31.25 18.12 40.91
C SER C 193 -31.53 17.34 39.64
N GLN C 194 -30.58 17.31 38.71
CA GLN C 194 -30.80 16.62 37.44
C GLN C 194 -30.70 15.11 37.60
N LEU C 195 -29.89 14.64 38.55
CA LEU C 195 -29.82 13.22 38.82
C LEU C 195 -31.20 12.64 39.07
N ALA C 196 -32.07 13.42 39.71
CA ALA C 196 -33.45 12.98 39.91
C ALA C 196 -34.17 12.82 38.58
N GLU C 197 -33.92 13.72 37.63
CA GLU C 197 -34.55 13.58 36.32
C GLU C 197 -34.05 12.33 35.62
N ILE C 198 -32.75 12.05 35.72
CA ILE C 198 -32.21 10.83 35.14
C ILE C 198 -32.87 9.60 35.78
N GLY C 199 -33.02 9.63 37.10
CA GLY C 199 -33.66 8.52 37.78
C GLY C 199 -35.10 8.35 37.37
N ALA C 200 -35.83 9.44 37.22
CA ALA C 200 -37.22 9.35 36.78
C ALA C 200 -37.29 8.76 35.37
N ALA C 201 -36.41 9.18 34.48
CA ALA C 201 -36.39 8.61 33.14
C ALA C 201 -36.05 7.13 33.18
N ALA C 202 -35.15 6.74 34.08
CA ALA C 202 -34.77 5.34 34.19
C ALA C 202 -35.89 4.50 34.80
N GLN C 203 -36.75 5.11 35.61
CA GLN C 203 -37.86 4.37 36.20
C GLN C 203 -38.75 3.78 35.10
N GLN C 204 -38.98 4.55 34.05
CA GLN C 204 -39.71 4.07 32.88
C GLN C 204 -38.74 3.79 31.74
N SER C 205 -39.26 3.18 30.68
CA SER C 205 -38.57 2.88 29.44
C SER C 205 -37.62 1.69 29.58
N LEU C 206 -37.39 1.17 30.77
CA LEU C 206 -36.56 -0.01 30.97
C LEU C 206 -37.39 -1.26 31.24
N GLY C 207 -38.71 -1.14 31.32
CA GLY C 207 -39.52 -2.32 31.56
C GLY C 207 -39.38 -3.36 30.48
N GLU C 208 -39.46 -2.93 29.21
CA GLU C 208 -39.33 -3.87 28.11
C GLU C 208 -37.90 -4.37 27.97
N ALA C 209 -36.91 -3.51 28.19
CA ALA C 209 -35.52 -3.91 27.99
C ALA C 209 -35.09 -4.96 29.00
N ILE C 210 -35.35 -4.71 30.28
CA ILE C 210 -34.91 -5.63 31.31
C ILE C 210 -35.56 -6.99 31.12
N ASP C 211 -36.86 -7.01 30.83
CA ASP C 211 -37.56 -8.29 30.63
C ASP C 211 -37.03 -9.03 29.42
N VAL C 212 -36.81 -8.33 28.31
CA VAL C 212 -36.31 -8.99 27.11
C VAL C 212 -34.92 -9.56 27.35
N TYR C 213 -34.06 -8.79 28.01
CA TYR C 213 -32.73 -9.29 28.34
C TYR C 213 -32.79 -10.50 29.25
N GLN C 214 -33.64 -10.45 30.27
CA GLN C 214 -33.76 -11.58 31.19
C GLN C 214 -34.24 -12.83 30.48
N ALA C 215 -35.25 -12.69 29.63
CA ALA C 215 -35.74 -13.85 28.89
C ALA C 215 -34.70 -14.40 27.95
N SER C 216 -33.98 -13.52 27.24
CA SER C 216 -32.97 -13.98 26.31
C SER C 216 -31.84 -14.69 27.04
N VAL C 217 -31.45 -14.20 28.20
CA VAL C 217 -30.41 -14.87 28.99
C VAL C 217 -30.91 -16.23 29.44
N GLY C 218 -32.15 -16.30 29.94
CA GLY C 218 -32.67 -17.56 30.40
C GLY C 218 -32.77 -18.60 29.30
N PHE C 219 -33.10 -18.17 28.08
CA PHE C 219 -33.32 -19.10 26.98
C PHE C 219 -32.03 -19.46 26.25
N VAL C 220 -31.35 -18.46 25.69
CA VAL C 220 -30.19 -18.74 24.85
C VAL C 220 -29.02 -19.23 25.70
N CYS C 221 -28.82 -18.63 26.87
CA CYS C 221 -27.69 -18.99 27.71
C CYS C 221 -28.02 -20.05 28.75
N GLU C 222 -29.28 -20.50 28.80
CA GLU C 222 -29.66 -21.61 29.66
C GLU C 222 -29.27 -21.36 31.12
N SER C 223 -29.51 -20.13 31.57
CA SER C 223 -29.27 -19.74 32.96
C SER C 223 -30.51 -19.05 33.50
N PRO C 224 -31.60 -19.79 33.69
CA PRO C 224 -32.85 -19.16 34.14
C PRO C 224 -32.88 -18.85 35.63
N THR C 225 -32.07 -19.55 36.43
CA THR C 225 -32.05 -19.35 37.88
C THR C 225 -31.06 -18.27 38.28
N GLU C 226 -31.18 -17.10 37.66
CA GLU C 226 -30.32 -15.98 37.99
C GLU C 226 -31.02 -14.70 37.58
N GLN C 227 -30.84 -13.65 38.38
CA GLN C 227 -31.41 -12.34 38.09
C GLN C 227 -30.35 -11.49 37.40
N VAL C 228 -30.74 -10.83 36.31
CA VAL C 228 -29.84 -10.02 35.51
C VAL C 228 -30.14 -8.55 35.78
N LEU C 229 -29.07 -7.77 35.94
CA LEU C 229 -29.20 -6.33 36.15
C LEU C 229 -29.95 -6.04 37.45
N PRO C 230 -29.38 -6.38 38.60
CA PRO C 230 -30.11 -6.12 39.86
C PRO C 230 -30.42 -4.64 40.08
N MET C 231 -29.43 -3.76 39.98
CA MET C 231 -29.68 -2.36 40.31
C MET C 231 -30.64 -1.71 39.32
N LEU C 232 -30.65 -2.13 38.07
CA LEU C 232 -31.66 -1.64 37.15
C LEU C 232 -33.05 -2.08 37.59
N ARG C 233 -33.17 -3.31 38.08
CA ARG C 233 -34.47 -3.74 38.61
C ARG C 233 -34.88 -2.89 39.79
N PHE C 234 -33.92 -2.57 40.67
CA PHE C 234 -34.19 -1.64 41.76
C PHE C 234 -34.73 -0.31 41.21
N VAL C 235 -34.02 0.28 40.26
CA VAL C 235 -34.40 1.59 39.74
C VAL C 235 -35.72 1.53 38.99
N GLN C 236 -36.12 0.36 38.52
CA GLN C 236 -37.34 0.25 37.73
C GLN C 236 -38.53 0.84 38.46
N LYS C 237 -38.77 0.41 39.70
CA LYS C 237 -39.94 0.85 40.44
C LYS C 237 -39.60 1.20 41.89
N ARG C 238 -38.47 0.68 42.39
CA ARG C 238 -38.18 0.77 43.81
C ARG C 238 -37.49 2.07 44.20
N GLY C 239 -37.27 2.99 43.28
CA GLY C 239 -36.75 4.30 43.59
C GLY C 239 -35.39 4.54 42.97
N ASN C 240 -34.89 5.75 43.17
CA ASN C 240 -33.62 6.22 42.62
C ASN C 240 -32.84 7.00 43.68
N SER C 241 -32.80 6.47 44.90
CA SER C 241 -32.12 7.15 46.00
C SER C 241 -32.00 6.14 47.14
N THR C 242 -31.60 6.64 48.32
CA THR C 242 -31.55 5.83 49.54
C THR C 242 -30.59 4.66 49.36
N VAL C 243 -29.30 5.01 49.21
CA VAL C 243 -28.27 3.98 49.17
C VAL C 243 -28.34 3.10 50.41
N TYR C 244 -28.82 3.65 51.52
CA TYR C 244 -29.08 2.82 52.69
C TYR C 244 -30.10 1.73 52.37
N GLU C 245 -31.08 2.04 51.51
CA GLU C 245 -32.03 1.02 51.08
C GLU C 245 -31.33 -0.06 50.27
N TRP C 246 -30.44 0.33 49.36
CA TRP C 246 -29.72 -0.67 48.58
C TRP C 246 -28.88 -1.56 49.50
N ARG C 247 -28.24 -0.97 50.50
CA ARG C 247 -27.48 -1.77 51.45
C ARG C 247 -28.38 -2.74 52.19
N THR C 248 -29.56 -2.29 52.59
CA THR C 248 -30.50 -3.14 53.31
C THR C 248 -31.90 -3.05 52.71
N ASP C 344 -22.02 7.18 53.62
CA ASP C 344 -22.83 7.17 52.40
C ASP C 344 -24.02 8.11 52.55
N ALA C 345 -25.22 7.56 52.75
CA ALA C 345 -26.42 8.38 52.94
C ALA C 345 -26.59 9.38 51.80
N LEU C 346 -26.30 8.92 50.58
CA LEU C 346 -26.44 9.74 49.38
C LEU C 346 -27.26 8.96 48.36
N THR C 347 -27.81 9.69 47.39
CA THR C 347 -28.59 9.03 46.35
C THR C 347 -27.73 7.99 45.64
N LEU C 348 -28.40 7.14 44.86
CA LEU C 348 -27.71 6.00 44.27
C LEU C 348 -26.54 6.44 43.41
N LEU C 349 -26.73 7.48 42.60
CA LEU C 349 -25.68 7.95 41.71
C LEU C 349 -24.69 8.89 42.41
N GLU C 350 -25.02 9.40 43.60
CA GLU C 350 -24.06 10.22 44.33
C GLU C 350 -22.82 9.42 44.70
N TYR C 351 -23.01 8.18 45.16
CA TYR C 351 -21.89 7.33 45.48
C TYR C 351 -21.19 6.86 44.20
N THR C 352 -19.87 6.73 44.28
CA THR C 352 -19.09 6.37 43.10
C THR C 352 -19.22 4.90 42.72
N GLU C 353 -19.20 3.98 43.69
CA GLU C 353 -19.29 2.55 43.38
C GLU C 353 -20.65 2.17 42.80
N THR C 354 -21.73 2.61 43.44
CA THR C 354 -23.06 2.30 42.93
C THR C 354 -23.29 2.95 41.58
N ARG C 355 -22.80 4.18 41.40
CA ARG C 355 -22.94 4.83 40.10
C ARG C 355 -22.18 4.05 39.03
N ASN C 356 -20.99 3.59 39.35
CA ASN C 356 -20.24 2.80 38.38
C ASN C 356 -20.98 1.52 38.02
N GLN C 357 -21.56 0.86 39.01
CA GLN C 357 -22.32 -0.35 38.73
C GLN C 357 -23.54 -0.05 37.86
N PHE C 358 -24.24 1.03 38.15
CA PHE C 358 -25.41 1.39 37.36
C PHE C 358 -25.04 1.66 35.92
N LEU C 359 -23.96 2.41 35.69
CA LEU C 359 -23.53 2.69 34.33
C LEU C 359 -23.07 1.41 33.64
N ASP C 360 -22.41 0.52 34.38
CA ASP C 360 -21.99 -0.74 33.80
C ASP C 360 -23.19 -1.54 33.31
N GLU C 361 -24.25 -1.59 34.12
CA GLU C 361 -25.43 -2.33 33.71
C GLU C 361 -26.14 -1.66 32.54
N LEU C 362 -26.17 -0.33 32.52
CA LEU C 362 -26.76 0.35 31.37
C LEU C 362 -26.00 0.01 30.10
N MET C 363 -24.67 0.02 30.16
CA MET C 363 -23.88 -0.29 28.97
C MET C 363 -24.05 -1.75 28.56
N GLU C 364 -24.16 -2.65 29.53
CA GLU C 364 -24.38 -4.05 29.21
C GLU C 364 -25.71 -4.24 28.47
N LEU C 365 -26.78 -3.64 28.99
CA LEU C 365 -28.07 -3.73 28.31
C LEU C 365 -28.01 -3.10 26.93
N GLU C 366 -27.35 -1.94 26.81
CA GLU C 366 -27.31 -1.26 25.52
C GLU C 366 -26.55 -2.08 24.48
N ILE C 367 -25.44 -2.69 24.87
CA ILE C 367 -24.68 -3.49 23.92
C ILE C 367 -25.46 -4.74 23.54
N PHE C 368 -26.18 -5.33 24.50
CA PHE C 368 -27.04 -6.45 24.16
C PHE C 368 -28.05 -6.07 23.10
N LEU C 369 -28.76 -4.96 23.31
CA LEU C 369 -29.78 -4.57 22.36
C LEU C 369 -29.19 -4.20 21.01
N ALA C 370 -28.04 -3.53 21.00
CA ALA C 370 -27.40 -3.17 19.74
C ALA C 370 -27.01 -4.42 18.95
N GLN C 371 -26.44 -5.42 19.64
CA GLN C 371 -26.05 -6.64 18.95
C GLN C 371 -27.28 -7.39 18.44
N ARG C 372 -28.37 -7.39 19.20
CA ARG C 372 -29.60 -7.97 18.70
C ARG C 372 -30.04 -7.27 17.43
N ALA C 373 -29.94 -5.94 17.41
CA ALA C 373 -30.33 -5.19 16.22
C ALA C 373 -29.44 -5.54 15.03
N VAL C 374 -28.16 -5.78 15.28
CA VAL C 374 -27.27 -6.13 14.18
C VAL C 374 -27.69 -7.44 13.54
N GLU C 375 -28.04 -8.43 14.36
CA GLU C 375 -28.36 -9.76 13.82
C GLU C 375 -29.69 -9.76 13.09
N LEU C 376 -30.70 -9.09 13.65
CA LEU C 376 -32.02 -9.08 13.03
C LEU C 376 -32.02 -8.36 11.68
N SER C 377 -30.97 -7.61 11.37
CA SER C 377 -30.90 -6.93 10.08
C SER C 377 -30.92 -7.94 8.93
N GLU C 378 -30.17 -9.03 9.07
CA GLU C 378 -30.16 -10.06 8.04
C GLU C 378 -31.46 -10.83 8.03
N GLU C 379 -31.93 -11.19 6.84
CA GLU C 379 -33.14 -11.97 6.73
C GLU C 379 -32.98 -13.34 7.39
N ALA C 380 -34.03 -13.79 8.06
CA ALA C 380 -33.97 -15.04 8.80
C ALA C 380 -33.82 -16.22 7.85
N ASP C 381 -33.15 -17.26 8.34
CA ASP C 381 -32.93 -18.49 7.58
C ASP C 381 -33.47 -19.67 8.39
N VAL C 382 -33.24 -20.88 7.87
CA VAL C 382 -33.88 -22.07 8.45
C VAL C 382 -33.50 -22.23 9.91
N LEU C 383 -32.21 -22.15 10.22
CA LEU C 383 -31.78 -22.35 11.60
C LEU C 383 -32.32 -21.25 12.51
N SER C 384 -32.34 -20.01 12.01
CA SER C 384 -32.85 -18.91 12.83
C SER C 384 -34.30 -19.14 13.22
N VAL C 385 -35.12 -19.60 12.28
CA VAL C 385 -36.52 -19.91 12.61
C VAL C 385 -36.58 -21.09 13.57
N SER C 386 -35.74 -22.09 13.35
CA SER C 386 -35.77 -23.28 14.20
C SER C 386 -35.43 -22.92 15.65
N GLN C 387 -34.44 -22.06 15.85
CA GLN C 387 -34.03 -21.71 17.21
C GLN C 387 -35.17 -21.09 18.00
N PHE C 388 -35.82 -20.08 17.43
CA PHE C 388 -36.89 -19.36 18.11
C PHE C 388 -38.26 -19.95 17.79
N GLN C 389 -38.40 -21.26 17.97
CA GLN C 389 -39.68 -21.93 17.85
C GLN C 389 -40.31 -22.21 19.22
N LEU C 390 -39.49 -22.58 20.20
CA LEU C 390 -39.95 -22.77 21.57
C LEU C 390 -39.71 -21.55 22.45
N ALA C 391 -39.19 -20.47 21.89
CA ALA C 391 -38.89 -19.29 22.68
C ALA C 391 -40.17 -18.68 23.23
N PRO C 392 -40.13 -18.11 24.44
CA PRO C 392 -41.31 -17.43 24.97
C PRO C 392 -41.81 -16.35 24.02
N ALA C 393 -43.00 -15.84 24.32
CA ALA C 393 -43.65 -14.89 23.42
C ALA C 393 -42.82 -13.63 23.23
N ILE C 394 -42.28 -13.09 24.32
CA ILE C 394 -41.60 -11.79 24.23
C ILE C 394 -40.42 -11.87 23.27
N LEU C 395 -39.64 -12.95 23.35
CA LEU C 395 -38.49 -13.09 22.47
C LEU C 395 -38.89 -13.39 21.03
N GLN C 396 -40.16 -13.65 20.77
CA GLN C 396 -40.63 -13.99 19.43
C GLN C 396 -41.32 -12.77 18.82
N GLY C 397 -40.93 -12.44 17.59
CA GLY C 397 -41.53 -11.34 16.87
C GLY C 397 -40.78 -10.03 16.91
N GLN C 398 -39.62 -9.99 17.55
CA GLN C 398 -38.87 -8.75 17.63
C GLN C 398 -38.36 -8.34 16.26
N THR C 399 -38.28 -7.04 16.04
CA THR C 399 -37.85 -6.46 14.77
C THR C 399 -36.81 -5.39 15.02
N LYS C 400 -35.98 -5.14 14.00
CA LYS C 400 -34.85 -4.23 14.18
C LYS C 400 -35.33 -2.82 14.55
N GLU C 401 -36.51 -2.42 14.10
CA GLU C 401 -37.03 -1.12 14.51
C GLU C 401 -37.32 -1.10 16.00
N LYS C 402 -37.96 -2.15 16.52
CA LYS C 402 -38.27 -2.21 17.93
C LYS C 402 -37.00 -2.24 18.77
N MET C 403 -35.94 -2.86 18.27
CA MET C 403 -34.67 -2.85 19.00
C MET C 403 -33.99 -1.50 18.92
N VAL C 404 -34.07 -0.83 17.77
CA VAL C 404 -33.42 0.47 17.61
C VAL C 404 -34.06 1.50 18.53
N THR C 405 -35.38 1.41 18.72
CA THR C 405 -36.03 2.34 19.64
C THR C 405 -35.41 2.25 21.04
N MET C 406 -35.31 1.03 21.57
CA MET C 406 -34.79 0.85 22.92
C MET C 406 -33.31 1.20 22.98
N VAL C 407 -32.57 0.87 21.92
CA VAL C 407 -31.16 1.22 21.87
C VAL C 407 -30.99 2.73 21.94
N SER C 408 -31.83 3.46 21.21
CA SER C 408 -31.75 4.92 21.23
C SER C 408 -32.10 5.46 22.61
N VAL C 409 -33.09 4.87 23.28
CA VAL C 409 -33.44 5.33 24.62
C VAL C 409 -32.27 5.15 25.57
N LEU C 410 -31.67 3.95 25.58
CA LEU C 410 -30.55 3.69 26.46
C LEU C 410 -29.37 4.58 26.11
N GLU C 411 -29.15 4.82 24.81
CA GLU C 411 -28.08 5.71 24.40
C GLU C 411 -28.31 7.12 24.91
N ASP C 412 -29.55 7.59 24.89
CA ASP C 412 -29.85 8.90 25.42
C ASP C 412 -29.50 8.99 26.90
N LEU C 413 -29.91 7.97 27.67
CA LEU C 413 -29.61 8.00 29.10
C LEU C 413 -28.11 7.95 29.35
N ILE C 414 -27.40 7.07 28.66
CA ILE C 414 -25.95 6.96 28.86
C ILE C 414 -25.26 8.25 28.47
N GLY C 415 -25.67 8.85 27.35
CA GLY C 415 -25.11 10.12 26.95
C GLY C 415 -25.34 11.20 27.98
N LYS C 416 -26.54 11.25 28.55
CA LYS C 416 -26.81 12.24 29.59
C LYS C 416 -25.87 12.06 30.77
N LEU C 417 -25.74 10.83 31.27
CA LEU C 417 -24.90 10.63 32.45
C LEU C 417 -23.44 10.90 32.13
N THR C 418 -22.95 10.46 30.98
CA THR C 418 -21.54 10.65 30.66
C THR C 418 -21.23 12.10 30.35
N SER C 419 -22.18 12.86 29.80
CA SER C 419 -21.98 14.28 29.59
C SER C 419 -21.98 15.03 30.92
N LEU C 420 -22.86 14.63 31.84
CA LEU C 420 -22.81 15.20 33.18
C LEU C 420 -21.45 14.93 33.83
N GLN C 421 -20.92 13.72 33.63
CA GLN C 421 -19.58 13.42 34.13
C GLN C 421 -18.53 14.30 33.47
N LEU C 422 -18.67 14.52 32.16
CA LEU C 422 -17.72 15.37 31.45
C LEU C 422 -17.64 16.75 32.07
N GLN C 423 -18.74 17.22 32.64
CA GLN C 423 -18.77 18.53 33.27
C GLN C 423 -18.12 18.54 34.65
N HIS C 424 -17.55 17.41 35.08
CA HIS C 424 -16.73 17.29 36.29
C HIS C 424 -17.52 17.38 37.58
N LEU C 425 -18.84 17.45 37.52
CA LEU C 425 -19.63 17.62 38.74
C LEU C 425 -19.28 16.56 39.78
N PHE C 426 -19.12 15.31 39.34
CA PHE C 426 -18.76 14.25 40.29
C PHE C 426 -17.41 14.50 40.93
N MET C 427 -16.43 14.98 40.16
CA MET C 427 -15.08 15.10 40.69
C MET C 427 -14.96 16.22 41.72
N ILE C 428 -15.94 17.12 41.79
CA ILE C 428 -15.90 18.19 42.78
C ILE C 428 -16.46 17.74 44.13
N LEU C 429 -17.50 16.91 44.12
CA LEU C 429 -18.08 16.44 45.38
C LEU C 429 -17.26 15.36 46.03
N ALA C 430 -16.23 14.85 45.36
CA ALA C 430 -15.33 13.86 45.94
C ALA C 430 -13.94 14.10 45.37
N SER C 431 -12.94 13.62 46.11
CA SER C 431 -11.55 13.89 45.76
C SER C 431 -11.31 15.40 45.75
N PRO C 432 -11.30 16.05 46.92
CA PRO C 432 -11.18 17.51 46.95
C PRO C 432 -9.89 18.03 46.33
N ARG C 433 -8.88 17.19 46.17
CA ARG C 433 -7.64 17.67 45.56
C ARG C 433 -7.88 18.25 44.18
N TYR C 434 -8.95 17.83 43.51
CA TYR C 434 -9.20 18.25 42.14
C TYR C 434 -9.60 19.72 42.08
N VAL C 435 -10.51 20.15 42.97
CA VAL C 435 -10.89 21.56 43.01
C VAL C 435 -9.68 22.40 43.39
N ASP C 436 -8.86 21.89 44.31
CA ASP C 436 -7.63 22.59 44.68
C ASP C 436 -6.74 22.79 43.45
N ARG C 437 -6.57 21.74 42.65
CA ARG C 437 -5.70 21.86 41.48
C ARG C 437 -6.27 22.84 40.46
N VAL C 438 -7.58 22.78 40.22
CA VAL C 438 -8.19 23.69 39.25
C VAL C 438 -8.04 25.13 39.70
N THR C 439 -8.32 25.39 40.98
CA THR C 439 -8.17 26.73 41.51
C THR C 439 -6.72 27.17 41.42
N GLU C 440 -5.78 26.28 41.72
CA GLU C 440 -4.37 26.65 41.63
C GLU C 440 -4.01 27.08 40.22
N PHE C 441 -4.46 26.32 39.23
CA PHE C 441 -4.15 26.69 37.84
C PHE C 441 -4.72 28.06 37.51
N LEU C 442 -6.01 28.27 37.79
CA LEU C 442 -6.63 29.53 37.41
C LEU C 442 -5.98 30.71 38.15
N GLN C 443 -5.75 30.55 39.45
CA GLN C 443 -5.15 31.62 40.23
C GLN C 443 -3.73 31.91 39.79
N GLN C 444 -2.98 30.87 39.41
CA GLN C 444 -1.63 31.09 38.91
C GLN C 444 -1.66 31.91 37.63
N LYS C 445 -2.59 31.60 36.73
CA LYS C 445 -2.68 32.39 35.49
C LYS C 445 -3.01 33.84 35.82
N LEU C 446 -4.01 34.06 36.67
CA LEU C 446 -4.39 35.42 37.01
C LEU C 446 -3.22 36.16 37.67
N LYS C 447 -2.51 35.49 38.57
CA LYS C 447 -1.41 36.12 39.29
C LYS C 447 -0.28 36.50 38.33
N GLN C 448 0.01 35.62 37.36
CA GLN C 448 1.00 35.98 36.36
C GLN C 448 0.57 37.24 35.62
N SER C 449 -0.71 37.33 35.27
CA SER C 449 -1.20 38.53 34.61
C SER C 449 -0.94 39.77 35.47
N GLN C 450 -1.35 39.72 36.74
CA GLN C 450 -1.22 40.90 37.57
C GLN C 450 0.25 41.29 37.76
N LEU C 451 1.11 40.30 37.99
CA LEU C 451 2.53 40.59 38.17
C LEU C 451 3.12 41.22 36.93
N LEU C 452 2.74 40.72 35.75
CA LEU C 452 3.24 41.33 34.53
C LEU C 452 2.76 42.77 34.44
N ALA C 453 1.54 43.03 34.88
CA ALA C 453 1.02 44.40 34.88
C ALA C 453 1.88 45.30 35.78
N LEU C 454 2.20 44.82 36.99
CA LEU C 454 3.00 45.63 37.90
C LEU C 454 4.38 45.91 37.29
N LYS C 455 4.99 44.88 36.69
CA LYS C 455 6.29 45.08 36.06
C LYS C 455 6.20 46.15 34.97
N LYS C 456 5.15 46.08 34.14
CA LYS C 456 5.00 47.04 33.06
C LYS C 456 4.85 48.47 33.61
N GLU C 457 4.04 48.64 34.65
CA GLU C 457 3.82 49.98 35.18
C GLU C 457 5.07 50.52 35.86
N LEU C 458 5.80 49.68 36.58
CA LEU C 458 7.07 50.12 37.15
C LEU C 458 8.04 50.52 36.05
N MET C 459 8.05 49.78 34.94
CA MET C 459 8.87 50.18 33.80
C MET C 459 8.42 51.54 33.26
N VAL C 460 7.11 51.77 33.23
CA VAL C 460 6.61 53.07 32.79
C VAL C 460 7.21 54.18 33.65
N GLN C 461 7.14 54.00 34.98
CA GLN C 461 7.66 55.00 35.89
C GLN C 461 9.16 55.21 35.68
N LYS C 462 9.90 54.12 35.54
CA LYS C 462 11.34 54.24 35.33
C LYS C 462 11.65 55.02 34.06
N GLN C 463 10.95 54.72 32.97
CA GLN C 463 11.23 55.40 31.71
C GLN C 463 10.85 56.88 31.80
N GLN C 464 9.77 57.20 32.51
CA GLN C 464 9.41 58.60 32.69
C GLN C 464 10.49 59.33 33.48
N GLU C 465 11.00 58.71 34.55
CA GLU C 465 12.05 59.35 35.34
C GLU C 465 13.30 59.56 34.51
N ALA C 466 13.68 58.56 33.70
CA ALA C 466 14.86 58.71 32.87
C ALA C 466 14.68 59.84 31.85
N LEU C 467 13.52 59.92 31.23
CA LEU C 467 13.28 60.99 30.26
C LEU C 467 13.33 62.36 30.94
N GLU C 468 12.76 62.46 32.14
CA GLU C 468 12.81 63.72 32.86
C GLU C 468 14.25 64.10 33.19
N GLU C 469 15.06 63.14 33.62
CA GLU C 469 16.46 63.44 33.90
C GLU C 469 17.17 63.91 32.64
N GLN C 470 16.90 63.24 31.51
CA GLN C 470 17.51 63.66 30.25
C GLN C 470 17.15 65.10 29.92
N ALA C 471 15.87 65.43 30.03
CA ALA C 471 15.45 66.81 29.78
C ALA C 471 16.17 67.77 30.73
N ALA C 472 16.35 67.37 31.99
CA ALA C 472 17.04 68.23 32.94
C ALA C 472 18.49 68.47 32.53
N LEU C 473 19.17 67.43 32.05
CA LEU C 473 20.58 67.56 31.70
C LEU C 473 20.80 68.16 30.32
N GLU C 474 19.76 68.19 29.47
CA GLU C 474 19.93 68.66 28.10
C GLU C 474 20.54 70.05 28.01
N PRO C 475 20.13 71.04 28.80
CA PRO C 475 20.54 72.43 28.49
C PRO C 475 22.04 72.65 28.47
N LYS C 476 22.81 71.85 29.21
CA LYS C 476 24.22 72.17 29.36
C LYS C 476 24.97 72.06 28.03
N LEU C 477 24.53 71.19 27.13
CA LEU C 477 25.16 71.11 25.81
C LEU C 477 25.21 72.47 25.15
N ASP C 478 24.06 73.14 25.08
CA ASP C 478 23.99 74.41 24.35
C ASP C 478 24.80 75.48 25.05
N LEU C 479 24.79 75.47 26.39
CA LEU C 479 25.63 76.40 27.13
C LEU C 479 27.09 76.24 26.75
N LEU C 480 27.56 75.00 26.75
CA LEU C 480 28.96 74.73 26.40
C LEU C 480 29.24 75.13 24.96
N LEU C 481 28.32 74.84 24.04
CA LEU C 481 28.55 75.19 22.65
C LEU C 481 28.63 76.70 22.46
N GLU C 482 27.74 77.44 23.13
CA GLU C 482 27.78 78.90 23.03
C GLU C 482 29.07 79.46 23.62
N LYS C 483 29.48 78.93 24.78
CA LYS C 483 30.74 79.38 25.37
C LYS C 483 31.91 79.06 24.45
N THR C 484 31.89 77.88 23.83
CA THR C 484 32.93 77.52 22.88
C THR C 484 32.95 78.47 21.70
N LYS C 485 31.77 78.83 21.18
CA LYS C 485 31.73 79.75 20.05
C LYS C 485 32.27 81.12 20.44
N GLU C 486 31.92 81.59 21.62
CA GLU C 486 32.42 82.89 22.07
C GLU C 486 33.94 82.87 22.22
N LEU C 487 34.47 81.80 22.83
CA LEU C 487 35.91 81.69 22.96
C LEU C 487 36.58 81.53 21.59
N GLN C 488 35.91 80.88 20.65
CA GLN C 488 36.44 80.74 19.30
C GLN C 488 36.56 82.10 18.63
N LYS C 489 35.50 82.89 18.71
CA LYS C 489 35.55 84.24 18.16
C LYS C 489 36.65 85.04 18.83
N LEU C 490 36.79 84.91 20.15
CA LEU C 490 37.84 85.64 20.84
C LEU C 490 39.22 85.22 20.37
N ILE C 491 39.42 83.91 20.16
CA ILE C 491 40.72 83.42 19.70
C ILE C 491 41.02 83.98 18.32
N GLU C 492 40.04 83.92 17.42
CA GLU C 492 40.27 84.43 16.07
C GLU C 492 40.57 85.93 16.10
N ALA C 493 39.82 86.67 16.92
CA ALA C 493 40.04 88.11 17.02
C ALA C 493 41.43 88.42 17.57
N ASP C 494 41.87 87.68 18.59
CA ASP C 494 43.20 87.90 19.11
C ASP C 494 44.27 87.57 18.08
N ILE C 495 44.10 86.45 17.37
CA ILE C 495 45.07 86.08 16.34
C ILE C 495 45.17 87.20 15.31
N SER C 496 44.03 87.71 14.86
CA SER C 496 44.04 88.79 13.89
C SER C 496 44.68 90.05 14.47
N LYS C 497 44.37 90.37 15.73
CA LYS C 497 44.90 91.58 16.33
C LYS C 497 46.41 91.55 16.41
N ARG C 498 46.98 90.41 16.80
CA ARG C 498 48.42 90.26 16.73
C ARG C 498 48.88 90.32 15.28
N TYR C 499 48.21 89.60 14.40
CA TYR C 499 48.63 89.47 13.00
C TYR C 499 47.83 90.41 12.10
N SER C 500 47.92 91.71 12.43
CA SER C 500 47.47 92.78 11.53
C SER C 500 46.03 92.59 11.09
N GLY C 501 45.18 92.13 12.00
CA GLY C 501 43.77 92.03 11.71
C GLY C 501 43.43 91.17 10.50
N ARG C 502 44.12 90.05 10.33
CA ARG C 502 43.89 89.16 9.20
C ARG C 502 42.73 88.22 9.47
N PRO C 503 42.14 87.63 8.43
CA PRO C 503 41.00 86.75 8.66
C PRO C 503 41.39 85.34 9.12
N VAL C 504 40.80 84.93 10.24
CA VAL C 504 41.19 83.73 10.97
C VAL C 504 39.96 82.83 11.13
N ASN C 505 40.22 81.54 11.30
CA ASN C 505 39.16 80.55 11.47
C ASN C 505 39.81 79.20 11.77
N LEU C 506 39.06 78.35 12.47
CA LEU C 506 39.50 77.00 12.78
C LEU C 506 38.45 76.00 12.29
N MET C 507 38.92 74.87 11.79
CA MET C 507 38.04 73.84 11.23
C MET C 507 38.24 72.51 11.95
N LYS D 109 67.98 49.11 -98.46
CA LYS D 109 66.76 49.35 -97.71
C LYS D 109 66.86 48.83 -96.28
N LYS D 110 67.18 47.54 -96.16
CA LYS D 110 67.26 46.91 -94.84
C LYS D 110 68.40 47.52 -94.02
N LEU D 111 69.59 47.61 -94.61
CA LEU D 111 70.65 48.36 -93.97
C LEU D 111 70.21 49.78 -93.65
N ARG D 112 69.40 50.38 -94.53
CA ARG D 112 68.87 51.72 -94.28
C ARG D 112 67.98 51.74 -93.05
N LYS D 113 67.08 50.75 -92.92
CA LYS D 113 66.22 50.70 -91.74
C LYS D 113 67.04 50.53 -90.47
N LEU D 114 68.08 49.69 -90.53
CA LEU D 114 68.93 49.50 -89.36
C LEU D 114 69.61 50.80 -88.96
N GLU D 115 70.21 51.50 -89.93
CA GLU D 115 70.88 52.76 -89.61
C GLU D 115 69.90 53.79 -89.06
N GLU D 116 68.71 53.87 -89.66
CA GLU D 116 67.70 54.82 -89.18
C GLU D 116 67.28 54.50 -87.75
N LYS D 117 67.09 53.22 -87.45
CA LYS D 117 66.76 52.83 -86.08
C LYS D 117 67.89 53.21 -85.13
N GLN D 118 69.14 53.06 -85.58
CA GLN D 118 70.28 53.45 -84.76
C GLN D 118 70.23 54.94 -84.46
N ALA D 119 69.92 55.75 -85.47
CA ALA D 119 69.80 57.20 -85.25
C ALA D 119 68.67 57.51 -84.28
N ARG D 120 67.52 56.84 -84.44
CA ARG D 120 66.41 57.05 -83.53
C ARG D 120 66.78 56.70 -82.10
N LYS D 121 67.55 55.62 -81.92
CA LYS D 121 68.02 55.26 -80.59
C LYS D 121 68.96 56.33 -80.04
N ALA D 122 69.87 56.83 -80.88
CA ALA D 122 70.76 57.90 -80.45
C ALA D 122 69.95 59.05 -79.89
N GLN D 123 68.89 59.42 -80.60
CA GLN D 123 67.99 60.45 -80.09
C GLN D 123 67.34 60.01 -78.78
N ARG D 124 66.93 58.74 -78.71
CA ARG D 124 66.29 58.24 -77.50
C ARG D 124 67.18 58.40 -76.28
N GLU D 125 68.48 58.33 -76.47
CA GLU D 125 69.43 58.37 -75.36
C GLU D 125 69.94 59.76 -75.03
N ALA D 126 70.25 60.58 -76.03
CA ALA D 126 70.87 61.87 -75.77
C ALA D 126 69.98 62.74 -74.89
N GLU D 127 68.68 62.78 -75.21
CA GLU D 127 67.77 63.64 -74.46
C GLU D 127 67.70 63.21 -73.00
N GLU D 128 67.61 61.91 -72.75
CA GLU D 128 67.57 61.42 -71.38
C GLU D 128 68.85 61.78 -70.64
N ALA D 129 70.00 61.62 -71.31
CA ALA D 129 71.26 61.96 -70.67
C ALA D 129 71.29 63.43 -70.26
N GLU D 130 70.89 64.32 -71.17
CA GLU D 130 70.89 65.74 -70.86
C GLU D 130 69.90 66.05 -69.73
N ARG D 131 68.74 65.40 -69.76
CA ARG D 131 67.74 65.63 -68.72
C ARG D 131 68.27 65.23 -67.36
N GLU D 132 68.94 64.08 -67.28
CA GLU D 132 69.54 63.67 -66.02
C GLU D 132 70.61 64.65 -65.57
N GLU D 133 71.44 65.12 -66.51
CA GLU D 133 72.48 66.08 -66.15
C GLU D 133 71.85 67.32 -65.53
N ARG D 134 70.78 67.83 -66.15
CA ARG D 134 70.13 69.02 -65.63
C ARG D 134 69.52 68.77 -64.26
N LYS D 135 68.79 67.66 -64.12
CA LYS D 135 68.14 67.35 -62.85
C LYS D 135 69.15 67.18 -61.74
N ARG D 136 70.38 66.75 -62.06
CA ARG D 136 71.42 66.65 -61.06
C ARG D 136 72.01 68.02 -60.72
N LEU D 137 72.37 68.79 -61.74
CA LEU D 137 73.06 70.06 -61.49
C LEU D 137 72.16 71.03 -60.77
N GLU D 138 70.93 71.21 -61.26
CA GLU D 138 70.02 72.17 -60.63
C GLU D 138 69.69 71.76 -59.21
N SER D 139 69.45 70.47 -58.97
CA SER D 139 69.13 70.01 -57.63
C SER D 139 70.32 70.21 -56.69
N GLN D 140 71.54 69.97 -57.18
CA GLN D 140 72.71 70.23 -56.37
C GLN D 140 72.82 71.71 -56.02
N ARG D 141 72.55 72.57 -57.00
CA ARG D 141 72.58 74.01 -56.74
C ARG D 141 71.54 74.38 -55.69
N GLU D 142 70.35 73.78 -55.78
CA GLU D 142 69.30 74.07 -54.80
C GLU D 142 69.71 73.61 -53.41
N ALA D 143 70.35 72.44 -53.32
CA ALA D 143 70.83 71.96 -52.02
C ALA D 143 71.90 72.88 -51.47
N GLU D 144 72.78 73.38 -52.32
CA GLU D 144 73.79 74.34 -51.88
C GLU D 144 73.13 75.62 -51.37
N TRP D 145 72.10 76.08 -52.07
CA TRP D 145 71.37 77.26 -51.61
C TRP D 145 70.72 77.00 -50.26
N LYS D 146 70.17 75.80 -50.06
CA LYS D 146 69.60 75.45 -48.76
C LYS D 146 70.70 75.45 -47.69
N LYS D 147 71.89 74.96 -48.03
CA LYS D 147 72.99 74.97 -47.08
C LYS D 147 73.40 76.39 -46.74
N GLU D 148 73.36 77.29 -47.71
CA GLU D 148 73.64 78.70 -47.44
C GLU D 148 72.57 79.29 -46.52
N GLU D 149 71.31 78.93 -46.75
CA GLU D 149 70.25 79.34 -45.84
C GLU D 149 70.52 78.81 -44.44
N GLU D 150 71.05 77.59 -44.35
CA GLU D 150 71.41 77.02 -43.06
C GLU D 150 72.55 77.80 -42.42
N ARG D 151 73.52 78.24 -43.21
CA ARG D 151 74.62 79.04 -42.67
C ARG D 151 74.10 80.37 -42.15
N LEU D 152 73.15 80.98 -42.86
CA LEU D 152 72.50 82.18 -42.34
C LEU D 152 71.76 81.88 -41.05
N ARG D 153 71.10 80.71 -40.99
CA ARG D 153 70.45 80.31 -39.74
C ARG D 153 71.47 80.15 -38.63
N LEU D 154 72.66 79.65 -38.95
CA LEU D 154 73.72 79.55 -37.96
C LEU D 154 74.15 80.92 -37.48
N GLU D 155 74.24 81.88 -38.40
CA GLU D 155 74.57 83.25 -38.00
C GLU D 155 73.50 83.80 -37.06
N GLU D 156 72.24 83.56 -37.37
CA GLU D 156 71.15 84.02 -36.52
C GLU D 156 71.21 83.35 -35.15
N GLU D 157 71.50 82.05 -35.11
CA GLU D 157 71.61 81.34 -33.84
C GLU D 157 72.79 81.83 -33.03
N GLN D 158 73.88 82.22 -33.71
CA GLN D 158 75.02 82.77 -33.00
C GLN D 158 74.70 84.16 -32.45
N LYS D 159 73.94 84.97 -33.20
CA LYS D 159 73.46 86.22 -32.65
C LYS D 159 72.60 85.97 -31.42
N GLU D 160 71.73 84.97 -31.49
CA GLU D 160 70.91 84.59 -30.34
C GLU D 160 71.79 84.18 -29.17
N GLU D 161 72.82 83.38 -29.41
CA GLU D 161 73.70 82.91 -28.35
C GLU D 161 74.45 84.08 -27.71
N GLU D 162 74.96 85.01 -28.52
CA GLU D 162 75.71 86.14 -27.95
C GLU D 162 74.81 87.07 -27.17
N GLU D 163 73.63 87.41 -27.72
CA GLU D 163 72.69 88.22 -26.96
C GLU D 163 72.22 87.50 -25.72
N ARG D 164 72.16 86.17 -25.77
CA ARG D 164 71.76 85.38 -24.60
C ARG D 164 72.85 85.41 -23.53
N LYS D 165 74.11 85.36 -23.95
CA LYS D 165 75.21 85.54 -23.01
C LYS D 165 75.14 86.92 -22.39
N ALA D 166 74.80 87.92 -23.20
CA ALA D 166 74.63 89.27 -22.67
C ALA D 166 73.51 89.30 -21.64
N ARG D 167 72.39 88.63 -21.92
CA ARG D 167 71.27 88.61 -20.98
C ARG D 167 71.65 87.86 -19.70
N GLU D 168 72.37 86.75 -19.83
CA GLU D 168 72.81 86.01 -18.66
C GLU D 168 73.75 86.84 -17.81
N GLU D 169 74.69 87.55 -18.44
CA GLU D 169 75.57 88.44 -17.70
C GLU D 169 74.80 89.60 -17.08
N GLN D 170 73.75 90.08 -17.74
CA GLN D 170 72.91 91.10 -17.14
C GLN D 170 72.23 90.58 -15.88
N ALA D 171 71.72 89.35 -15.94
CA ALA D 171 71.15 88.74 -14.74
C ALA D 171 72.20 88.61 -13.66
N GLN D 172 73.41 88.20 -14.03
CA GLN D 172 74.48 88.06 -13.06
C GLN D 172 74.80 89.39 -12.39
N ARG D 173 74.85 90.46 -13.17
CA ARG D 173 75.13 91.79 -12.59
C ARG D 173 73.97 92.25 -11.72
N GLU D 174 72.73 91.99 -12.16
CA GLU D 174 71.57 92.37 -11.38
C GLU D 174 71.58 91.66 -10.03
N HIS D 175 72.01 90.40 -10.01
CA HIS D 175 72.12 89.68 -8.76
C HIS D 175 73.31 90.17 -7.94
N GLU D 176 74.43 90.49 -8.59
CA GLU D 176 75.60 90.98 -7.89
C GLU D 176 75.26 92.25 -7.11
N GLU D 177 74.69 93.23 -7.80
CA GLU D 177 74.20 94.44 -7.14
C GLU D 177 72.94 94.20 -6.34
N TYR D 178 72.30 93.04 -6.50
CA TYR D 178 71.03 92.73 -5.86
C TYR D 178 71.21 92.10 -4.50
N LEU D 179 72.44 91.98 -4.01
CA LEU D 179 72.70 91.50 -2.66
C LEU D 179 73.14 92.61 -1.70
N LYS D 180 73.69 93.71 -2.22
CA LYS D 180 74.18 94.77 -1.36
C LYS D 180 73.11 95.22 -0.38
N LEU D 181 71.91 95.53 -0.89
CA LEU D 181 70.81 95.96 -0.04
C LEU D 181 70.47 94.93 1.04
N LYS D 182 71.02 93.72 0.93
CA LYS D 182 70.92 92.73 2.00
C LYS D 182 72.10 92.93 2.96
N GLU D 183 72.35 91.93 3.80
CA GLU D 183 73.51 91.94 4.66
C GLU D 183 73.35 92.90 5.84
N ALA D 184 72.10 93.14 6.27
CA ALA D 184 71.81 93.81 7.54
C ALA D 184 70.82 92.91 8.28
N PHE D 185 71.36 91.92 8.99
CA PHE D 185 70.55 90.90 9.63
C PHE D 185 71.24 90.49 10.92
N VAL D 186 70.46 89.89 11.83
CA VAL D 186 70.94 89.58 13.17
C VAL D 186 70.64 88.12 13.49
N VAL D 187 71.68 87.37 13.83
CA VAL D 187 71.49 86.10 14.51
C VAL D 187 70.94 86.37 15.90
N GLU D 188 70.01 85.54 16.34
CA GLU D 188 69.55 85.60 17.72
C GLU D 188 70.28 84.61 18.61
N GLU D 189 70.72 83.48 18.06
CA GLU D 189 71.46 82.49 18.82
C GLU D 189 71.90 81.36 17.90
N GLU D 190 72.63 80.39 18.45
CA GLU D 190 73.02 79.21 17.72
C GLU D 190 72.78 77.97 18.58
N GLY D 191 72.51 76.85 17.94
CA GLY D 191 72.23 75.60 18.64
C GLY D 191 72.80 74.42 17.89
N VAL D 192 72.72 73.26 18.55
CA VAL D 192 73.29 72.03 18.01
C VAL D 192 72.47 70.85 18.54
N GLY D 193 72.22 69.87 17.67
CA GLY D 193 71.49 68.67 18.07
C GLY D 193 72.40 67.65 18.72
N GLU D 194 72.21 67.41 20.02
CA GLU D 194 73.25 66.80 20.83
C GLU D 194 73.12 65.27 20.93
N THR D 195 72.03 64.78 21.51
CA THR D 195 71.99 63.39 21.94
C THR D 195 70.56 62.89 22.05
N MET D 196 70.33 61.70 21.50
CA MET D 196 69.10 60.95 21.72
C MET D 196 69.41 59.47 21.88
N THR D 197 70.52 59.16 22.56
CA THR D 197 71.07 57.81 22.52
C THR D 197 70.06 56.79 23.05
N GLU D 198 70.09 55.59 22.46
CA GLU D 198 69.23 54.52 22.93
C GLU D 198 69.41 54.29 24.42
N GLU D 199 70.63 54.49 24.92
CA GLU D 199 70.83 54.53 26.36
C GLU D 199 70.06 55.68 26.98
N GLN D 200 70.17 56.88 26.38
CA GLN D 200 69.45 58.03 26.89
C GLN D 200 67.94 57.83 26.74
N SER D 201 67.50 57.26 25.62
CA SER D 201 66.08 56.99 25.44
C SER D 201 65.58 55.99 26.48
N GLN D 202 66.37 54.97 26.77
CA GLN D 202 65.99 54.00 27.79
C GLN D 202 65.87 54.66 29.15
N SER D 203 66.85 55.50 29.50
CA SER D 203 66.76 56.22 30.77
C SER D 203 65.51 57.10 30.81
N PHE D 204 65.21 57.77 29.69
CA PHE D 204 64.06 58.66 29.63
C PHE D 204 62.77 57.88 29.86
N LEU D 205 62.61 56.75 29.18
CA LEU D 205 61.38 55.98 29.33
C LEU D 205 61.31 55.32 30.71
N THR D 206 62.45 54.97 31.30
CA THR D 206 62.44 54.45 32.66
C THR D 206 61.95 55.52 33.63
N GLU D 207 62.51 56.72 33.55
CA GLU D 207 62.07 57.80 34.43
C GLU D 207 60.59 58.08 34.22
N PHE D 208 60.13 58.06 32.97
CA PHE D 208 58.71 58.21 32.70
C PHE D 208 57.90 57.13 33.41
N ILE D 209 58.39 55.88 33.36
CA ILE D 209 57.65 54.78 33.98
C ILE D 209 57.55 54.98 35.49
N ASN D 210 58.66 55.33 36.14
CA ASN D 210 58.60 55.53 37.58
C ASN D 210 57.69 56.69 37.92
N TYR D 211 57.77 57.78 37.15
CA TYR D 211 56.94 58.94 37.43
C TYR D 211 55.45 58.59 37.30
N ILE D 212 55.08 57.87 36.25
CA ILE D 212 53.68 57.51 36.07
C ILE D 212 53.24 56.56 37.17
N LYS D 213 54.07 55.58 37.51
CA LYS D 213 53.70 54.65 38.58
C LYS D 213 53.45 55.40 39.87
N GLN D 214 54.35 56.33 40.23
CA GLN D 214 54.13 57.13 41.42
C GLN D 214 52.85 57.93 41.32
N SER D 215 52.59 58.52 40.15
CA SER D 215 51.36 59.29 39.95
C SER D 215 50.17 58.36 39.77
N LYS D 216 50.20 57.54 38.73
CA LYS D 216 49.16 56.57 38.39
C LYS D 216 47.90 57.22 37.82
N VAL D 217 47.82 58.55 37.78
CA VAL D 217 46.68 59.26 37.23
C VAL D 217 47.22 60.50 36.52
N VAL D 218 47.02 60.56 35.21
CA VAL D 218 47.60 61.61 34.38
C VAL D 218 46.61 61.98 33.28
N LEU D 219 46.47 63.28 33.03
CA LEU D 219 45.55 63.79 32.02
C LEU D 219 46.26 64.18 30.73
N LEU D 220 47.50 63.73 30.53
CA LEU D 220 48.23 63.93 29.29
C LEU D 220 48.66 65.38 29.11
N GLU D 221 48.26 66.27 30.02
CA GLU D 221 48.73 67.64 29.99
C GLU D 221 49.94 67.81 30.91
N ASP D 222 49.77 67.50 32.19
CA ASP D 222 50.93 67.46 33.09
C ASP D 222 51.91 66.39 32.64
N LEU D 223 51.41 65.26 32.14
CA LEU D 223 52.29 64.25 31.61
C LEU D 223 53.04 64.76 30.39
N ALA D 224 52.33 65.42 29.47
CA ALA D 224 53.01 65.97 28.29
C ALA D 224 54.07 66.98 28.69
N SER D 225 53.80 67.78 29.72
CA SER D 225 54.78 68.78 30.16
C SER D 225 55.99 68.13 30.80
N GLN D 226 55.78 67.38 31.89
CA GLN D 226 56.90 66.79 32.61
C GLN D 226 57.70 65.88 31.69
N VAL D 227 57.01 65.05 30.90
CA VAL D 227 57.70 64.28 29.86
C VAL D 227 58.24 65.22 28.80
N GLY D 228 57.55 66.33 28.56
CA GLY D 228 58.11 67.39 27.75
C GLY D 228 58.08 67.15 26.25
N LEU D 229 57.08 66.43 25.76
CA LEU D 229 56.84 66.30 24.34
C LEU D 229 55.39 66.68 24.05
N ARG D 230 55.14 67.02 22.79
CA ARG D 230 53.79 67.40 22.39
C ARG D 230 52.84 66.24 22.63
N THR D 231 51.60 66.58 22.99
CA THR D 231 50.66 65.58 23.48
C THR D 231 50.57 64.39 22.53
N GLN D 232 50.56 64.64 21.22
CA GLN D 232 50.50 63.55 20.27
C GLN D 232 51.70 62.61 20.42
N ASP D 233 52.89 63.17 20.63
CA ASP D 233 54.06 62.33 20.82
C ASP D 233 53.90 61.46 22.05
N THR D 234 53.42 62.05 23.15
CA THR D 234 53.09 61.24 24.31
C THR D 234 52.21 60.08 23.89
N ILE D 235 51.00 60.38 23.40
CA ILE D 235 50.04 59.30 23.21
C ILE D 235 50.62 58.24 22.29
N ASN D 236 51.48 58.63 21.34
CA ASN D 236 52.15 57.62 20.53
C ASN D 236 53.01 56.71 21.41
N ARG D 237 53.83 57.30 22.28
CA ARG D 237 54.68 56.48 23.13
C ARG D 237 53.86 55.59 24.05
N ILE D 238 52.80 56.16 24.65
CA ILE D 238 51.96 55.39 25.56
C ILE D 238 51.30 54.23 24.84
N GLN D 239 50.75 54.49 23.66
CA GLN D 239 50.04 53.45 22.93
C GLN D 239 50.98 52.36 22.47
N ASP D 240 52.20 52.73 22.05
CA ASP D 240 53.18 51.71 21.69
C ASP D 240 53.52 50.84 22.89
N LEU D 241 53.81 51.47 24.04
CA LEU D 241 54.17 50.71 25.22
C LEU D 241 53.03 49.78 25.63
N LEU D 242 51.79 50.26 25.55
CA LEU D 242 50.65 49.41 25.88
C LEU D 242 50.50 48.27 24.87
N ALA D 243 50.67 48.56 23.57
CA ALA D 243 50.54 47.53 22.57
C ALA D 243 51.53 46.41 22.80
N GLU D 244 52.81 46.76 22.94
CA GLU D 244 53.77 45.74 23.38
C GLU D 244 53.45 45.29 24.80
N GLY D 245 52.96 46.21 25.63
CA GLY D 245 52.44 45.84 26.93
C GLY D 245 53.47 45.76 28.03
N THR D 246 54.23 46.84 28.24
CA THR D 246 55.08 46.90 29.42
C THR D 246 54.26 47.15 30.68
N ILE D 247 53.31 48.07 30.61
CA ILE D 247 52.41 48.38 31.70
C ILE D 247 50.99 48.41 31.16
N THR D 248 50.07 47.78 31.88
CA THR D 248 48.66 47.73 31.48
C THR D 248 47.89 48.81 32.21
N GLY D 249 47.03 49.51 31.48
CA GLY D 249 46.25 50.58 32.05
C GLY D 249 45.09 50.96 31.18
N VAL D 250 44.41 52.04 31.56
CA VAL D 250 43.22 52.52 30.87
C VAL D 250 43.44 53.97 30.46
N ILE D 251 43.12 54.28 29.21
CA ILE D 251 43.20 55.64 28.68
C ILE D 251 41.77 56.15 28.50
N ASP D 252 41.37 57.08 29.36
CA ASP D 252 39.99 57.53 29.38
C ASP D 252 39.66 58.34 28.13
N ASP D 253 38.40 58.22 27.68
CA ASP D 253 37.97 58.98 26.51
C ASP D 253 37.95 60.47 26.81
N ARG D 254 37.54 60.87 28.01
CA ARG D 254 37.58 62.29 28.36
C ARG D 254 39.00 62.82 28.39
N GLY D 255 39.99 61.95 28.44
CA GLY D 255 41.39 62.35 28.40
C GLY D 255 42.09 62.06 29.71
N LYS D 256 42.78 60.93 29.78
CA LYS D 256 43.55 60.55 30.96
C LYS D 256 44.20 59.20 30.67
N PHE D 257 45.15 58.84 31.52
CA PHE D 257 45.69 57.49 31.54
C PHE D 257 45.89 57.07 32.98
N ILE D 258 45.37 55.89 33.33
CA ILE D 258 45.40 55.38 34.69
C ILE D 258 46.05 54.01 34.67
N TYR D 259 46.99 53.78 35.58
CA TYR D 259 47.78 52.56 35.61
C TYR D 259 47.08 51.50 36.45
N ILE D 260 47.03 50.28 35.93
CA ILE D 260 46.43 49.14 36.63
C ILE D 260 47.47 48.03 36.70
N THR D 261 47.82 47.62 37.92
CA THR D 261 48.77 46.55 38.13
C THR D 261 48.11 45.20 37.88
N PRO D 262 48.91 44.17 37.59
CA PRO D 262 48.32 42.82 37.44
C PRO D 262 47.53 42.38 38.65
N GLU D 263 47.96 42.75 39.86
CA GLU D 263 47.24 42.29 41.04
C GLU D 263 45.82 42.85 41.08
N GLU D 264 45.64 44.11 40.70
CA GLU D 264 44.30 44.69 40.67
C GLU D 264 43.46 44.08 39.56
N LEU D 265 44.09 43.72 38.43
CA LEU D 265 43.37 42.99 37.39
C LEU D 265 42.88 41.66 37.92
N ALA D 266 43.72 40.94 38.66
CA ALA D 266 43.28 39.70 39.28
C ALA D 266 42.16 39.95 40.29
N ALA D 267 42.22 41.07 41.00
CA ALA D 267 41.16 41.40 41.94
C ALA D 267 39.83 41.57 41.22
N VAL D 268 39.83 42.28 40.10
CA VAL D 268 38.59 42.44 39.33
C VAL D 268 38.15 41.10 38.78
N ALA D 269 39.09 40.27 38.34
CA ALA D 269 38.74 38.94 37.85
C ALA D 269 38.05 38.13 38.93
N ASN D 270 38.58 38.18 40.16
CA ASN D 270 37.94 37.49 41.28
C ASN D 270 36.56 38.06 41.55
N PHE D 271 36.41 39.38 41.44
CA PHE D 271 35.11 39.99 41.64
C PHE D 271 34.09 39.43 40.64
N ILE D 272 34.48 39.33 39.37
CA ILE D 272 33.58 38.77 38.36
C ILE D 272 33.29 37.30 38.67
N ARG D 273 34.33 36.54 38.97
CA ARG D 273 34.18 35.10 39.20
C ARG D 273 33.39 34.80 40.47
N GLN D 274 33.23 35.78 41.35
CA GLN D 274 32.47 35.58 42.57
C GLN D 274 31.03 36.06 42.43
N ARG D 275 30.84 37.32 42.01
CA ARG D 275 29.51 37.91 42.10
C ARG D 275 28.52 37.34 41.09
N GLY D 276 28.96 36.52 40.14
CA GLY D 276 28.05 35.81 39.28
C GLY D 276 27.50 36.63 38.13
N ARG D 277 26.69 37.65 38.44
CA ARG D 277 26.16 38.56 37.44
C ARG D 277 26.57 39.98 37.80
N VAL D 278 27.12 40.70 36.83
CA VAL D 278 27.55 42.08 37.02
C VAL D 278 27.15 42.87 35.79
N SER D 279 26.57 44.05 36.02
CA SER D 279 26.25 44.97 34.94
C SER D 279 27.44 45.90 34.70
N ILE D 280 27.45 46.50 33.52
CA ILE D 280 28.53 47.42 33.19
C ILE D 280 28.61 48.52 34.24
N ALA D 281 27.46 49.06 34.65
CA ALA D 281 27.45 50.06 35.71
C ALA D 281 27.90 49.47 37.03
N GLU D 282 27.49 48.24 37.32
CA GLU D 282 27.96 47.58 38.53
C GLU D 282 29.47 47.41 38.50
N LEU D 283 30.02 47.01 37.35
CA LEU D 283 31.46 46.89 37.24
C LEU D 283 32.15 48.23 37.36
N ALA D 284 31.54 49.30 36.85
CA ALA D 284 32.12 50.63 37.02
C ALA D 284 32.19 51.01 38.49
N GLN D 285 31.12 50.76 39.24
CA GLN D 285 31.16 51.04 40.67
C GLN D 285 32.22 50.19 41.36
N ALA D 286 32.28 48.90 41.02
CA ALA D 286 33.27 48.02 41.63
C ALA D 286 34.69 48.45 41.26
N SER D 287 34.87 49.06 40.09
CA SER D 287 36.18 49.56 39.71
C SER D 287 36.53 50.82 40.48
N ASN D 288 35.54 51.70 40.68
CA ASN D 288 35.76 52.84 41.57
C ASN D 288 36.15 52.36 42.96
N SER D 289 35.60 51.23 43.39
CA SER D 289 35.92 50.70 44.71
C SER D 289 37.33 50.12 44.74
N LEU D 290 37.59 49.12 43.91
CA LEU D 290 38.85 48.38 44.01
C LEU D 290 40.01 49.17 43.44
N ILE D 291 39.91 49.57 42.16
CA ILE D 291 41.02 50.27 41.52
C ILE D 291 41.37 51.50 42.33
N ALA D 292 42.66 51.69 42.58
CA ALA D 292 43.15 52.77 43.43
C ALA D 292 43.57 53.95 42.57
N TRP D 293 43.06 55.13 42.90
CA TRP D 293 43.41 56.35 42.21
C TRP D 293 44.52 57.10 42.95
N SER E 6 58.20 94.96 13.55
CA SER E 6 57.90 93.51 13.58
C SER E 6 59.03 92.70 12.95
N LYS E 7 59.46 91.63 13.62
CA LYS E 7 60.59 90.83 13.19
C LYS E 7 60.28 89.36 13.41
N VAL E 8 60.99 88.51 12.66
CA VAL E 8 60.73 87.07 12.63
C VAL E 8 62.04 86.34 12.40
N SER E 9 62.12 85.11 12.94
CA SER E 9 63.36 84.36 12.96
C SER E 9 63.12 82.93 12.52
N PHE E 10 63.78 82.51 11.44
CA PHE E 10 63.70 81.13 10.97
C PHE E 10 64.54 80.22 11.86
N LYS E 11 64.24 78.92 11.77
CA LYS E 11 64.92 77.89 12.55
C LYS E 11 65.74 77.05 11.58
N ILE E 12 67.05 77.30 11.53
CA ILE E 12 67.93 76.76 10.51
C ILE E 12 68.76 75.66 11.15
N THR E 13 68.37 74.40 10.91
CA THR E 13 69.09 73.24 11.39
C THR E 13 69.67 72.48 10.21
N LEU E 14 70.98 72.33 10.19
CA LEU E 14 71.65 71.59 9.12
C LEU E 14 71.54 70.09 9.36
N THR E 15 71.45 69.33 8.26
CA THR E 15 71.32 67.89 8.33
C THR E 15 72.65 67.17 8.11
N SER E 16 73.57 67.75 7.34
CA SER E 16 74.80 67.05 6.98
C SER E 16 75.72 66.83 8.17
N ASP E 17 75.74 67.74 9.13
CA ASP E 17 76.63 67.61 10.26
C ASP E 17 76.03 66.68 11.30
N PRO E 18 76.78 65.71 11.84
CA PRO E 18 76.21 64.86 12.88
C PRO E 18 75.75 65.62 14.11
N ARG E 19 76.38 66.74 14.42
CA ARG E 19 76.01 67.52 15.60
C ARG E 19 74.78 68.39 15.38
N LEU E 20 74.24 68.43 14.16
CA LEU E 20 72.99 69.12 13.88
C LEU E 20 73.01 70.56 14.36
N PRO E 21 73.75 71.45 13.69
CA PRO E 21 73.82 72.86 14.10
C PRO E 21 72.56 73.64 13.73
N TYR E 22 71.77 73.96 14.75
CA TYR E 22 70.55 74.73 14.61
C TYR E 22 70.88 76.19 14.85
N LYS E 23 70.45 77.06 13.93
CA LYS E 23 70.67 78.49 14.06
C LYS E 23 69.33 79.23 14.11
N VAL E 24 69.36 80.42 14.70
CA VAL E 24 68.21 81.33 14.75
C VAL E 24 68.69 82.74 14.48
N LEU E 25 67.95 83.47 13.64
CA LEU E 25 68.31 84.83 13.26
C LEU E 25 67.05 85.62 12.92
N SER E 26 66.99 86.86 13.39
CA SER E 26 65.78 87.67 13.30
C SER E 26 65.86 88.62 12.11
N VAL E 27 64.77 88.69 11.36
CA VAL E 27 64.66 89.58 10.20
C VAL E 27 63.22 90.09 10.09
N PRO E 28 62.97 91.20 9.41
CA PRO E 28 61.58 91.61 9.16
C PRO E 28 60.90 90.65 8.20
N GLU E 29 59.59 90.49 8.38
CA GLU E 29 58.85 89.48 7.63
C GLU E 29 58.83 89.76 6.13
N SER E 30 59.16 90.98 5.71
CA SER E 30 59.00 91.35 4.31
C SER E 30 60.11 90.80 3.43
N THR E 31 61.32 90.62 3.96
CA THR E 31 62.45 90.32 3.10
C THR E 31 62.23 89.01 2.36
N PRO E 32 62.71 88.91 1.11
CA PRO E 32 62.62 87.64 0.40
C PRO E 32 63.54 86.60 1.02
N PHE E 33 63.20 85.33 0.80
CA PHE E 33 63.95 84.25 1.44
C PHE E 33 65.40 84.22 0.99
N THR E 34 65.72 84.76 -0.19
CA THR E 34 67.06 84.63 -0.73
C THR E 34 68.11 85.16 0.24
N ALA E 35 67.80 86.25 0.94
CA ALA E 35 68.74 86.76 1.93
C ALA E 35 69.00 85.73 3.02
N VAL E 36 67.95 85.08 3.50
CA VAL E 36 68.11 84.03 4.48
C VAL E 36 68.94 82.89 3.91
N LEU E 37 68.66 82.51 2.67
CA LEU E 37 69.42 81.44 2.03
C LEU E 37 70.90 81.75 2.03
N LYS E 38 71.26 82.95 1.55
CA LYS E 38 72.67 83.32 1.47
C LYS E 38 73.30 83.37 2.86
N PHE E 39 72.61 83.99 3.81
CA PHE E 39 73.19 84.12 5.15
C PHE E 39 73.42 82.75 5.77
N ALA E 40 72.44 81.85 5.64
CA ALA E 40 72.58 80.52 6.22
C ALA E 40 73.70 79.73 5.54
N ALA E 41 73.79 79.83 4.21
CA ALA E 41 74.86 79.13 3.52
C ALA E 41 76.22 79.67 3.94
N GLU E 42 76.35 80.98 4.05
CA GLU E 42 77.63 81.58 4.42
C GLU E 42 78.03 81.17 5.83
N GLU E 43 77.09 81.21 6.78
CA GLU E 43 77.41 80.78 8.13
C GLU E 43 77.75 79.30 8.18
N PHE E 44 76.98 78.47 7.47
CA PHE E 44 77.25 77.04 7.38
C PHE E 44 78.43 76.72 6.48
N LYS E 45 78.89 77.67 5.67
CA LYS E 45 80.07 77.47 4.84
C LYS E 45 79.85 76.37 3.81
N VAL E 46 78.68 76.38 3.16
CA VAL E 46 78.35 75.38 2.15
C VAL E 46 77.80 76.08 0.92
N PRO E 47 77.96 75.50 -0.28
CA PRO E 47 77.45 76.17 -1.48
C PRO E 47 75.93 76.29 -1.44
N ALA E 48 75.43 77.41 -1.93
CA ALA E 48 74.01 77.70 -1.90
C ALA E 48 73.28 77.30 -3.19
N ALA E 49 74.01 76.76 -4.18
CA ALA E 49 73.36 76.36 -5.42
C ALA E 49 72.63 75.03 -5.27
N THR E 50 73.37 73.96 -4.95
CA THR E 50 72.75 72.66 -4.76
C THR E 50 71.64 72.70 -3.73
N SER E 51 71.66 73.70 -2.86
CA SER E 51 70.73 73.74 -1.74
C SER E 51 69.28 73.69 -2.22
N ALA E 52 68.47 72.96 -1.45
CA ALA E 52 67.03 73.04 -1.55
C ALA E 52 66.54 73.09 -0.10
N ILE E 53 66.31 74.29 0.41
CA ILE E 53 65.95 74.43 1.82
C ILE E 53 64.65 73.69 2.08
N ILE E 54 64.71 72.70 2.98
CA ILE E 54 63.56 71.89 3.33
C ILE E 54 63.24 72.10 4.80
N THR E 55 61.97 71.87 5.16
CA THR E 55 61.52 72.00 6.53
C THR E 55 61.81 70.71 7.27
N ASN E 56 61.20 70.57 8.47
CA ASN E 56 61.40 69.35 9.25
C ASN E 56 60.90 68.11 8.53
N ASP E 57 59.79 68.22 7.79
CA ASP E 57 59.10 67.06 7.24
C ASP E 57 59.62 66.63 5.87
N GLY E 58 60.30 67.51 5.13
CA GLY E 58 60.91 67.09 3.89
C GLY E 58 60.19 67.51 2.62
N ILE E 59 59.74 68.76 2.54
CA ILE E 59 59.03 69.27 1.37
C ILE E 59 59.68 70.56 0.92
N GLY E 60 59.92 70.67 -0.39
CA GLY E 60 60.54 71.87 -0.93
C GLY E 60 59.67 73.10 -0.74
N ILE E 61 60.34 74.23 -0.53
CA ILE E 61 59.68 75.53 -0.34
C ILE E 61 60.27 76.50 -1.33
N ASN E 62 59.42 77.34 -1.92
CA ASN E 62 59.88 78.32 -2.89
C ASN E 62 60.72 79.38 -2.21
N PRO E 63 61.95 79.65 -2.67
CA PRO E 63 62.75 80.69 -2.01
C PRO E 63 62.31 82.11 -2.34
N ALA E 64 61.90 82.34 -3.59
CA ALA E 64 61.53 83.69 -4.01
C ALA E 64 60.20 84.05 -3.35
N GLN E 65 60.30 84.51 -2.11
CA GLN E 65 59.12 84.79 -1.30
C GLN E 65 59.53 85.54 -0.04
N THR E 66 58.70 86.49 0.37
CA THR E 66 58.96 87.24 1.59
C THR E 66 58.97 86.30 2.80
N ALA E 67 59.48 86.82 3.91
CA ALA E 67 59.65 85.98 5.10
C ALA E 67 58.32 85.67 5.77
N GLY E 68 57.37 86.59 5.76
CA GLY E 68 56.09 86.34 6.41
C GLY E 68 55.38 85.11 5.87
N ASN E 69 55.39 84.95 4.53
CA ASN E 69 54.71 83.82 3.93
C ASN E 69 55.31 82.50 4.40
N VAL E 70 56.64 82.44 4.49
CA VAL E 70 57.29 81.22 4.98
C VAL E 70 56.99 81.03 6.47
N PHE E 71 57.04 82.11 7.24
CA PHE E 71 56.76 82.04 8.67
C PHE E 71 55.31 81.70 8.97
N LEU E 72 54.45 81.75 7.97
CA LEU E 72 53.06 81.34 8.13
C LEU E 72 52.76 79.96 7.55
N LYS E 73 53.33 79.60 6.40
CA LYS E 73 52.81 78.44 5.68
C LYS E 73 53.45 77.14 6.13
N HIS E 74 54.77 77.12 6.32
CA HIS E 74 55.47 75.87 6.61
C HIS E 74 56.17 75.87 7.97
N GLY E 75 55.88 76.85 8.82
CA GLY E 75 56.37 76.83 10.18
C GLY E 75 57.55 77.76 10.39
N SER E 76 58.06 77.73 11.62
CA SER E 76 59.38 78.28 11.89
C SER E 76 60.44 77.21 11.84
N GLU E 77 60.08 75.97 12.23
CA GLU E 77 61.02 74.85 12.23
C GLU E 77 61.45 74.56 10.80
N LEU E 78 62.72 74.80 10.51
CA LEU E 78 63.27 74.62 9.18
C LEU E 78 64.63 73.92 9.27
N ARG E 79 65.08 73.40 8.12
CA ARG E 79 66.37 72.72 8.05
C ARG E 79 67.01 73.05 6.71
N ILE E 80 68.28 72.68 6.58
CA ILE E 80 69.02 72.81 5.32
C ILE E 80 69.71 71.48 5.05
N ILE E 81 69.66 71.03 3.80
CA ILE E 81 70.25 69.75 3.40
C ILE E 81 71.53 70.00 2.62
#